data_3HRI
#
_entry.id   3HRI
#
_cell.length_a   148.610
_cell.length_b   98.380
_cell.length_c   251.969
_cell.angle_alpha   90.000
_cell.angle_beta   90.330
_cell.angle_gamma   90.000
#
_symmetry.space_group_name_H-M   'I 1 2 1'
#
_entity_poly.entity_id   1
_entity_poly.type   'polypeptide(L)'
_entity_poly.pdbx_seq_one_letter_code
;MAHHHHHHMGTLEAQTQGPGSMQMNMVETEPVQGCRDFPPETMRLRKYLFDVFHSTARKFGFEEYDSPVLESEELYIRKA
GEEITEQMFNFITKGGHRVALRPEMTPSLARQLLAKGRSLLLPAKWYSIPQCWRYEAITRGRRREHYQWNMDIIGVKSVS
SEVELVCAACTAMQSLGLSSKDVGVKINSRKILQTVVEQAGVSADKFAPVCVIVDKMEKLPREEVVAQLAAIGLESNVVD
AITSTLSLKTIDEIAQRIGEEHEAVRELRDFITQIEAYGFGDWVIFDASVVRGLAYYTGIVFEGFDRDGNFRALCGGGRY
DNLLTTYGSPTAVPCVGFGFGDCVIVELLNEKKLLPELHHVVDDLVIPFDETMRPHALSILRRLRDAGRSADIVFDKKKV
VQAFNYADRIGALRAVLVAPDEWARGEVRVKMLREGAGREEGANERGIVLPVDKIV
;
_entity_poly.pdbx_strand_id   A,B,C,D,E,F
#
# COMPACT_ATOMS: atom_id res chain seq x y z
N MET A 26 3.14 -42.93 34.43
CA MET A 26 3.97 -41.73 34.09
C MET A 26 4.83 -41.28 35.27
N VAL A 27 6.10 -40.95 34.99
CA VAL A 27 7.05 -40.50 36.02
C VAL A 27 6.65 -39.14 36.54
N GLU A 28 7.19 -38.75 37.70
CA GLU A 28 7.01 -37.36 38.17
C GLU A 28 7.66 -36.47 37.11
N THR A 29 6.80 -35.70 36.43
CA THR A 29 7.22 -34.77 35.39
C THR A 29 7.81 -33.51 36.00
N GLU A 30 7.48 -33.25 37.26
CA GLU A 30 8.05 -32.10 37.98
C GLU A 30 9.43 -32.40 38.52
N PRO A 31 10.26 -31.35 38.66
CA PRO A 31 11.61 -31.56 39.18
C PRO A 31 11.64 -31.73 40.70
N VAL A 32 12.69 -32.39 41.18
CA VAL A 32 12.91 -32.61 42.62
C VAL A 32 12.61 -31.35 43.41
N GLN A 33 11.91 -31.54 44.53
CA GLN A 33 11.47 -30.45 45.39
C GLN A 33 12.52 -29.33 45.51
N GLY A 34 12.07 -28.10 45.30
CA GLY A 34 12.93 -26.91 45.41
C GLY A 34 13.91 -26.67 44.28
N CYS A 35 13.75 -27.32 43.14
CA CYS A 35 14.69 -27.15 42.04
C CYS A 35 13.96 -26.80 40.78
N ARG A 36 14.58 -25.94 39.97
CA ARG A 36 13.91 -25.31 38.86
C ARG A 36 14.34 -25.93 37.54
N ASP A 37 13.38 -26.29 36.70
CA ASP A 37 13.68 -26.61 35.30
C ASP A 37 13.90 -25.33 34.56
N PHE A 38 14.65 -25.43 33.46
CA PHE A 38 14.89 -24.31 32.57
C PHE A 38 14.55 -24.69 31.15
N PRO A 39 13.24 -24.75 30.86
CA PRO A 39 12.86 -24.95 29.48
C PRO A 39 13.22 -23.68 28.73
N PRO A 40 13.25 -23.73 27.39
CA PRO A 40 13.71 -22.63 26.54
C PRO A 40 13.20 -21.24 26.91
N GLU A 41 11.90 -21.12 27.17
CA GLU A 41 11.31 -19.90 27.70
C GLU A 41 12.07 -19.38 28.93
N THR A 42 12.25 -20.24 29.92
CA THR A 42 12.85 -19.86 31.19
C THR A 42 14.36 -19.66 31.06
N MET A 43 15.02 -20.58 30.36
CA MET A 43 16.49 -20.54 30.14
C MET A 43 16.92 -19.28 29.42
N ARG A 44 15.99 -18.65 28.70
CA ARG A 44 16.31 -17.47 27.92
C ARG A 44 16.56 -16.31 28.87
N LEU A 45 15.68 -16.18 29.87
CA LEU A 45 15.83 -15.20 30.95
C LEU A 45 17.12 -15.40 31.74
N ARG A 46 17.43 -16.64 32.08
CA ARG A 46 18.66 -16.93 32.80
C ARG A 46 19.92 -16.51 32.01
N LYS A 47 19.89 -16.74 30.70
CA LYS A 47 21.03 -16.42 29.84
C LYS A 47 21.09 -14.91 29.69
N TYR A 48 19.91 -14.27 29.77
CA TYR A 48 19.85 -12.81 29.74
C TYR A 48 20.52 -12.23 30.97
N LEU A 49 20.18 -12.74 32.15
CA LEU A 49 20.76 -12.28 33.42
C LEU A 49 22.26 -12.59 33.50
N PHE A 50 22.62 -13.82 33.17
CA PHE A 50 24.00 -14.25 33.24
C PHE A 50 24.88 -13.53 32.25
N ASP A 51 24.33 -13.15 31.09
CA ASP A 51 25.05 -12.36 30.13
C ASP A 51 25.53 -11.10 30.78
N VAL A 52 24.65 -10.45 31.52
CA VAL A 52 25.01 -9.25 32.24
C VAL A 52 26.19 -9.50 33.21
N PHE A 53 26.18 -10.61 33.94
CA PHE A 53 27.26 -10.90 34.88
C PHE A 53 28.58 -11.09 34.13
N HIS A 54 28.51 -11.89 33.06
CA HIS A 54 29.65 -12.11 32.16
C HIS A 54 30.18 -10.81 31.59
N SER A 55 29.27 -9.99 31.09
CA SER A 55 29.62 -8.74 30.41
C SER A 55 30.23 -7.74 31.37
N THR A 56 29.68 -7.68 32.57
CA THR A 56 30.18 -6.76 33.58
C THR A 56 31.57 -7.22 33.98
N ALA A 57 31.73 -8.51 34.22
CA ALA A 57 33.03 -9.09 34.58
C ALA A 57 34.09 -8.88 33.51
N ARG A 58 33.70 -8.95 32.24
CA ARG A 58 34.64 -8.82 31.12
C ARG A 58 35.08 -7.38 30.97
N LYS A 59 34.12 -6.47 31.11
CA LYS A 59 34.44 -5.05 31.06
C LYS A 59 35.33 -4.68 32.25
N PHE A 60 35.09 -5.30 33.39
CA PHE A 60 35.87 -4.98 34.59
C PHE A 60 37.20 -5.74 34.65
N GLY A 61 37.52 -6.49 33.60
CA GLY A 61 38.75 -7.27 33.55
C GLY A 61 38.84 -8.47 34.49
N PHE A 62 37.71 -9.10 34.80
CA PHE A 62 37.70 -10.31 35.63
C PHE A 62 37.77 -11.58 34.76
N GLU A 63 38.51 -12.59 35.21
CA GLU A 63 38.62 -13.89 34.50
C GLU A 63 37.62 -14.85 35.11
N GLU A 64 37.00 -15.68 34.27
CA GLU A 64 36.08 -16.70 34.78
C GLU A 64 36.84 -17.91 35.28
N TYR A 65 36.32 -18.50 36.36
CA TYR A 65 36.76 -19.81 36.84
C TYR A 65 35.56 -20.70 37.14
N ASP A 66 35.83 -21.96 37.47
CA ASP A 66 34.83 -22.88 37.96
C ASP A 66 35.51 -24.03 38.71
N SER A 67 34.73 -24.76 39.49
CA SER A 67 35.22 -25.95 40.17
C SER A 67 34.08 -26.97 40.27
N PRO A 68 34.35 -28.16 40.79
CA PRO A 68 33.26 -29.13 40.89
C PRO A 68 32.21 -28.74 41.93
N VAL A 69 30.93 -29.05 41.66
CA VAL A 69 29.87 -28.84 42.65
C VAL A 69 30.05 -29.82 43.76
N LEU A 70 30.78 -30.90 43.47
CA LEU A 70 31.09 -31.93 44.46
C LEU A 70 32.42 -31.58 45.10
N GLU A 71 32.36 -31.19 46.36
CA GLU A 71 33.55 -30.84 47.12
C GLU A 71 33.64 -31.64 48.42
N SER A 72 34.85 -31.69 48.96
CA SER A 72 35.13 -32.44 50.18
C SER A 72 34.43 -31.83 51.39
N GLU A 73 33.77 -32.67 52.18
CA GLU A 73 33.08 -32.26 53.40
C GLU A 73 33.98 -31.45 54.33
N GLU A 74 35.25 -31.83 54.39
CA GLU A 74 36.25 -31.11 55.17
C GLU A 74 36.34 -29.64 54.81
N LEU A 75 35.97 -29.31 53.58
CA LEU A 75 36.16 -27.97 53.07
C LEU A 75 35.25 -26.98 53.77
N TYR A 76 34.01 -27.37 54.03
CA TYR A 76 33.02 -26.43 54.60
C TYR A 76 33.01 -26.49 56.11
N ILE A 77 33.11 -27.69 56.65
CA ILE A 77 33.14 -27.90 58.09
C ILE A 77 34.31 -27.16 58.73
N ARG A 78 35.37 -26.92 57.97
CA ARG A 78 36.48 -26.08 58.43
C ARG A 78 36.08 -24.61 58.48
N LYS A 79 35.21 -24.17 57.57
CA LYS A 79 34.74 -22.79 57.59
C LYS A 79 33.79 -22.50 58.76
N ALA A 80 32.77 -23.35 58.94
CA ALA A 80 31.65 -23.04 59.85
C ALA A 80 31.38 -24.04 60.98
N GLY A 81 32.11 -25.16 61.02
CA GLY A 81 31.92 -26.17 62.06
C GLY A 81 31.06 -27.35 61.62
N GLU A 82 30.88 -28.31 62.52
CA GLU A 82 30.11 -29.53 62.22
C GLU A 82 28.62 -29.28 61.99
N GLU A 83 28.12 -28.19 62.56
CA GLU A 83 26.73 -27.77 62.36
C GLU A 83 26.27 -27.85 60.90
N ILE A 84 27.12 -27.44 59.95
CA ILE A 84 26.70 -27.31 58.54
C ILE A 84 26.63 -28.62 57.77
N THR A 85 27.08 -29.72 58.36
CA THR A 85 26.86 -31.05 57.77
C THR A 85 25.37 -31.37 57.60
N GLU A 86 24.53 -30.81 58.46
CA GLU A 86 23.09 -31.08 58.47
C GLU A 86 22.31 -30.16 57.52
N GLN A 87 22.92 -29.06 57.09
CA GLN A 87 22.28 -28.11 56.18
C GLN A 87 22.76 -28.24 54.73
N MET A 88 23.31 -29.40 54.36
CA MET A 88 23.76 -29.64 52.99
C MET A 88 23.67 -31.12 52.55
N PHE A 89 23.78 -31.34 51.25
CA PHE A 89 23.54 -32.66 50.67
C PHE A 89 24.82 -33.46 50.70
N ASN A 90 24.95 -34.29 51.72
CA ASN A 90 26.13 -35.10 51.94
C ASN A 90 26.06 -36.45 51.24
N PHE A 91 27.22 -37.04 50.97
CA PHE A 91 27.31 -38.48 50.73
C PHE A 91 28.76 -38.98 50.67
N ILE A 92 28.91 -40.31 50.68
CA ILE A 92 30.20 -40.97 50.83
C ILE A 92 30.64 -41.59 49.49
N THR A 93 31.91 -41.98 49.41
CA THR A 93 32.43 -42.74 48.28
C THR A 93 33.34 -43.87 48.79
N HIS A 97 35.12 -41.92 52.43
CA HIS A 97 35.50 -40.59 51.94
C HIS A 97 34.26 -39.72 51.62
N ARG A 98 34.04 -38.67 52.42
CA ARG A 98 32.78 -37.92 52.41
C ARG A 98 32.89 -36.70 51.52
N VAL A 99 31.81 -36.42 50.80
CA VAL A 99 31.71 -35.21 49.95
C VAL A 99 30.31 -34.62 50.04
N ALA A 100 30.15 -33.37 49.58
CA ALA A 100 28.84 -32.71 49.62
C ALA A 100 28.68 -31.75 48.44
N LEU A 101 27.44 -31.51 48.01
CA LEU A 101 27.19 -30.42 47.05
C LEU A 101 27.38 -29.06 47.75
N ARG A 102 28.14 -28.19 47.13
CA ARG A 102 28.51 -26.93 47.75
C ARG A 102 27.30 -26.05 48.01
N PRO A 103 27.23 -25.43 49.20
CA PRO A 103 26.23 -24.40 49.47
C PRO A 103 26.77 -23.01 49.20
N GLU A 104 28.06 -22.91 48.90
CA GLU A 104 28.67 -21.64 48.55
C GLU A 104 29.94 -21.90 47.80
N MET A 105 30.35 -20.88 47.04
CA MET A 105 31.46 -21.02 46.14
C MET A 105 32.75 -20.64 46.82
N THR A 106 32.72 -19.66 47.71
CA THR A 106 33.95 -19.08 48.28
C THR A 106 34.94 -20.13 48.76
N PRO A 107 34.45 -21.12 49.52
CA PRO A 107 35.44 -22.09 49.97
C PRO A 107 36.23 -22.79 48.83
N SER A 108 35.63 -23.00 47.67
CA SER A 108 36.34 -23.62 46.55
C SER A 108 37.37 -22.68 45.90
N LEU A 109 37.04 -21.39 45.89
CA LEU A 109 37.96 -20.33 45.43
C LEU A 109 39.29 -20.41 46.14
N ALA A 110 39.24 -20.41 47.48
CA ALA A 110 40.42 -20.43 48.34
C ALA A 110 41.21 -21.70 48.12
N ARG A 111 40.52 -22.82 48.14
CA ARG A 111 41.14 -24.10 47.78
C ARG A 111 41.87 -24.02 46.43
N GLN A 112 41.29 -23.32 45.46
CA GLN A 112 41.96 -23.19 44.16
C GLN A 112 43.14 -22.22 44.24
N LEU A 113 42.94 -21.10 44.93
CA LEU A 113 43.99 -20.09 45.14
C LEU A 113 45.16 -20.70 45.89
N LEU A 114 44.86 -21.53 46.89
CA LEU A 114 45.90 -22.20 47.67
C LEU A 114 46.69 -23.21 46.85
N ALA A 115 45.99 -24.01 46.05
CA ALA A 115 46.61 -24.93 45.14
C ALA A 115 47.63 -24.21 44.26
N LYS A 116 47.31 -23.01 43.79
CA LYS A 116 48.24 -22.25 42.94
C LYS A 116 49.48 -21.72 43.69
N GLY A 117 49.33 -21.51 45.00
CA GLY A 117 50.46 -21.12 45.84
C GLY A 117 51.05 -19.78 45.42
N ARG A 118 52.38 -19.69 45.47
CA ARG A 118 53.12 -18.48 45.10
C ARG A 118 53.31 -18.29 43.59
N SER A 119 52.85 -19.24 42.77
CA SER A 119 52.83 -19.10 41.31
C SER A 119 51.62 -18.32 40.81
N LEU A 120 50.62 -18.10 41.67
CA LEU A 120 49.45 -17.29 41.34
C LEU A 120 49.91 -15.86 41.23
N LEU A 121 49.63 -15.26 40.09
CA LEU A 121 50.08 -13.90 39.83
C LEU A 121 49.06 -12.94 40.42
N LEU A 122 49.53 -12.10 41.35
CA LEU A 122 48.68 -11.10 41.99
C LEU A 122 48.93 -9.74 41.35
N PRO A 123 47.91 -8.87 41.32
CA PRO A 123 46.55 -9.18 41.72
C PRO A 123 45.85 -10.10 40.68
N ALA A 124 44.94 -10.93 41.19
CA ALA A 124 44.17 -11.86 40.37
C ALA A 124 42.72 -11.55 40.63
N LYS A 125 41.95 -11.36 39.56
CA LYS A 125 40.54 -11.02 39.67
C LYS A 125 39.67 -12.16 39.08
N TRP A 126 39.08 -12.99 39.96
CA TRP A 126 38.35 -14.20 39.54
C TRP A 126 36.85 -14.09 39.74
N TYR A 127 36.08 -14.58 38.78
CA TYR A 127 34.62 -14.65 38.92
C TYR A 127 34.07 -16.02 38.47
N SER A 128 32.92 -16.38 39.00
CA SER A 128 32.19 -17.58 38.56
C SER A 128 30.70 -17.36 38.73
N ILE A 129 29.88 -18.18 38.06
CA ILE A 129 28.42 -18.11 38.20
C ILE A 129 27.89 -19.49 38.59
N PRO A 130 28.43 -20.08 39.66
CA PRO A 130 28.17 -21.47 40.06
C PRO A 130 26.79 -21.70 40.63
N GLN A 131 26.28 -22.91 40.44
CA GLN A 131 25.08 -23.33 41.14
C GLN A 131 25.54 -23.74 42.51
N CYS A 132 24.64 -23.61 43.47
CA CYS A 132 24.91 -24.01 44.83
C CYS A 132 23.68 -24.69 45.39
N TRP A 133 23.91 -25.46 46.46
CA TRP A 133 22.92 -26.39 46.98
C TRP A 133 22.85 -26.35 48.49
N ARG A 134 21.66 -26.03 48.99
CA ARG A 134 21.42 -25.94 50.41
C ARG A 134 20.18 -26.75 50.78
N TYR A 135 20.34 -27.72 51.67
CA TYR A 135 19.24 -28.56 52.13
C TYR A 135 18.44 -27.85 53.22
N GLU A 136 17.30 -27.27 52.83
CA GLU A 136 16.42 -26.48 53.73
C GLU A 136 14.95 -26.85 53.47
N ALA A 137 14.02 -26.04 54.02
CA ALA A 137 12.59 -26.14 53.66
C ALA A 137 12.27 -25.23 52.46
N ILE A 138 11.15 -25.50 51.77
CA ILE A 138 10.84 -24.86 50.47
C ILE A 138 9.72 -23.81 50.54
N THR A 139 8.59 -24.17 51.16
CA THR A 139 7.46 -23.23 51.31
C THR A 139 7.67 -22.25 52.48
N ARG A 140 8.87 -22.29 53.09
CA ARG A 140 9.29 -21.31 54.08
C ARG A 140 10.54 -20.56 53.57
N GLY A 141 10.32 -19.66 52.62
CA GLY A 141 11.36 -18.77 52.12
C GLY A 141 12.18 -19.37 50.98
N ARG A 142 13.32 -19.97 51.33
CA ARG A 142 14.33 -20.39 50.33
C ARG A 142 13.91 -21.64 49.54
N ARG A 143 14.74 -22.02 48.56
CA ARG A 143 14.36 -22.99 47.54
C ARG A 143 15.44 -24.01 47.16
N ARG A 144 16.33 -24.39 48.09
CA ARG A 144 17.29 -25.49 47.86
C ARG A 144 18.35 -25.38 46.74
N GLU A 145 18.12 -24.55 45.74
CA GLU A 145 19.01 -24.45 44.59
C GLU A 145 18.99 -23.01 44.10
N HIS A 146 20.16 -22.44 43.86
CA HIS A 146 20.25 -21.12 43.29
C HIS A 146 21.56 -20.95 42.53
N TYR A 147 21.56 -20.15 41.48
CA TYR A 147 22.79 -19.70 40.84
C TYR A 147 23.25 -18.37 41.47
N GLN A 148 24.52 -18.05 41.30
CA GLN A 148 25.09 -16.94 42.02
C GLN A 148 26.32 -16.39 41.32
N TRP A 149 26.31 -15.11 41.00
CA TRP A 149 27.51 -14.43 40.52
C TRP A 149 28.48 -14.14 41.66
N ASN A 150 29.52 -14.95 41.79
CA ASN A 150 30.64 -14.60 42.66
C ASN A 150 31.60 -13.70 41.91
N MET A 151 32.47 -13.05 42.64
CA MET A 151 33.33 -11.98 42.12
C MET A 151 34.34 -11.62 43.19
N ASP A 152 35.63 -11.85 42.93
CA ASP A 152 36.66 -11.77 43.94
C ASP A 152 37.96 -11.23 43.38
N ILE A 153 38.49 -10.21 44.05
CA ILE A 153 39.80 -9.65 43.69
C ILE A 153 40.74 -10.10 44.77
N ILE A 154 41.89 -10.63 44.40
CA ILE A 154 42.82 -11.11 45.42
C ILE A 154 44.23 -10.54 45.21
N GLY A 155 44.90 -10.22 46.31
CA GLY A 155 46.24 -9.62 46.32
C GLY A 155 46.30 -8.12 46.55
N VAL A 156 45.17 -7.47 46.81
CA VAL A 156 45.09 -5.99 46.87
C VAL A 156 44.80 -5.48 48.28
N LYS A 157 45.81 -4.87 48.90
CA LYS A 157 45.68 -4.30 50.26
C LYS A 157 44.69 -3.14 50.42
N SER A 158 44.67 -2.23 49.45
CA SER A 158 44.02 -0.94 49.63
C SER A 158 42.54 -1.02 49.36
N VAL A 159 41.87 0.11 49.46
CA VAL A 159 40.43 0.09 49.50
C VAL A 159 39.84 0.28 48.10
N SER A 160 40.70 0.33 47.09
CA SER A 160 40.29 0.42 45.69
C SER A 160 39.59 -0.84 45.15
N SER A 161 39.84 -1.99 45.77
CA SER A 161 39.16 -3.23 45.38
C SER A 161 37.76 -3.27 45.93
N GLU A 162 37.54 -2.71 47.12
CA GLU A 162 36.17 -2.51 47.60
C GLU A 162 35.40 -1.61 46.65
N VAL A 163 36.03 -0.49 46.28
CA VAL A 163 35.44 0.46 45.37
C VAL A 163 35.06 -0.20 44.07
N GLU A 164 35.91 -1.08 43.56
CA GLU A 164 35.61 -1.63 42.25
C GLU A 164 34.50 -2.68 42.29
N LEU A 165 34.57 -3.54 43.31
CA LEU A 165 33.60 -4.59 43.47
C LEU A 165 32.21 -4.01 43.64
N VAL A 166 32.10 -2.88 44.33
CA VAL A 166 30.80 -2.25 44.44
C VAL A 166 30.43 -1.67 43.07
N CYS A 167 31.37 -0.95 42.44
CA CYS A 167 31.11 -0.43 41.08
C CYS A 167 30.53 -1.55 40.15
N ALA A 168 31.05 -2.77 40.29
CA ALA A 168 30.59 -3.93 39.51
C ALA A 168 29.13 -4.23 39.81
N ALA A 169 28.79 -4.30 41.09
CA ALA A 169 27.44 -4.63 41.51
C ALA A 169 26.41 -3.65 40.92
N CYS A 170 26.74 -2.37 40.97
CA CYS A 170 25.89 -1.32 40.42
C CYS A 170 25.89 -1.37 38.91
N THR A 171 27.06 -1.63 38.32
CA THR A 171 27.14 -1.73 36.86
C THR A 171 26.22 -2.86 36.36
N ALA A 172 26.19 -3.98 37.04
CA ALA A 172 25.26 -5.03 36.70
C ALA A 172 23.83 -4.56 36.94
N MET A 173 23.59 -3.94 38.08
CA MET A 173 22.23 -3.51 38.41
C MET A 173 21.74 -2.49 37.39
N GLN A 174 22.69 -1.73 36.84
CA GLN A 174 22.36 -0.63 35.94
C GLN A 174 22.10 -1.15 34.54
N SER A 175 22.83 -2.19 34.18
CA SER A 175 22.61 -2.83 32.90
C SER A 175 21.26 -3.53 32.88
N LEU A 176 20.82 -4.01 34.05
CA LEU A 176 19.51 -4.68 34.15
C LEU A 176 18.34 -3.70 34.07
N GLY A 177 18.64 -2.41 34.16
CA GLY A 177 17.62 -1.37 34.08
C GLY A 177 17.40 -0.58 35.36
N LEU A 178 18.19 -0.83 36.41
CA LEU A 178 17.94 -0.20 37.71
C LEU A 178 18.63 1.14 37.80
N SER A 179 18.03 2.07 38.54
CA SER A 179 18.61 3.38 38.78
C SER A 179 18.91 3.55 40.26
N SER A 180 19.60 4.63 40.60
CA SER A 180 19.95 4.86 41.98
C SER A 180 18.67 5.04 42.79
N LYS A 181 17.58 5.45 42.13
CA LYS A 181 16.28 5.55 42.78
C LYS A 181 15.72 4.17 43.16
N ASP A 182 15.93 3.17 42.32
CA ASP A 182 15.43 1.83 42.60
C ASP A 182 16.19 1.13 43.71
N VAL A 183 17.51 1.03 43.53
CA VAL A 183 18.36 0.26 44.40
C VAL A 183 19.46 1.16 44.99
N GLY A 184 20.43 0.53 45.62
CA GLY A 184 21.63 1.21 46.10
C GLY A 184 22.35 0.20 46.94
N VAL A 185 23.54 0.55 47.45
CA VAL A 185 24.33 -0.39 48.25
C VAL A 185 24.81 0.26 49.58
N LYS A 186 24.56 -0.42 50.69
CA LYS A 186 24.93 0.05 52.03
C LYS A 186 26.37 -0.31 52.34
N ILE A 187 27.13 0.62 52.95
CA ILE A 187 28.52 0.32 53.36
C ILE A 187 28.60 0.33 54.85
N ASN A 188 29.44 -0.54 55.40
CA ASN A 188 29.74 -0.56 56.83
C ASN A 188 31.21 -0.98 56.95
N SER A 189 31.76 -0.96 58.15
CA SER A 189 33.09 -1.47 58.40
C SER A 189 33.05 -2.19 59.73
N ARG A 190 33.63 -3.39 59.79
CA ARG A 190 33.72 -4.10 61.06
C ARG A 190 34.84 -3.53 61.94
N LYS A 191 35.73 -2.73 61.36
CA LYS A 191 36.72 -2.00 62.14
C LYS A 191 36.14 -0.86 62.96
N ILE A 192 34.98 -0.34 62.56
CA ILE A 192 34.23 0.61 63.38
C ILE A 192 33.87 -0.03 64.71
N LEU A 193 33.19 -1.17 64.61
CA LEU A 193 32.69 -1.94 65.76
C LEU A 193 33.86 -2.46 66.61
N GLN A 194 34.85 -3.09 65.98
CA GLN A 194 35.91 -3.77 66.75
C GLN A 194 36.68 -2.77 67.58
N THR A 195 36.93 -1.59 67.00
CA THR A 195 37.70 -0.56 67.65
C THR A 195 36.89 0.11 68.78
N VAL A 196 35.59 0.30 68.57
CA VAL A 196 34.69 0.68 69.68
C VAL A 196 34.91 -0.22 70.92
N VAL A 197 35.14 -1.53 70.70
CA VAL A 197 35.50 -2.48 71.76
C VAL A 197 36.95 -2.27 72.26
N GLU A 198 37.12 -1.77 73.47
CA GLU A 198 38.43 -1.38 73.98
C GLU A 198 38.38 -0.86 75.43
N ASP A 205 36.01 -11.18 72.42
CA ASP A 205 36.66 -11.65 71.21
C ASP A 205 35.66 -12.18 70.16
N LYS A 206 34.92 -13.24 70.50
CA LYS A 206 33.89 -13.81 69.62
C LYS A 206 32.54 -13.17 69.93
N PHE A 207 32.34 -11.96 69.41
CA PHE A 207 31.15 -11.15 69.70
C PHE A 207 30.30 -10.87 68.47
N ALA A 208 30.98 -10.67 67.33
CA ALA A 208 30.34 -10.34 66.06
C ALA A 208 29.25 -11.33 65.64
N PRO A 209 29.33 -12.60 66.09
CA PRO A 209 28.18 -13.50 65.88
C PRO A 209 26.84 -12.99 66.44
N VAL A 210 26.87 -12.41 67.63
CA VAL A 210 25.63 -12.00 68.29
C VAL A 210 24.82 -10.95 67.51
N CYS A 211 25.50 -10.01 66.87
CA CYS A 211 24.85 -8.93 66.09
C CYS A 211 23.96 -9.41 64.94
N VAL A 212 24.43 -10.45 64.25
CA VAL A 212 23.81 -10.93 63.02
C VAL A 212 22.37 -11.43 63.22
N ILE A 213 22.01 -11.81 64.45
CA ILE A 213 20.72 -12.46 64.74
C ILE A 213 19.49 -11.52 64.80
N VAL A 214 19.65 -10.32 65.38
CA VAL A 214 18.54 -9.35 65.47
C VAL A 214 18.73 -8.22 64.44
N PRO A 221 13.94 -9.77 71.05
CA PRO A 221 13.91 -8.31 70.86
C PRO A 221 15.29 -7.67 71.03
N ARG A 222 15.33 -6.35 71.24
CA ARG A 222 16.58 -5.60 71.45
C ARG A 222 17.15 -5.78 72.85
N GLU A 223 16.30 -6.22 73.78
CA GLU A 223 16.72 -6.59 75.13
C GLU A 223 17.08 -8.07 75.26
N GLU A 224 17.21 -8.78 74.13
CA GLU A 224 17.72 -10.15 74.09
C GLU A 224 19.20 -10.18 73.73
N VAL A 225 19.66 -9.14 73.03
CA VAL A 225 21.06 -9.03 72.63
C VAL A 225 21.96 -8.76 73.83
N VAL A 226 21.51 -7.91 74.76
CA VAL A 226 22.26 -7.63 75.99
C VAL A 226 22.46 -8.87 76.85
N ALA A 227 21.48 -9.77 76.85
CA ALA A 227 21.62 -11.03 77.58
C ALA A 227 22.64 -11.94 76.89
N GLN A 228 22.80 -11.78 75.57
CA GLN A 228 23.79 -12.53 74.79
C GLN A 228 25.21 -11.93 74.83
N LEU A 229 25.29 -10.61 75.00
CA LEU A 229 26.59 -9.90 75.08
C LEU A 229 27.15 -9.87 76.51
N ALA A 230 26.33 -9.51 77.48
CA ALA A 230 26.79 -9.45 78.88
C ALA A 230 27.43 -10.77 79.32
N ALA A 231 26.93 -11.89 78.78
CA ALA A 231 27.48 -13.22 79.04
C ALA A 231 28.94 -13.35 78.61
N ILE A 232 29.36 -12.56 77.62
CA ILE A 232 30.76 -12.50 77.23
C ILE A 232 31.58 -11.89 78.35
N GLY A 233 31.13 -10.73 78.83
CA GLY A 233 31.79 -10.01 79.93
C GLY A 233 31.79 -8.50 79.74
N LEU A 234 30.67 -7.96 79.29
CA LEU A 234 30.57 -6.57 78.90
C LEU A 234 29.64 -5.88 79.86
N GLU A 235 30.17 -4.95 80.65
CA GLU A 235 29.32 -4.15 81.54
C GLU A 235 28.35 -3.34 80.68
N SER A 236 27.17 -3.01 81.22
CA SER A 236 26.10 -2.39 80.45
C SER A 236 26.58 -1.23 79.58
N ASN A 237 27.47 -0.40 80.12
CA ASN A 237 28.07 0.72 79.38
C ASN A 237 28.51 0.34 77.95
N VAL A 238 29.49 -0.57 77.84
CA VAL A 238 30.03 -1.01 76.54
C VAL A 238 29.02 -1.72 75.63
N VAL A 239 27.94 -2.26 76.18
CA VAL A 239 26.88 -2.84 75.35
C VAL A 239 26.26 -1.69 74.58
N ASP A 240 25.93 -0.62 75.30
CA ASP A 240 25.38 0.59 74.67
C ASP A 240 26.27 1.13 73.56
N ALA A 241 27.58 1.14 73.78
CA ALA A 241 28.51 1.58 72.75
C ALA A 241 28.11 0.90 71.45
N ILE A 242 28.15 -0.44 71.47
CA ILE A 242 27.78 -1.26 70.32
C ILE A 242 26.33 -1.02 69.87
N THR A 243 25.38 -1.42 70.72
CA THR A 243 23.94 -1.29 70.45
C THR A 243 23.54 -0.03 69.65
N SER A 244 24.04 1.12 70.07
CA SER A 244 23.57 2.41 69.57
C SER A 244 24.41 2.97 68.41
N THR A 245 25.56 2.35 68.13
CA THR A 245 26.34 2.71 66.96
C THR A 245 25.79 2.04 65.72
N LEU A 246 25.20 0.85 65.90
CA LEU A 246 24.62 0.07 64.81
C LEU A 246 23.52 0.80 64.05
N SER A 247 22.70 1.55 64.78
CA SER A 247 21.65 2.33 64.13
C SER A 247 22.10 3.76 63.79
N LEU A 248 23.40 4.06 63.96
CA LEU A 248 24.00 5.28 63.38
C LEU A 248 23.99 5.20 61.85
N LYS A 249 23.78 6.33 61.19
CA LYS A 249 23.60 6.33 59.74
C LYS A 249 24.59 7.20 58.96
N THR A 250 25.49 7.94 59.62
CA THR A 250 26.46 8.78 58.88
C THR A 250 27.89 8.56 59.35
N ILE A 251 28.82 8.79 58.42
CA ILE A 251 30.27 8.62 58.64
C ILE A 251 30.75 9.64 59.66
N ASP A 252 30.29 10.87 59.52
CA ASP A 252 30.60 11.92 60.48
C ASP A 252 30.29 11.43 61.90
N GLU A 253 29.12 10.80 62.04
CA GLU A 253 28.68 10.21 63.32
C GLU A 253 29.64 9.13 63.82
N ILE A 254 30.19 8.35 62.88
CA ILE A 254 31.23 7.36 63.19
C ILE A 254 32.54 8.07 63.57
N ALA A 255 32.83 9.19 62.91
CA ALA A 255 34.05 9.97 63.15
C ALA A 255 34.01 10.65 64.49
N GLN A 256 32.86 11.21 64.81
CA GLN A 256 32.66 11.89 66.08
C GLN A 256 32.46 10.83 67.17
N ARG A 257 33.32 9.81 67.15
CA ARG A 257 33.08 8.59 67.92
C ARG A 257 34.33 7.74 68.05
N ILE A 258 34.94 7.44 66.91
CA ILE A 258 36.23 6.76 66.86
C ILE A 258 37.36 7.72 66.43
N GLY A 259 37.00 8.81 65.73
CA GLY A 259 37.95 9.82 65.25
C GLY A 259 37.85 10.03 63.75
N GLU A 260 38.35 11.16 63.24
CA GLU A 260 38.49 11.34 61.78
C GLU A 260 39.70 10.60 61.23
N GLU A 261 40.72 10.46 62.07
CA GLU A 261 41.98 9.89 61.63
C GLU A 261 42.01 8.39 61.85
N HIS A 262 40.93 7.78 62.33
CA HIS A 262 40.97 6.35 62.53
C HIS A 262 40.94 5.65 61.18
N GLU A 263 41.76 4.60 61.05
CA GLU A 263 41.77 3.73 59.86
C GLU A 263 40.35 3.56 59.30
N ALA A 264 39.48 3.08 60.18
CA ALA A 264 38.14 2.69 59.83
C ALA A 264 37.46 3.80 59.06
N VAL A 265 37.51 5.00 59.61
CA VAL A 265 36.85 6.16 59.00
C VAL A 265 37.70 6.81 57.91
N ARG A 266 39.02 6.66 57.98
CA ARG A 266 39.92 7.08 56.90
C ARG A 266 39.65 6.31 55.61
N GLU A 267 39.35 5.02 55.73
CA GLU A 267 39.00 4.14 54.58
C GLU A 267 37.66 4.53 53.97
N LEU A 268 36.60 4.44 54.77
CA LEU A 268 35.29 4.78 54.28
C LEU A 268 35.31 6.12 53.55
N ARG A 269 36.06 7.09 54.07
CA ARG A 269 36.13 8.39 53.41
C ARG A 269 36.87 8.32 52.07
N ASP A 270 37.86 7.43 51.99
CA ASP A 270 38.53 7.15 50.74
C ASP A 270 37.59 6.39 49.79
N PHE A 271 36.83 5.45 50.34
CA PHE A 271 35.95 4.58 49.54
C PHE A 271 34.89 5.42 48.84
N ILE A 272 34.19 6.22 49.63
CA ILE A 272 33.19 7.13 49.07
C ILE A 272 33.82 8.07 48.03
N THR A 273 34.99 8.64 48.33
CA THR A 273 35.59 9.59 47.37
C THR A 273 35.92 8.93 46.04
N GLN A 274 36.21 7.64 46.06
CA GLN A 274 36.54 6.92 44.83
C GLN A 274 35.27 6.52 44.09
N ILE A 275 34.32 5.93 44.80
CA ILE A 275 33.00 5.59 44.25
C ILE A 275 32.27 6.80 43.65
N GLU A 276 32.44 7.98 44.25
CA GLU A 276 31.91 9.22 43.69
C GLU A 276 32.67 9.55 42.43
N ALA A 277 33.98 9.32 42.44
CA ALA A 277 34.83 9.59 41.28
C ALA A 277 34.53 8.63 40.12
N TYR A 278 34.23 7.38 40.44
CA TYR A 278 33.90 6.43 39.39
C TYR A 278 32.51 6.75 38.85
N GLY A 279 31.72 7.48 39.61
CA GLY A 279 30.41 7.96 39.14
C GLY A 279 29.22 7.20 39.68
N PHE A 280 29.37 6.45 40.77
CA PHE A 280 28.24 5.77 41.44
C PHE A 280 27.88 6.37 42.81
N GLY A 281 28.35 7.60 43.07
CA GLY A 281 28.13 8.26 44.35
C GLY A 281 26.70 8.30 44.84
N ASP A 282 25.73 8.39 43.92
CA ASP A 282 24.31 8.38 44.28
C ASP A 282 23.78 6.98 44.59
N TRP A 283 24.62 5.95 44.46
CA TRP A 283 24.19 4.58 44.70
C TRP A 283 24.55 4.13 46.11
N VAL A 284 25.71 4.55 46.60
CA VAL A 284 26.18 4.10 47.93
C VAL A 284 25.53 4.88 49.04
N ILE A 285 25.29 4.19 50.14
CA ILE A 285 24.87 4.80 51.39
C ILE A 285 25.68 4.14 52.53
N PHE A 286 25.92 4.87 53.63
CA PHE A 286 26.52 4.29 54.82
C PHE A 286 25.47 3.82 55.84
N ASP A 287 25.66 2.62 56.43
CA ASP A 287 24.71 2.04 57.40
C ASP A 287 25.33 1.07 58.41
N ALA A 288 25.48 1.47 59.66
CA ALA A 288 26.23 0.64 60.64
C ALA A 288 25.50 -0.64 61.07
N SER A 289 24.26 -0.83 60.62
CA SER A 289 23.50 -2.06 60.90
C SER A 289 23.59 -3.11 59.77
N VAL A 290 24.58 -2.99 58.88
CA VAL A 290 24.92 -4.11 58.00
C VAL A 290 25.84 -5.00 58.83
N VAL A 291 25.33 -6.14 59.26
CA VAL A 291 26.14 -7.07 60.05
C VAL A 291 26.05 -8.51 59.52
N ARG A 292 25.74 -8.67 58.24
CA ARG A 292 25.57 -9.99 57.67
C ARG A 292 26.91 -10.71 57.62
N GLY A 293 27.12 -11.60 58.59
CA GLY A 293 28.33 -12.42 58.64
C GLY A 293 29.57 -11.61 58.95
N LEU A 294 29.46 -10.73 59.92
CA LEU A 294 30.55 -9.80 60.22
C LEU A 294 31.68 -10.48 60.99
N ALA A 295 31.43 -11.68 61.53
CA ALA A 295 32.50 -12.48 62.09
C ALA A 295 33.46 -12.86 60.97
N TYR A 296 32.88 -13.29 59.86
CA TYR A 296 33.60 -13.90 58.74
C TYR A 296 34.34 -12.86 57.87
N TYR A 297 34.06 -11.56 58.05
CA TYR A 297 34.76 -10.49 57.33
C TYR A 297 35.84 -9.79 58.16
N THR A 298 36.59 -8.90 57.53
CA THR A 298 37.75 -8.22 58.13
C THR A 298 37.69 -6.70 58.06
N GLY A 299 37.28 -6.17 56.91
CA GLY A 299 37.19 -4.72 56.73
C GLY A 299 35.83 -4.21 56.34
N ILE A 300 35.77 -3.63 55.14
CA ILE A 300 34.55 -3.05 54.59
C ILE A 300 33.58 -4.12 54.12
N VAL A 301 32.42 -4.22 54.74
CA VAL A 301 31.32 -5.03 54.21
C VAL A 301 30.35 -4.18 53.38
N PHE A 302 29.58 -4.85 52.52
CA PHE A 302 28.55 -4.19 51.74
C PHE A 302 27.42 -5.13 51.34
N GLU A 303 26.31 -4.52 50.96
CA GLU A 303 25.08 -5.24 50.76
C GLU A 303 24.21 -4.43 49.81
N GLY A 304 23.87 -5.03 48.66
CA GLY A 304 22.93 -4.41 47.72
C GLY A 304 21.53 -4.44 48.32
N PHE A 305 20.66 -3.51 47.89
CA PHE A 305 19.27 -3.49 48.38
C PHE A 305 18.34 -2.61 47.52
N ASP A 306 17.04 -2.95 47.54
CA ASP A 306 15.99 -2.13 46.95
C ASP A 306 15.57 -1.02 47.92
N ARG A 307 15.43 0.19 47.41
CA ARG A 307 15.21 1.34 48.25
C ARG A 307 13.78 1.48 48.78
N ASP A 308 12.86 0.70 48.24
CA ASP A 308 11.49 0.69 48.74
C ASP A 308 11.35 -0.30 49.91
N GLY A 309 12.45 -0.96 50.27
CA GLY A 309 12.48 -1.87 51.40
C GLY A 309 11.57 -3.08 51.27
N ASN A 310 11.32 -3.50 50.02
CA ASN A 310 10.40 -4.62 49.76
C ASN A 310 11.05 -6.00 49.77
N PHE A 311 12.35 -6.09 49.48
CA PHE A 311 12.99 -7.39 49.33
C PHE A 311 14.14 -7.63 50.29
N ARG A 312 14.63 -8.86 50.31
CA ARG A 312 15.85 -9.23 51.01
C ARG A 312 17.05 -8.70 50.21
N ALA A 313 18.26 -8.86 50.76
CA ALA A 313 19.45 -8.28 50.18
C ALA A 313 19.69 -8.87 48.80
N LEU A 314 20.02 -7.98 47.88
CA LEU A 314 20.32 -8.31 46.50
C LEU A 314 21.66 -9.04 46.39
N CYS A 315 22.72 -8.38 46.82
CA CYS A 315 24.05 -8.94 46.78
C CYS A 315 24.73 -8.57 48.07
N GLY A 316 25.80 -9.28 48.40
CA GLY A 316 26.52 -9.06 49.64
C GLY A 316 28.00 -9.41 49.49
N GLY A 317 28.85 -8.58 50.06
CA GLY A 317 30.27 -8.81 49.95
C GLY A 317 31.06 -8.04 50.98
N GLY A 318 32.38 -8.15 50.87
CA GLY A 318 33.25 -7.42 51.76
C GLY A 318 34.64 -7.97 51.67
N ARG A 319 35.52 -7.40 52.50
CA ARG A 319 36.90 -7.79 52.55
C ARG A 319 37.06 -8.86 53.63
N TYR A 320 37.77 -9.93 53.28
CA TYR A 320 38.12 -10.99 54.21
C TYR A 320 39.57 -11.44 53.99
N ASP A 321 40.49 -10.68 54.59
CA ASP A 321 41.93 -10.97 54.52
C ASP A 321 42.26 -12.35 55.12
N ASN A 322 41.50 -12.73 56.15
CA ASN A 322 41.65 -14.04 56.82
C ASN A 322 41.05 -15.25 56.04
N LEU A 323 40.63 -15.05 54.80
CA LEU A 323 40.08 -16.15 53.98
C LEU A 323 41.05 -17.30 53.82
N LEU A 324 42.22 -17.03 53.28
CA LEU A 324 43.17 -18.10 53.00
C LEU A 324 43.73 -18.69 54.28
N THR A 325 44.09 -17.87 55.26
CA THR A 325 44.64 -18.42 56.51
C THR A 325 43.64 -19.43 57.15
N THR A 326 42.34 -19.14 57.05
CA THR A 326 41.32 -20.09 57.50
C THR A 326 41.59 -21.51 57.01
N TYR A 327 41.78 -21.65 55.70
CA TYR A 327 41.99 -22.98 55.09
C TYR A 327 43.44 -23.45 55.21
N GLY A 328 44.22 -22.79 56.06
CA GLY A 328 45.54 -23.27 56.48
C GLY A 328 46.72 -22.56 55.83
N SER A 329 46.46 -21.46 55.14
CA SER A 329 47.52 -20.70 54.49
C SER A 329 48.55 -20.17 55.52
N PRO A 330 49.84 -20.36 55.22
CA PRO A 330 50.86 -19.79 56.09
C PRO A 330 50.97 -18.27 55.93
N THR A 331 50.66 -17.77 54.74
CA THR A 331 50.78 -16.33 54.47
C THR A 331 49.40 -15.70 54.16
N ALA A 332 48.88 -14.93 55.11
CA ALA A 332 47.63 -14.23 54.90
C ALA A 332 47.68 -13.43 53.59
N VAL A 333 46.63 -13.57 52.80
CA VAL A 333 46.55 -12.91 51.50
C VAL A 333 45.24 -12.14 51.42
N PRO A 334 45.31 -10.82 51.12
CA PRO A 334 44.14 -9.95 51.09
C PRO A 334 43.08 -10.40 50.12
N CYS A 335 41.83 -10.08 50.43
CA CYS A 335 40.73 -10.54 49.64
C CYS A 335 39.49 -9.72 49.89
N VAL A 336 38.79 -9.39 48.81
CA VAL A 336 37.49 -8.79 48.83
C VAL A 336 36.66 -9.52 47.77
N GLY A 337 35.40 -9.80 48.07
CA GLY A 337 34.48 -10.37 47.10
C GLY A 337 33.03 -10.09 47.44
N PHE A 338 32.13 -10.42 46.51
CA PHE A 338 30.68 -10.41 46.79
C PHE A 338 29.98 -11.51 46.07
N GLY A 339 28.83 -11.90 46.60
CA GLY A 339 27.96 -12.88 45.96
C GLY A 339 26.73 -12.15 45.51
N PHE A 340 26.25 -12.48 44.30
CA PHE A 340 25.08 -11.83 43.67
C PHE A 340 24.06 -12.89 43.25
N GLY A 341 23.15 -13.23 44.15
CA GLY A 341 22.15 -14.27 43.90
C GLY A 341 21.36 -14.03 42.64
N ASP A 342 20.79 -15.11 42.08
CA ASP A 342 19.99 -15.02 40.83
C ASP A 342 18.49 -14.99 41.09
N CYS A 343 18.09 -15.09 42.35
CA CYS A 343 16.68 -15.13 42.68
CA CYS A 343 16.68 -15.13 42.75
C CYS A 343 16.13 -13.73 43.03
N VAL A 344 16.59 -13.10 44.10
CA VAL A 344 16.02 -11.82 44.50
C VAL A 344 16.07 -10.74 43.39
N ILE A 345 17.15 -10.68 42.64
CA ILE A 345 17.25 -9.65 41.60
C ILE A 345 16.11 -9.76 40.62
N VAL A 346 15.69 -10.99 40.34
CA VAL A 346 14.56 -11.23 39.45
C VAL A 346 13.26 -10.66 40.03
N GLU A 347 12.99 -10.99 41.28
CA GLU A 347 11.77 -10.52 41.93
C GLU A 347 11.67 -9.00 41.80
N LEU A 348 12.77 -8.30 42.11
CA LEU A 348 12.86 -6.85 41.95
C LEU A 348 12.64 -6.42 40.50
N LEU A 349 13.43 -6.94 39.58
CA LEU A 349 13.26 -6.58 38.16
C LEU A 349 11.80 -6.78 37.74
N ASN A 350 11.18 -7.82 38.25
CA ASN A 350 9.78 -8.05 37.97
C ASN A 350 8.88 -7.01 38.62
N GLU A 351 9.17 -6.66 39.87
CA GLU A 351 8.43 -5.59 40.55
C GLU A 351 8.53 -4.29 39.78
N LYS A 352 9.76 -3.92 39.38
CA LYS A 352 10.04 -2.67 38.65
C LYS A 352 9.93 -2.80 37.11
N LYS A 353 9.25 -3.86 36.68
CA LYS A 353 8.87 -4.07 35.28
C LYS A 353 10.04 -4.04 34.30
N LEU A 354 11.15 -4.64 34.70
CA LEU A 354 12.40 -4.55 33.93
C LEU A 354 12.83 -5.89 33.32
N LEU A 355 12.01 -6.92 33.48
CA LEU A 355 12.25 -8.23 32.88
C LEU A 355 11.93 -8.18 31.40
N PRO A 356 12.89 -8.52 30.54
CA PRO A 356 12.65 -8.40 29.11
C PRO A 356 11.78 -9.52 28.53
N GLU A 357 11.22 -9.26 27.36
CA GLU A 357 10.40 -10.22 26.63
C GLU A 357 11.28 -10.81 25.54
N LEU A 358 11.77 -12.03 25.78
CA LEU A 358 12.76 -12.67 24.91
C LEU A 358 12.16 -13.84 24.16
N HIS A 359 12.67 -14.10 22.95
CA HIS A 359 12.04 -15.05 22.03
C HIS A 359 13.08 -15.86 21.29
N HIS A 360 12.80 -17.12 21.00
CA HIS A 360 13.58 -17.80 19.98
C HIS A 360 13.42 -17.05 18.63
N VAL A 361 14.56 -16.79 18.01
CA VAL A 361 14.62 -16.07 16.75
C VAL A 361 15.58 -16.84 15.88
N VAL A 362 15.22 -17.00 14.62
CA VAL A 362 16.17 -17.48 13.63
C VAL A 362 16.09 -16.55 12.44
N ASP A 363 17.16 -16.53 11.64
CA ASP A 363 17.20 -15.65 10.49
C ASP A 363 16.36 -16.21 9.35
N ASP A 364 16.51 -17.50 9.09
CA ASP A 364 15.95 -18.11 7.90
C ASP A 364 15.23 -19.42 8.18
N LEU A 365 14.10 -19.60 7.52
CA LEU A 365 13.49 -20.92 7.38
C LEU A 365 13.62 -21.32 5.91
N VAL A 366 14.27 -22.43 5.64
CA VAL A 366 14.33 -22.91 4.28
C VAL A 366 13.10 -23.78 4.06
N ILE A 367 12.33 -23.47 3.01
CA ILE A 367 11.17 -24.26 2.63
C ILE A 367 11.39 -24.89 1.27
N PRO A 368 11.71 -26.21 1.23
CA PRO A 368 11.64 -26.90 -0.04
C PRO A 368 10.23 -26.80 -0.60
N PHE A 369 10.12 -26.55 -1.90
CA PHE A 369 8.82 -26.51 -2.57
C PHE A 369 8.12 -27.84 -2.38
N ASP A 370 8.88 -28.92 -2.45
CA ASP A 370 8.39 -30.25 -2.11
C ASP A 370 9.58 -31.14 -1.80
N GLU A 371 9.32 -32.40 -1.48
CA GLU A 371 10.40 -33.30 -1.04
C GLU A 371 11.47 -33.57 -2.10
N THR A 372 11.11 -33.39 -3.37
CA THR A 372 12.07 -33.52 -4.47
C THR A 372 13.08 -32.37 -4.50
N MET A 373 12.72 -31.25 -3.88
CA MET A 373 13.61 -30.09 -3.76
C MET A 373 14.46 -30.14 -2.52
N ARG A 374 14.21 -31.13 -1.68
CA ARG A 374 14.97 -31.26 -0.45
C ARG A 374 16.47 -31.02 -0.68
N PRO A 375 17.16 -31.87 -1.47
CA PRO A 375 18.64 -31.80 -1.58
C PRO A 375 19.17 -30.43 -1.94
N HIS A 376 18.43 -29.71 -2.77
CA HIS A 376 18.82 -28.36 -3.15
C HIS A 376 18.62 -27.44 -1.95
N ALA A 377 17.45 -27.56 -1.32
CA ALA A 377 17.17 -26.83 -0.07
C ALA A 377 18.31 -27.03 0.94
N LEU A 378 18.63 -28.28 1.22
CA LEU A 378 19.77 -28.59 2.07
C LEU A 378 20.94 -27.68 1.71
N SER A 379 21.40 -27.74 0.45
CA SER A 379 22.60 -26.97 0.04
C SER A 379 22.45 -25.47 0.26
N ILE A 380 21.21 -24.97 0.28
CA ILE A 380 20.97 -23.55 0.60
C ILE A 380 21.08 -23.27 2.11
N LEU A 381 20.64 -24.24 2.92
CA LEU A 381 20.78 -24.18 4.38
C LEU A 381 22.25 -24.09 4.79
N ARG A 382 23.09 -24.95 4.18
CA ARG A 382 24.56 -24.95 4.39
C ARG A 382 25.08 -23.56 4.09
N ARG A 383 24.83 -23.07 2.87
CA ARG A 383 25.28 -21.73 2.46
C ARG A 383 24.99 -20.68 3.51
N LEU A 384 23.73 -20.62 3.95
CA LEU A 384 23.28 -19.65 4.93
C LEU A 384 24.04 -19.80 6.23
N ARG A 385 24.03 -21.00 6.79
CA ARG A 385 24.77 -21.25 8.02
C ARG A 385 26.24 -20.86 7.87
N ASP A 386 26.84 -21.28 6.76
CA ASP A 386 28.23 -20.97 6.46
C ASP A 386 28.45 -19.47 6.49
N ALA A 387 27.49 -18.70 5.98
CA ALA A 387 27.58 -17.24 5.94
C ALA A 387 27.44 -16.56 7.32
N GLY A 388 27.30 -17.34 8.38
CA GLY A 388 27.15 -16.78 9.72
C GLY A 388 25.70 -16.75 10.20
N ARG A 389 24.75 -16.90 9.28
CA ARG A 389 23.33 -16.77 9.60
C ARG A 389 22.85 -17.97 10.42
N SER A 390 21.77 -17.79 11.19
CA SER A 390 21.09 -18.91 11.83
C SER A 390 19.87 -19.28 11.01
N ALA A 391 19.84 -20.52 10.52
CA ALA A 391 18.75 -20.95 9.64
C ALA A 391 18.22 -22.32 10.06
N ASP A 392 16.97 -22.57 9.67
CA ASP A 392 16.28 -23.80 10.01
C ASP A 392 15.54 -24.29 8.75
N ILE A 393 14.90 -25.45 8.81
CA ILE A 393 14.33 -26.04 7.60
C ILE A 393 13.09 -26.87 7.92
N VAL A 394 12.24 -27.04 6.92
CA VAL A 394 11.10 -27.91 7.07
C VAL A 394 11.62 -29.33 7.03
N PHE A 395 11.35 -30.06 8.11
CA PHE A 395 11.88 -31.42 8.29
C PHE A 395 10.97 -32.47 7.69
N ASP A 396 9.68 -32.40 8.06
CA ASP A 396 8.65 -33.25 7.48
C ASP A 396 7.97 -32.50 6.32
N LYS A 397 7.10 -33.19 5.57
CA LYS A 397 6.30 -32.60 4.47
C LYS A 397 5.29 -31.59 5.00
N LYS A 398 5.28 -30.39 4.43
CA LYS A 398 4.29 -29.35 4.77
C LYS A 398 3.67 -28.76 3.49
N LYS A 399 2.46 -28.23 3.57
CA LYS A 399 1.91 -27.37 2.50
C LYS A 399 2.50 -25.95 2.68
N VAL A 400 2.94 -25.34 1.57
CA VAL A 400 3.75 -24.09 1.62
C VAL A 400 3.27 -23.03 2.60
N VAL A 401 1.96 -22.81 2.68
CA VAL A 401 1.41 -21.82 3.63
C VAL A 401 1.54 -22.31 5.08
N GLN A 402 1.50 -23.64 5.27
CA GLN A 402 1.82 -24.27 6.57
C GLN A 402 3.31 -24.02 6.92
N ALA A 403 4.17 -24.04 5.90
CA ALA A 403 5.58 -23.74 6.07
C ALA A 403 5.78 -22.28 6.48
N PHE A 404 5.05 -21.38 5.83
CA PHE A 404 5.16 -19.95 6.13
C PHE A 404 4.72 -19.63 7.54
N ASN A 405 3.67 -20.32 8.00
CA ASN A 405 3.29 -20.26 9.41
C ASN A 405 4.44 -20.71 10.28
N TYR A 406 4.89 -21.93 10.07
CA TYR A 406 5.99 -22.44 10.87
C TYR A 406 7.11 -21.38 10.98
N ALA A 407 7.46 -20.73 9.86
CA ALA A 407 8.51 -19.68 9.86
C ALA A 407 8.18 -18.55 10.84
N ASP A 408 6.96 -18.05 10.77
CA ASP A 408 6.49 -17.06 11.73
C ASP A 408 6.43 -17.65 13.13
N ARG A 409 5.83 -18.83 13.25
CA ARG A 409 5.56 -19.46 14.56
C ARG A 409 6.81 -19.88 15.36
N ILE A 410 8.00 -19.52 14.88
CA ILE A 410 9.24 -19.96 15.52
C ILE A 410 10.31 -18.90 15.66
N GLY A 411 10.30 -17.85 14.82
CA GLY A 411 11.39 -16.89 14.83
C GLY A 411 11.54 -16.10 13.56
N ALA A 412 11.26 -16.74 12.43
CA ALA A 412 10.94 -16.05 11.17
C ALA A 412 12.10 -15.27 10.55
N LEU A 413 12.04 -13.94 10.65
CA LEU A 413 12.86 -13.00 9.85
C LEU A 413 12.73 -13.19 8.32
N ARG A 414 13.11 -14.35 7.80
CA ARG A 414 13.14 -14.54 6.37
C ARG A 414 12.82 -15.99 5.95
N ALA A 415 11.88 -16.15 5.02
CA ALA A 415 11.53 -17.47 4.46
C ALA A 415 12.14 -17.63 3.06
N VAL A 416 12.85 -18.73 2.84
CA VAL A 416 13.53 -18.95 1.58
C VAL A 416 12.87 -20.10 0.82
N LEU A 417 11.93 -19.78 -0.06
CA LEU A 417 11.29 -20.81 -0.87
C LEU A 417 12.33 -21.25 -1.89
N VAL A 418 12.43 -22.57 -2.08
CA VAL A 418 13.40 -23.20 -2.99
C VAL A 418 12.65 -24.08 -4.00
N ALA A 419 12.30 -23.47 -5.15
CA ALA A 419 11.43 -24.15 -6.14
C ALA A 419 12.16 -24.43 -7.46
N PRO A 420 11.67 -25.40 -8.23
CA PRO A 420 12.36 -25.84 -9.44
C PRO A 420 12.41 -24.78 -10.54
N ASP A 421 11.27 -24.18 -10.88
CA ASP A 421 11.23 -23.10 -11.87
C ASP A 421 12.39 -22.13 -11.66
N GLU A 422 12.47 -21.65 -10.43
CA GLU A 422 13.46 -20.67 -10.02
C GLU A 422 14.85 -21.29 -9.95
N TRP A 423 14.95 -22.45 -9.32
CA TRP A 423 16.23 -23.15 -9.16
C TRP A 423 16.90 -23.42 -10.50
N ALA A 424 16.13 -23.93 -11.46
CA ALA A 424 16.67 -24.19 -12.80
C ALA A 424 17.33 -22.93 -13.35
N ARG A 425 16.74 -21.76 -13.07
CA ARG A 425 17.26 -20.47 -13.53
C ARG A 425 18.31 -19.89 -12.59
N GLY A 426 18.83 -20.69 -11.66
CA GLY A 426 19.78 -20.20 -10.65
C GLY A 426 19.18 -19.21 -9.66
N GLU A 427 17.97 -19.51 -9.19
CA GLU A 427 17.21 -18.56 -8.37
C GLU A 427 16.44 -19.21 -7.22
N VAL A 428 16.15 -18.41 -6.20
CA VAL A 428 15.28 -18.80 -5.08
C VAL A 428 14.35 -17.64 -4.78
N ARG A 429 13.23 -17.96 -4.13
CA ARG A 429 12.22 -16.96 -3.76
C ARG A 429 12.41 -16.64 -2.26
N VAL A 430 12.45 -15.36 -1.90
CA VAL A 430 12.76 -14.93 -0.54
C VAL A 430 11.73 -13.92 0.02
N LYS A 431 11.00 -14.31 1.07
CA LYS A 431 9.92 -13.50 1.64
C LYS A 431 10.25 -13.05 3.07
N MET A 432 10.33 -11.73 3.29
CA MET A 432 10.64 -11.15 4.61
C MET A 432 9.37 -10.95 5.43
N LEU A 433 9.33 -11.47 6.65
CA LEU A 433 8.14 -11.37 7.51
C LEU A 433 8.15 -10.10 8.36
N ARG A 434 8.42 -8.96 7.71
CA ARG A 434 8.63 -7.68 8.39
C ARG A 434 7.32 -7.14 8.96
N GLY A 447 6.91 -12.71 -2.77
CA GLY A 447 8.08 -13.40 -3.32
C GLY A 447 9.05 -12.41 -3.93
N ILE A 448 10.29 -12.86 -4.10
CA ILE A 448 11.32 -12.03 -4.72
C ILE A 448 12.51 -12.90 -5.10
N VAL A 449 12.80 -12.92 -6.39
CA VAL A 449 13.84 -13.78 -6.95
C VAL A 449 15.23 -13.24 -6.63
N LEU A 450 16.14 -14.16 -6.29
CA LEU A 450 17.53 -13.85 -5.96
C LEU A 450 18.48 -15.04 -6.29
N PRO A 451 19.76 -14.76 -6.62
CA PRO A 451 20.83 -15.78 -6.75
C PRO A 451 21.28 -16.60 -5.49
N VAL A 452 21.65 -16.01 -4.34
CA VAL A 452 21.62 -14.56 -4.04
C VAL A 452 22.99 -13.88 -4.02
N ASP A 453 24.06 -14.68 -4.03
CA ASP A 453 25.42 -14.14 -4.03
C ASP A 453 26.44 -15.20 -3.62
N MET B 26 46.74 -27.35 56.58
CA MET B 26 46.14 -26.83 55.31
C MET B 26 45.28 -27.93 54.70
N VAL B 27 44.16 -27.54 54.10
CA VAL B 27 43.19 -28.49 53.51
C VAL B 27 43.73 -29.20 52.25
N GLU B 28 43.10 -30.32 51.90
CA GLU B 28 43.34 -30.93 50.58
C GLU B 28 43.03 -29.87 49.51
N THR B 29 44.07 -29.34 48.89
CA THR B 29 43.90 -28.28 47.90
C THR B 29 43.41 -28.82 46.56
N GLU B 30 43.50 -30.13 46.35
CA GLU B 30 42.98 -30.78 45.14
C GLU B 30 41.50 -31.12 45.22
N PRO B 31 40.84 -31.25 44.05
CA PRO B 31 39.41 -31.55 44.06
C PRO B 31 39.06 -33.01 44.36
N VAL B 32 37.79 -33.26 44.69
CA VAL B 32 37.26 -34.61 44.82
C VAL B 32 37.77 -35.50 43.68
N GLN B 33 38.35 -36.63 44.07
CA GLN B 33 39.00 -37.56 43.15
C GLN B 33 38.19 -37.67 41.88
N GLY B 34 38.85 -37.47 40.74
CA GLY B 34 38.20 -37.62 39.44
C GLY B 34 37.46 -36.39 38.92
N CYS B 35 37.38 -35.32 39.71
CA CYS B 35 36.70 -34.12 39.25
C CYS B 35 37.72 -33.04 38.94
N ARG B 36 37.38 -32.13 38.04
CA ARG B 36 38.32 -31.14 37.54
C ARG B 36 38.04 -29.74 38.06
N ASP B 37 39.09 -29.06 38.51
CA ASP B 37 39.02 -27.63 38.76
C ASP B 37 39.10 -26.96 37.40
N PHE B 38 38.51 -25.76 37.30
CA PHE B 38 38.64 -24.93 36.12
C PHE B 38 39.15 -23.53 36.48
N PRO B 39 40.47 -23.41 36.75
CA PRO B 39 41.08 -22.10 36.90
C PRO B 39 41.06 -21.36 35.56
N PRO B 40 41.38 -20.07 35.58
CA PRO B 40 41.23 -19.25 34.38
C PRO B 40 41.94 -19.76 33.15
N GLU B 41 43.17 -20.18 33.31
CA GLU B 41 43.86 -20.86 32.23
C GLU B 41 43.01 -21.97 31.59
N THR B 42 42.45 -22.87 32.41
CA THR B 42 41.70 -24.05 31.94
C THR B 42 40.25 -23.73 31.52
N MET B 43 39.65 -22.75 32.19
CA MET B 43 38.26 -22.38 31.92
C MET B 43 38.19 -21.73 30.55
N ARG B 44 39.29 -21.12 30.14
CA ARG B 44 39.34 -20.48 28.83
C ARG B 44 39.14 -21.52 27.70
N LEU B 45 39.72 -22.72 27.86
CA LEU B 45 39.58 -23.86 26.93
C LEU B 45 38.22 -24.52 26.98
N ARG B 46 37.63 -24.58 28.17
CA ARG B 46 36.26 -25.08 28.28
C ARG B 46 35.32 -24.11 27.60
N LYS B 47 35.50 -22.82 27.88
CA LYS B 47 34.66 -21.79 27.29
C LYS B 47 34.80 -21.77 25.76
N TYR B 48 35.96 -22.19 25.26
CA TYR B 48 36.25 -22.22 23.82
C TYR B 48 35.52 -23.36 23.11
N LEU B 49 35.50 -24.52 23.76
CA LEU B 49 34.79 -25.69 23.25
C LEU B 49 33.29 -25.45 23.28
N PHE B 50 32.80 -24.99 24.41
CA PHE B 50 31.37 -24.75 24.58
C PHE B 50 30.90 -23.66 23.66
N ASP B 51 31.79 -22.77 23.23
CA ASP B 51 31.40 -21.73 22.28
C ASP B 51 31.15 -22.32 20.92
N VAL B 52 31.87 -23.38 20.57
CA VAL B 52 31.58 -24.09 19.34
C VAL B 52 30.24 -24.82 19.49
N PHE B 53 29.94 -25.34 20.68
CA PHE B 53 28.64 -25.99 20.91
C PHE B 53 27.48 -25.02 20.82
N HIS B 54 27.58 -23.91 21.55
CA HIS B 54 26.58 -22.87 21.51
C HIS B 54 26.40 -22.25 20.13
N SER B 55 27.51 -21.93 19.47
CA SER B 55 27.48 -21.24 18.20
C SER B 55 26.93 -22.11 17.12
N THR B 56 27.14 -23.43 17.26
CA THR B 56 26.62 -24.37 16.28
C THR B 56 25.15 -24.59 16.53
N ALA B 57 24.78 -24.76 17.80
CA ALA B 57 23.36 -24.87 18.20
C ALA B 57 22.50 -23.73 17.64
N ARG B 58 23.02 -22.53 17.77
CA ARG B 58 22.34 -21.31 17.38
C ARG B 58 22.12 -21.28 15.89
N LYS B 59 23.18 -21.57 15.12
CA LYS B 59 23.13 -21.51 13.66
C LYS B 59 22.21 -22.60 13.07
N PHE B 60 22.10 -23.72 13.77
CA PHE B 60 21.18 -24.78 13.37
C PHE B 60 19.79 -24.56 13.99
N GLY B 61 19.65 -23.48 14.75
CA GLY B 61 18.36 -23.06 15.29
C GLY B 61 17.89 -23.88 16.46
N PHE B 62 18.81 -24.36 17.27
CA PHE B 62 18.46 -25.09 18.48
C PHE B 62 18.31 -24.16 19.69
N GLU B 63 17.40 -24.50 20.60
CA GLU B 63 17.15 -23.70 21.81
C GLU B 63 17.77 -24.31 23.05
N GLU B 64 18.45 -23.52 23.88
CA GLU B 64 19.03 -24.11 25.09
C GLU B 64 17.98 -24.42 26.16
N TYR B 65 18.19 -25.54 26.86
CA TYR B 65 17.47 -25.85 28.08
C TYR B 65 18.44 -26.32 29.19
N ASP B 66 17.90 -26.52 30.39
CA ASP B 66 18.66 -27.07 31.52
C ASP B 66 17.66 -27.53 32.58
N SER B 67 18.13 -28.39 33.46
CA SER B 67 17.32 -28.88 34.56
C SER B 67 18.31 -29.20 35.69
N PRO B 68 17.80 -29.56 36.87
CA PRO B 68 18.67 -29.76 38.01
C PRO B 68 19.58 -30.95 37.81
N VAL B 69 20.85 -30.84 38.24
CA VAL B 69 21.72 -32.00 38.28
C VAL B 69 21.13 -33.07 39.21
N LEU B 70 20.39 -32.62 40.23
CA LEU B 70 19.72 -33.49 41.17
C LEU B 70 18.37 -33.91 40.64
N GLU B 71 18.24 -35.17 40.25
CA GLU B 71 16.98 -35.68 39.76
C GLU B 71 16.50 -36.82 40.62
N SER B 72 15.26 -37.21 40.39
CA SER B 72 14.66 -38.35 41.10
C SER B 72 15.26 -39.68 40.65
N GLU B 73 15.51 -40.55 41.61
CA GLU B 73 16.03 -41.88 41.32
C GLU B 73 15.11 -42.62 40.35
N GLU B 74 13.81 -42.60 40.65
CA GLU B 74 12.79 -43.26 39.83
C GLU B 74 13.00 -43.03 38.34
N LEU B 75 13.43 -41.82 38.01
CA LEU B 75 13.63 -41.42 36.63
C LEU B 75 14.65 -42.30 35.90
N TYR B 76 15.77 -42.63 36.53
CA TYR B 76 16.84 -43.37 35.85
C TYR B 76 16.64 -44.85 35.95
N ILE B 77 16.20 -45.31 37.12
CA ILE B 77 15.91 -46.72 37.33
C ILE B 77 14.83 -47.20 36.35
N ARG B 78 13.91 -46.31 35.97
CA ARG B 78 12.92 -46.63 34.96
C ARG B 78 13.53 -46.72 33.57
N LYS B 79 14.67 -46.07 33.37
CA LYS B 79 15.39 -46.21 32.13
C LYS B 79 16.02 -47.59 32.01
N ALA B 80 16.89 -47.97 32.95
CA ALA B 80 17.78 -49.14 32.77
C ALA B 80 17.74 -50.28 33.82
N GLY B 81 16.87 -50.17 34.83
CA GLY B 81 16.77 -51.19 35.89
C GLY B 81 17.52 -50.81 37.16
N GLU B 82 17.32 -51.60 38.22
CA GLU B 82 17.87 -51.29 39.55
C GLU B 82 19.39 -51.13 39.60
N GLU B 83 20.08 -51.86 38.73
CA GLU B 83 21.56 -51.89 38.69
C GLU B 83 22.24 -50.51 38.76
N ILE B 84 21.63 -49.51 38.13
CA ILE B 84 22.25 -48.18 38.08
C ILE B 84 22.22 -47.47 39.43
N THR B 85 21.33 -47.87 40.33
CA THR B 85 21.33 -47.31 41.68
C THR B 85 22.67 -47.50 42.40
N GLU B 86 23.54 -48.34 41.84
CA GLU B 86 24.89 -48.54 42.34
C GLU B 86 25.91 -47.71 41.55
N GLN B 87 25.63 -47.45 40.28
CA GLN B 87 26.54 -46.71 39.40
C GLN B 87 26.24 -45.22 39.36
N MET B 88 25.77 -44.66 40.48
CA MET B 88 25.58 -43.21 40.59
C MET B 88 25.55 -42.73 42.03
N PHE B 89 25.63 -41.41 42.21
CA PHE B 89 25.70 -40.79 43.52
C PHE B 89 24.30 -40.61 44.11
N ASN B 90 23.90 -41.52 44.99
CA ASN B 90 22.56 -41.51 45.58
C ASN B 90 22.53 -40.81 46.92
N PHE B 91 21.34 -40.30 47.29
CA PHE B 91 21.08 -39.93 48.68
C PHE B 91 19.61 -39.62 48.96
N ILE B 92 19.30 -39.54 50.25
CA ILE B 92 17.94 -39.48 50.76
C ILE B 92 17.61 -38.13 51.38
N THR B 93 16.33 -37.79 51.36
CA THR B 93 15.82 -36.58 51.96
C THR B 93 14.64 -36.93 52.87
N HIS B 97 12.56 -40.26 50.47
CA HIS B 97 12.54 -39.62 49.17
C HIS B 97 13.95 -39.64 48.55
N ARG B 98 14.11 -40.39 47.46
CA ARG B 98 15.44 -40.69 46.91
C ARG B 98 15.77 -39.91 45.64
N VAL B 99 16.99 -39.40 45.58
CA VAL B 99 17.42 -38.58 44.45
C VAL B 99 18.88 -38.91 44.09
N ALA B 100 19.29 -38.51 42.88
CA ALA B 100 20.60 -38.86 42.35
C ALA B 100 21.19 -37.76 41.48
N LEU B 101 22.52 -37.67 41.47
CA LEU B 101 23.23 -36.77 40.55
C LEU B 101 23.29 -37.45 39.21
N ARG B 102 22.76 -36.80 38.19
CA ARG B 102 22.49 -37.44 36.90
C ARG B 102 23.74 -37.97 36.19
N PRO B 103 23.65 -39.18 35.60
CA PRO B 103 24.71 -39.74 34.78
C PRO B 103 24.56 -39.41 33.30
N GLU B 104 23.35 -39.03 32.90
CA GLU B 104 23.08 -38.57 31.55
C GLU B 104 21.89 -37.65 31.55
N MET B 105 21.75 -36.87 30.48
CA MET B 105 20.79 -35.78 30.42
C MET B 105 19.41 -36.18 29.91
N THR B 106 19.36 -37.15 29.00
CA THR B 106 18.13 -37.46 28.23
C THR B 106 16.90 -37.69 29.08
N PRO B 107 17.04 -38.40 30.20
CA PRO B 107 15.87 -38.59 31.05
C PRO B 107 15.29 -37.29 31.63
N SER B 108 16.07 -36.23 31.74
CA SER B 108 15.49 -34.94 32.13
C SER B 108 14.71 -34.36 30.96
N LEU B 109 15.30 -34.41 29.76
CA LEU B 109 14.61 -33.95 28.55
C LEU B 109 13.19 -34.53 28.48
N ALA B 110 13.13 -35.87 28.50
CA ALA B 110 11.87 -36.59 28.52
C ALA B 110 10.95 -36.05 29.59
N ARG B 111 11.46 -35.88 30.80
CA ARG B 111 10.64 -35.41 31.92
C ARG B 111 10.09 -34.00 31.69
N GLN B 112 10.88 -33.16 31.02
CA GLN B 112 10.45 -31.79 30.75
C GLN B 112 9.43 -31.73 29.64
N LEU B 113 9.72 -32.41 28.53
CA LEU B 113 8.80 -32.49 27.39
C LEU B 113 7.43 -33.00 27.84
N LEU B 114 7.42 -34.08 28.60
CA LEU B 114 6.19 -34.64 29.16
C LEU B 114 5.40 -33.64 30.01
N ALA B 115 6.12 -32.86 30.83
CA ALA B 115 5.52 -31.80 31.64
C ALA B 115 4.73 -30.80 30.79
N LYS B 116 5.27 -30.45 29.63
CA LYS B 116 4.62 -29.52 28.71
C LYS B 116 3.40 -30.18 28.05
N GLY B 117 3.45 -31.50 27.89
CA GLY B 117 2.34 -32.23 27.30
C GLY B 117 2.09 -31.77 25.86
N ARG B 118 0.82 -31.72 25.47
CA ARG B 118 0.43 -31.32 24.11
C ARG B 118 0.84 -29.87 23.78
N SER B 119 1.01 -29.04 24.81
CA SER B 119 1.32 -27.62 24.63
C SER B 119 2.71 -27.37 24.06
N LEU B 120 3.60 -28.37 24.14
CA LEU B 120 4.89 -28.29 23.49
C LEU B 120 4.67 -28.16 21.99
N LEU B 121 5.29 -27.14 21.40
CA LEU B 121 5.12 -26.85 19.98
C LEU B 121 6.14 -27.62 19.15
N LEU B 122 5.65 -28.53 18.30
CA LEU B 122 6.50 -29.43 17.51
C LEU B 122 6.68 -28.95 16.06
N PRO B 123 7.89 -29.09 15.49
CA PRO B 123 9.11 -29.64 16.05
C PRO B 123 9.82 -28.69 17.02
N ALA B 124 10.38 -29.25 18.09
CA ALA B 124 11.19 -28.51 19.06
C ALA B 124 12.63 -28.96 18.94
N LYS B 125 13.56 -28.02 18.78
CA LYS B 125 14.98 -28.36 18.73
C LYS B 125 15.73 -27.87 20.00
N TRP B 126 15.92 -28.81 20.93
CA TRP B 126 16.41 -28.51 22.26
C TRP B 126 17.85 -28.98 22.45
N TYR B 127 18.71 -28.09 22.95
CA TYR B 127 20.09 -28.44 23.27
C TYR B 127 20.47 -28.00 24.68
N SER B 128 21.51 -28.60 25.22
CA SER B 128 22.08 -28.15 26.49
C SER B 128 23.49 -28.70 26.62
N ILE B 129 24.24 -28.20 27.59
CA ILE B 129 25.57 -28.70 27.86
C ILE B 129 25.70 -29.06 29.34
N PRO B 130 24.89 -29.99 29.81
CA PRO B 130 24.84 -30.33 31.23
C PRO B 130 26.07 -31.07 31.73
N GLN B 131 26.47 -30.83 32.98
CA GLN B 131 27.53 -31.62 33.60
C GLN B 131 26.88 -32.85 34.14
N CYS B 132 27.55 -34.00 34.08
CA CYS B 132 26.96 -35.26 34.50
C CYS B 132 27.90 -36.11 35.29
N TRP B 133 27.33 -36.91 36.18
CA TRP B 133 28.06 -37.59 37.22
C TRP B 133 27.80 -39.07 37.15
N ARG B 134 28.88 -39.86 37.16
CA ARG B 134 28.80 -41.31 37.18
C ARG B 134 29.81 -41.86 38.20
N TYR B 135 29.33 -42.67 39.14
CA TYR B 135 30.19 -43.20 40.21
C TYR B 135 31.03 -44.40 39.74
N GLU B 136 32.24 -44.10 39.28
CA GLU B 136 33.15 -45.10 38.69
C GLU B 136 34.57 -44.94 39.28
N ALA B 137 35.49 -45.81 38.83
CA ALA B 137 36.92 -45.72 39.18
C ALA B 137 37.62 -44.64 38.34
N ILE B 138 38.81 -44.22 38.77
CA ILE B 138 39.50 -43.05 38.20
C ILE B 138 40.77 -43.39 37.40
N THR B 139 41.61 -44.27 37.93
CA THR B 139 42.79 -44.73 37.19
C THR B 139 42.48 -45.93 36.27
N ARG B 140 41.18 -46.19 36.04
CA ARG B 140 40.73 -47.15 35.04
C ARG B 140 39.79 -46.46 34.03
N GLY B 141 40.38 -45.63 33.18
CA GLY B 141 39.65 -45.00 32.07
C GLY B 141 38.89 -43.75 32.45
N ARG B 142 37.62 -43.91 32.79
CA ARG B 142 36.71 -42.77 32.97
C ARG B 142 37.01 -41.96 34.25
N ARG B 143 36.35 -40.80 34.39
CA ARG B 143 36.72 -39.80 35.40
C ARG B 143 35.55 -39.15 36.18
N ARG B 144 34.50 -39.91 36.50
CA ARG B 144 33.42 -39.46 37.41
C ARG B 144 32.61 -38.22 37.00
N GLU B 145 33.21 -37.31 36.26
CA GLU B 145 32.59 -36.02 35.96
C GLU B 145 32.90 -35.63 34.52
N HIS B 146 31.88 -35.18 33.79
CA HIS B 146 32.07 -34.73 32.41
C HIS B 146 30.91 -33.81 31.96
N TYR B 147 31.24 -32.81 31.14
CA TYR B 147 30.24 -32.01 30.47
C TYR B 147 30.02 -32.63 29.11
N GLN B 148 28.83 -32.43 28.57
CA GLN B 148 28.39 -33.15 27.40
C GLN B 148 27.35 -32.34 26.63
N TRP B 149 27.68 -31.97 25.40
CA TRP B 149 26.73 -31.31 24.54
C TRP B 149 25.67 -32.30 24.09
N ASN B 150 24.44 -32.11 24.58
CA ASN B 150 23.29 -32.82 24.03
C ASN B 150 22.63 -31.98 22.94
N MET B 151 21.74 -32.62 22.21
CA MET B 151 21.13 -32.04 21.02
C MET B 151 19.98 -32.97 20.64
N ASP B 152 18.76 -32.45 20.54
CA ASP B 152 17.58 -33.33 20.34
C ASP B 152 16.53 -32.69 19.47
N ILE B 153 16.11 -33.39 18.43
CA ILE B 153 15.04 -32.92 17.60
C ILE B 153 13.85 -33.80 17.93
N ILE B 154 12.75 -33.19 18.34
CA ILE B 154 11.59 -33.96 18.74
C ILE B 154 10.40 -33.55 17.88
N GLY B 155 9.57 -34.53 17.52
CA GLY B 155 8.38 -34.27 16.74
C GLY B 155 8.58 -34.43 15.24
N VAL B 156 9.76 -34.89 14.82
CA VAL B 156 10.02 -35.13 13.39
C VAL B 156 9.98 -36.63 13.05
N LYS B 157 9.05 -37.02 12.18
CA LYS B 157 8.94 -38.45 11.76
C LYS B 157 10.00 -38.91 10.77
N SER B 158 10.50 -37.99 9.93
CA SER B 158 11.33 -38.31 8.76
C SER B 158 12.80 -38.31 9.04
N VAL B 159 13.57 -38.75 8.05
CA VAL B 159 14.99 -38.97 8.24
C VAL B 159 15.80 -37.68 8.22
N SER B 160 15.11 -36.57 8.00
CA SER B 160 15.75 -35.28 7.97
C SER B 160 16.31 -34.87 9.32
N SER B 161 15.64 -35.24 10.41
CA SER B 161 16.14 -34.85 11.73
C SER B 161 17.45 -35.56 12.03
N GLU B 162 17.57 -36.83 11.61
CA GLU B 162 18.86 -37.57 11.66
C GLU B 162 19.94 -36.85 10.88
N VAL B 163 19.57 -36.43 9.67
CA VAL B 163 20.48 -35.76 8.77
C VAL B 163 21.08 -34.55 9.44
N GLU B 164 20.25 -33.75 10.11
CA GLU B 164 20.73 -32.46 10.57
C GLU B 164 21.65 -32.61 11.75
N LEU B 165 21.24 -33.43 12.73
CA LEU B 165 22.01 -33.67 13.94
C LEU B 165 23.45 -34.09 13.60
N VAL B 166 23.56 -34.94 12.59
CA VAL B 166 24.84 -35.34 12.06
C VAL B 166 25.52 -34.13 11.45
N CYS B 167 24.79 -33.30 10.72
CA CYS B 167 25.43 -32.09 10.20
C CYS B 167 25.93 -31.23 11.35
N ALA B 168 25.10 -31.07 12.37
CA ALA B 168 25.49 -30.37 13.58
C ALA B 168 26.75 -30.99 14.19
N ALA B 169 26.77 -32.31 14.36
CA ALA B 169 28.00 -32.99 14.84
C ALA B 169 29.20 -32.60 13.97
N CYS B 170 29.13 -32.94 12.68
CA CYS B 170 30.24 -32.66 11.76
C CYS B 170 30.61 -31.16 11.73
N THR B 171 29.61 -30.29 11.84
CA THR B 171 29.86 -28.83 11.79
C THR B 171 30.64 -28.35 13.03
N ALA B 172 30.32 -28.86 14.21
CA ALA B 172 31.05 -28.52 15.43
C ALA B 172 32.47 -29.06 15.39
N MET B 173 32.64 -30.27 14.85
CA MET B 173 33.99 -30.83 14.65
C MET B 173 34.72 -30.00 13.60
N GLN B 174 34.01 -29.61 12.54
CA GLN B 174 34.62 -28.81 11.46
C GLN B 174 35.05 -27.42 11.96
N SER B 175 34.30 -26.84 12.90
CA SER B 175 34.67 -25.53 13.46
C SER B 175 35.81 -25.59 14.48
N LEU B 176 36.12 -26.79 14.97
CA LEU B 176 37.25 -26.96 15.89
C LEU B 176 38.56 -27.09 15.13
N GLY B 177 38.47 -27.27 13.82
CA GLY B 177 39.61 -27.51 12.94
C GLY B 177 39.69 -28.89 12.28
N LEU B 178 38.80 -29.80 12.63
CA LEU B 178 38.88 -31.18 12.14
C LEU B 178 38.33 -31.30 10.73
N SER B 179 39.01 -32.01 9.84
CA SER B 179 38.46 -32.29 8.52
C SER B 179 37.88 -33.71 8.50
N SER B 180 37.41 -34.11 7.32
CA SER B 180 36.96 -35.47 7.05
C SER B 180 38.16 -36.43 6.90
N LYS B 181 39.37 -35.90 6.80
CA LYS B 181 40.56 -36.75 6.79
C LYS B 181 40.88 -37.15 8.23
N ASP B 182 40.49 -36.31 9.18
CA ASP B 182 40.76 -36.54 10.60
C ASP B 182 39.72 -37.44 11.23
N VAL B 183 38.47 -36.97 11.23
CA VAL B 183 37.35 -37.66 11.87
C VAL B 183 36.34 -38.13 10.84
N GLY B 184 35.31 -38.81 11.32
CA GLY B 184 34.16 -39.18 10.49
C GLY B 184 33.00 -39.59 11.36
N VAL B 185 31.85 -39.88 10.75
CA VAL B 185 30.72 -40.46 11.48
C VAL B 185 30.29 -41.79 10.83
N LYS B 186 30.13 -42.82 11.66
CA LYS B 186 29.61 -44.12 11.24
C LYS B 186 28.09 -44.08 11.31
N ILE B 187 27.43 -44.80 10.41
CA ILE B 187 25.98 -44.89 10.42
C ILE B 187 25.54 -46.35 10.32
N ASN B 188 24.38 -46.62 10.92
CA ASN B 188 23.83 -47.95 11.04
C ASN B 188 22.36 -47.78 11.38
N SER B 189 21.63 -48.87 11.39
CA SER B 189 20.22 -48.82 11.71
C SER B 189 19.96 -50.05 12.55
N ARG B 190 19.14 -49.91 13.59
CA ARG B 190 18.77 -51.11 14.35
C ARG B 190 17.71 -51.94 13.62
N LYS B 191 17.01 -51.31 12.67
CA LYS B 191 16.04 -51.99 11.79
C LYS B 191 16.70 -53.05 10.93
N ILE B 192 17.95 -52.81 10.54
CA ILE B 192 18.74 -53.79 9.81
C ILE B 192 18.74 -55.10 10.58
N LEU B 193 19.13 -54.99 11.85
CA LEU B 193 19.38 -56.15 12.71
C LEU B 193 18.09 -56.77 13.18
N GLN B 194 17.10 -55.95 13.50
CA GLN B 194 15.81 -56.48 13.97
C GLN B 194 15.04 -57.24 12.88
N THR B 195 15.03 -56.73 11.65
CA THR B 195 14.24 -57.35 10.56
C THR B 195 14.89 -58.68 10.11
N VAL B 196 16.22 -58.72 10.06
CA VAL B 196 16.99 -59.97 9.89
C VAL B 196 16.45 -61.11 10.80
N VAL B 197 16.00 -60.75 11.99
CA VAL B 197 15.30 -61.70 12.86
C VAL B 197 13.82 -61.77 12.49
N GLU B 198 13.41 -62.94 11.99
CA GLU B 198 12.07 -63.14 11.49
C GLU B 198 11.71 -64.64 11.38
N ASP B 205 13.06 -61.74 22.05
CA ASP B 205 12.89 -60.31 21.87
C ASP B 205 14.12 -59.55 22.35
N LYS B 206 14.53 -59.83 23.58
CA LYS B 206 15.65 -59.11 24.22
C LYS B 206 17.01 -59.63 23.76
N PHE B 207 17.39 -59.26 22.54
CA PHE B 207 18.63 -59.75 21.93
C PHE B 207 19.71 -58.67 21.84
N ALA B 208 19.30 -57.48 21.38
CA ALA B 208 20.21 -56.34 21.14
C ALA B 208 21.24 -56.06 22.26
N PRO B 209 20.86 -56.28 23.55
CA PRO B 209 21.83 -56.19 24.65
C PRO B 209 23.10 -57.05 24.51
N VAL B 210 23.01 -58.21 23.86
CA VAL B 210 24.16 -59.11 23.71
C VAL B 210 25.22 -58.59 22.74
N CYS B 211 24.76 -57.95 21.66
CA CYS B 211 25.65 -57.42 20.62
C CYS B 211 26.62 -56.39 21.17
N VAL B 212 26.13 -55.52 22.04
CA VAL B 212 26.86 -54.35 22.53
C VAL B 212 28.20 -54.69 23.23
N ILE B 213 28.31 -55.89 23.78
CA ILE B 213 29.50 -56.30 24.58
C ILE B 213 30.79 -56.58 23.77
N VAL B 214 30.78 -56.37 22.45
CA VAL B 214 32.00 -56.45 21.63
C VAL B 214 31.93 -55.51 20.44
N PRO B 221 37.02 -61.02 19.94
CA PRO B 221 36.70 -62.41 19.68
C PRO B 221 35.27 -62.57 19.12
N ARG B 222 35.15 -63.22 17.97
CA ARG B 222 33.84 -63.46 17.36
C ARG B 222 33.09 -64.64 17.99
N GLU B 223 33.79 -65.46 18.79
CA GLU B 223 33.16 -66.60 19.47
C GLU B 223 32.53 -66.17 20.80
N GLU B 224 33.24 -65.33 21.55
CA GLU B 224 32.76 -64.86 22.87
C GLU B 224 31.34 -64.28 22.82
N VAL B 225 30.91 -63.86 21.63
CA VAL B 225 29.52 -63.54 21.37
C VAL B 225 28.72 -64.83 21.14
N VAL B 226 29.19 -65.66 20.21
CA VAL B 226 28.45 -66.85 19.76
C VAL B 226 27.80 -67.70 20.87
N ALA B 227 28.50 -67.87 21.99
CA ALA B 227 27.94 -68.61 23.13
C ALA B 227 26.88 -67.79 23.88
N GLN B 228 27.09 -66.48 23.94
CA GLN B 228 26.09 -65.55 24.50
C GLN B 228 24.89 -65.38 23.56
N LEU B 229 25.00 -65.86 22.32
CA LEU B 229 23.87 -65.91 21.39
C LEU B 229 23.10 -67.23 21.52
N ALA B 230 23.84 -68.34 21.45
CA ALA B 230 23.23 -69.66 21.55
C ALA B 230 22.67 -69.94 22.95
N ALA B 231 23.32 -69.40 23.99
CA ALA B 231 22.97 -69.72 25.37
C ALA B 231 21.64 -69.13 25.87
N ILE B 232 20.96 -68.34 25.03
CA ILE B 232 19.68 -67.75 25.41
C ILE B 232 18.54 -68.24 24.51
N GLY B 233 18.76 -69.37 23.84
CA GLY B 233 17.70 -70.02 23.06
C GLY B 233 17.65 -69.61 21.60
N LEU B 234 18.77 -69.74 20.91
CA LEU B 234 18.86 -69.48 19.48
C LEU B 234 19.69 -70.57 18.80
N GLU B 235 19.24 -71.03 17.64
CA GLU B 235 19.94 -72.08 16.89
C GLU B 235 21.17 -71.49 16.17
N SER B 236 22.09 -72.35 15.77
CA SER B 236 23.26 -71.93 14.97
C SER B 236 22.86 -71.05 13.80
N ASN B 237 21.89 -71.50 13.02
CA ASN B 237 21.44 -70.79 11.81
C ASN B 237 21.24 -69.26 11.96
N VAL B 238 20.70 -68.83 13.10
CA VAL B 238 20.45 -67.40 13.36
C VAL B 238 21.71 -66.65 13.79
N VAL B 239 22.59 -67.34 14.52
CA VAL B 239 23.88 -66.77 14.92
C VAL B 239 24.71 -66.43 13.68
N ASP B 240 24.53 -67.21 12.61
CA ASP B 240 25.25 -66.99 11.35
C ASP B 240 24.70 -65.73 10.64
N ALA B 241 23.41 -65.47 10.81
CA ALA B 241 22.80 -64.26 10.27
C ALA B 241 23.34 -63.02 10.97
N ILE B 242 23.17 -62.98 12.29
CA ILE B 242 23.58 -61.85 13.12
C ILE B 242 25.05 -61.51 12.94
N THR B 243 25.90 -62.54 12.97
CA THR B 243 27.34 -62.35 12.84
C THR B 243 27.70 -61.79 11.46
N SER B 244 27.09 -62.35 10.42
CA SER B 244 27.48 -62.02 9.04
C SER B 244 26.93 -60.67 8.58
N THR B 245 25.96 -60.12 9.32
CA THR B 245 25.38 -58.80 9.02
C THR B 245 26.15 -57.64 9.69
N LEU B 246 26.56 -57.83 10.95
CA LEU B 246 27.53 -56.96 11.61
C LEU B 246 28.83 -56.82 10.80
N SER B 247 29.17 -57.88 10.05
CA SER B 247 30.36 -57.90 9.17
C SER B 247 30.06 -57.38 7.77
N LEU B 248 29.28 -56.31 7.68
CA LEU B 248 29.02 -55.66 6.42
C LEU B 248 29.36 -54.17 6.54
N LYS B 249 30.04 -53.65 5.53
CA LYS B 249 30.53 -52.28 5.54
C LYS B 249 29.98 -51.44 4.39
N THR B 250 28.99 -51.97 3.64
CA THR B 250 28.36 -51.21 2.56
C THR B 250 26.85 -51.40 2.56
N ILE B 251 26.14 -50.33 2.19
CA ILE B 251 24.66 -50.36 2.09
C ILE B 251 24.19 -51.38 1.06
N ASP B 252 24.88 -51.45 -0.08
CA ASP B 252 24.55 -52.39 -1.13
C ASP B 252 24.50 -53.82 -0.60
N GLU B 253 25.40 -54.14 0.33
CA GLU B 253 25.43 -55.44 1.01
C GLU B 253 24.19 -55.68 1.90
N ILE B 254 23.63 -54.62 2.47
CA ILE B 254 22.41 -54.71 3.30
C ILE B 254 21.18 -54.90 2.44
N ALA B 255 21.14 -54.18 1.32
CA ALA B 255 19.99 -54.22 0.43
C ALA B 255 19.99 -55.51 -0.38
N GLN B 256 21.19 -56.04 -0.65
CA GLN B 256 21.36 -57.34 -1.33
C GLN B 256 21.13 -58.50 -0.34
N ARG B 257 20.17 -58.31 0.57
CA ARG B 257 20.08 -59.11 1.79
C ARG B 257 18.72 -58.95 2.45
N GLU B 261 14.70 -51.91 -1.04
CA GLU B 261 13.27 -51.56 -1.01
C GLU B 261 12.64 -51.62 0.40
N HIS B 262 13.43 -52.03 1.39
CA HIS B 262 12.98 -52.12 2.77
C HIS B 262 13.08 -50.76 3.46
N GLU B 263 12.26 -50.52 4.49
CA GLU B 263 12.30 -49.26 5.27
C GLU B 263 13.72 -48.83 5.64
N ALA B 264 14.51 -49.77 6.15
CA ALA B 264 15.88 -49.49 6.64
C ALA B 264 16.80 -48.90 5.57
N VAL B 265 16.74 -49.48 4.36
CA VAL B 265 17.61 -49.05 3.26
C VAL B 265 17.03 -47.89 2.47
N ARG B 266 15.70 -47.77 2.47
CA ARG B 266 15.06 -46.58 1.97
C ARG B 266 15.59 -45.40 2.74
N GLU B 267 15.61 -45.52 4.08
CA GLU B 267 16.10 -44.46 4.99
C GLU B 267 17.55 -44.19 4.77
N LEU B 268 18.36 -45.22 4.89
CA LEU B 268 19.79 -45.05 4.84
C LEU B 268 20.28 -44.42 3.52
N ARG B 269 19.55 -44.67 2.45
CA ARG B 269 19.85 -44.10 1.12
C ARG B 269 19.35 -42.64 1.03
N ASP B 270 18.23 -42.36 1.67
CA ASP B 270 17.71 -41.01 1.73
C ASP B 270 18.63 -40.15 2.65
N PHE B 271 19.03 -40.70 3.80
CA PHE B 271 19.96 -40.02 4.69
C PHE B 271 21.23 -39.69 3.94
N ILE B 272 22.01 -40.67 3.51
CA ILE B 272 23.23 -40.40 2.72
C ILE B 272 23.03 -39.34 1.63
N THR B 273 21.92 -39.45 0.90
CA THR B 273 21.59 -38.48 -0.14
C THR B 273 21.58 -37.11 0.49
N GLN B 274 20.72 -36.95 1.49
CA GLN B 274 20.55 -35.67 2.17
C GLN B 274 21.91 -35.15 2.67
N ILE B 275 22.63 -35.96 3.44
CA ILE B 275 23.94 -35.57 3.99
C ILE B 275 24.91 -35.08 2.91
N GLU B 276 25.00 -35.78 1.78
CA GLU B 276 25.82 -35.34 0.64
C GLU B 276 25.35 -34.00 0.07
N ALA B 277 24.03 -33.82 0.04
CA ALA B 277 23.42 -32.57 -0.45
C ALA B 277 23.76 -31.39 0.44
N TYR B 278 23.83 -31.64 1.76
CA TYR B 278 24.24 -30.61 2.71
C TYR B 278 25.75 -30.31 2.61
N GLY B 279 26.52 -31.32 2.24
CA GLY B 279 27.96 -31.15 1.96
C GLY B 279 28.88 -31.95 2.85
N PHE B 280 28.33 -32.95 3.56
CA PHE B 280 29.13 -33.76 4.48
C PHE B 280 29.19 -35.22 4.06
N GLY B 281 29.22 -35.45 2.75
CA GLY B 281 29.32 -36.81 2.20
C GLY B 281 30.62 -37.53 2.54
N ASP B 282 31.73 -36.80 2.50
CA ASP B 282 33.03 -37.37 2.82
C ASP B 282 33.22 -37.71 4.32
N TRP B 283 32.24 -37.33 5.15
CA TRP B 283 32.34 -37.49 6.60
C TRP B 283 31.64 -38.73 7.11
N VAL B 284 30.54 -39.12 6.46
CA VAL B 284 29.76 -40.27 6.91
C VAL B 284 30.23 -41.54 6.21
N ILE B 285 30.05 -42.68 6.87
CA ILE B 285 30.44 -43.97 6.34
C ILE B 285 29.54 -45.01 6.96
N PHE B 286 29.09 -46.00 6.20
CA PHE B 286 28.22 -47.00 6.77
C PHE B 286 29.03 -48.05 7.51
N ASP B 287 28.48 -48.51 8.62
CA ASP B 287 29.08 -49.56 9.43
C ASP B 287 27.96 -50.27 10.15
N ALA B 288 27.83 -51.57 9.93
CA ALA B 288 26.75 -52.35 10.54
C ALA B 288 27.07 -52.81 11.96
N SER B 289 28.29 -52.52 12.43
CA SER B 289 28.72 -52.89 13.78
C SER B 289 28.51 -51.78 14.84
N VAL B 290 27.86 -50.68 14.49
CA VAL B 290 27.57 -49.68 15.51
C VAL B 290 26.37 -50.15 16.28
N VAL B 291 26.65 -50.72 17.45
CA VAL B 291 25.63 -51.29 18.31
C VAL B 291 25.75 -50.73 19.72
N ARG B 292 26.24 -49.50 19.84
CA ARG B 292 26.35 -48.88 21.15
C ARG B 292 24.93 -48.54 21.63
N GLY B 293 24.49 -49.24 22.69
CA GLY B 293 23.18 -49.02 23.32
C GLY B 293 21.99 -49.19 22.39
N LEU B 294 22.16 -50.04 21.37
CA LEU B 294 21.18 -50.17 20.29
C LEU B 294 19.85 -50.77 20.78
N ALA B 295 19.85 -51.41 21.94
CA ALA B 295 18.59 -51.79 22.59
C ALA B 295 17.70 -50.57 22.82
N TYR B 296 18.31 -49.42 23.09
CA TYR B 296 17.59 -48.25 23.54
C TYR B 296 17.21 -47.30 22.38
N TYR B 297 17.74 -47.56 21.19
CA TYR B 297 17.36 -46.78 19.99
C TYR B 297 16.21 -47.44 19.20
N THR B 298 15.76 -46.78 18.12
CA THR B 298 14.62 -47.23 17.32
C THR B 298 14.91 -47.31 15.83
N GLY B 299 15.68 -46.33 15.34
CA GLY B 299 16.02 -46.25 13.92
C GLY B 299 17.51 -46.05 13.74
N ILE B 300 17.86 -45.00 13.01
CA ILE B 300 19.25 -44.78 12.68
C ILE B 300 19.99 -44.40 13.95
N VAL B 301 21.18 -44.95 14.11
CA VAL B 301 22.10 -44.60 15.19
C VAL B 301 23.39 -44.18 14.53
N PHE B 302 24.22 -43.41 15.23
CA PHE B 302 25.48 -42.95 14.65
C PHE B 302 26.55 -42.77 15.71
N GLU B 303 27.79 -42.57 15.27
CA GLU B 303 28.89 -42.54 16.20
C GLU B 303 30.09 -41.83 15.59
N GLY B 304 30.35 -40.61 16.07
CA GLY B 304 31.56 -39.89 15.74
C GLY B 304 32.80 -40.70 16.10
N PHE B 305 33.84 -40.58 15.28
CA PHE B 305 35.07 -41.30 15.52
C PHE B 305 36.21 -40.67 14.75
N ASP B 306 37.41 -40.83 15.30
CA ASP B 306 38.63 -40.36 14.67
C ASP B 306 39.07 -41.46 13.74
N ARG B 307 39.65 -41.09 12.60
CA ARG B 307 39.93 -42.06 11.55
C ARG B 307 41.21 -42.91 11.75
N ASP B 308 42.15 -42.42 12.54
CA ASP B 308 43.34 -43.19 12.86
C ASP B 308 43.11 -44.26 13.95
N GLY B 309 41.86 -44.43 14.39
CA GLY B 309 41.48 -45.54 15.28
C GLY B 309 42.05 -45.42 16.68
N ASN B 310 42.39 -44.20 17.09
CA ASN B 310 43.17 -44.01 18.31
C ASN B 310 42.34 -43.81 19.56
N PHE B 311 41.17 -43.20 19.41
CA PHE B 311 40.35 -42.84 20.57
C PHE B 311 39.00 -43.52 20.56
N ARG B 312 38.31 -43.46 21.71
CA ARG B 312 36.91 -43.89 21.84
C ARG B 312 35.99 -43.04 20.96
N ALA B 313 34.68 -43.20 21.12
CA ALA B 313 33.71 -42.48 20.27
C ALA B 313 33.63 -41.00 20.65
N LEU B 314 33.63 -40.15 19.64
CA LEU B 314 33.65 -38.71 19.85
C LEU B 314 32.28 -38.28 20.33
N CYS B 315 31.28 -38.47 19.48
CA CYS B 315 29.91 -38.25 19.88
C CYS B 315 29.11 -39.48 19.51
N GLY B 316 27.84 -39.48 19.89
CA GLY B 316 26.99 -40.63 19.62
C GLY B 316 25.52 -40.33 19.92
N GLY B 317 24.65 -40.94 19.12
CA GLY B 317 23.23 -40.71 19.23
C GLY B 317 22.46 -41.57 18.27
N GLY B 318 21.15 -41.36 18.21
CA GLY B 318 20.30 -42.06 17.25
C GLY B 318 18.87 -41.61 17.41
N ARG B 319 17.98 -42.30 16.70
CA ARG B 319 16.56 -42.05 16.83
C ARG B 319 15.99 -42.94 17.94
N TYR B 320 15.32 -42.34 18.92
CA TYR B 320 14.56 -43.09 19.96
C TYR B 320 13.11 -42.64 19.97
N ASP B 321 12.26 -43.31 19.19
CA ASP B 321 10.84 -42.97 19.10
C ASP B 321 10.10 -43.44 20.34
N ASN B 322 10.71 -44.36 21.09
CA ASN B 322 10.09 -44.91 22.31
C ASN B 322 10.47 -44.15 23.57
N LEU B 323 11.26 -43.09 23.41
CA LEU B 323 11.82 -42.36 24.57
C LEU B 323 10.75 -41.91 25.55
N LEU B 324 9.72 -41.24 25.04
CA LEU B 324 8.68 -40.71 25.89
C LEU B 324 7.72 -41.78 26.39
N THR B 325 7.45 -42.80 25.59
CA THR B 325 6.57 -43.89 26.04
C THR B 325 7.16 -44.59 27.25
N THR B 326 8.49 -44.76 27.26
CA THR B 326 9.19 -45.28 28.43
C THR B 326 8.82 -44.56 29.74
N TYR B 327 8.92 -43.23 29.74
CA TYR B 327 8.62 -42.43 30.94
C TYR B 327 7.12 -42.18 31.11
N GLY B 328 6.30 -42.97 30.42
CA GLY B 328 4.86 -43.04 30.67
C GLY B 328 4.01 -42.22 29.73
N SER B 329 4.51 -41.96 28.53
CA SER B 329 3.74 -41.18 27.57
C SER B 329 2.67 -42.07 26.95
N PRO B 330 1.42 -41.58 26.92
CA PRO B 330 0.38 -42.37 26.30
C PRO B 330 0.51 -42.33 24.78
N THR B 331 0.85 -41.15 24.26
CA THR B 331 0.99 -40.93 22.82
C THR B 331 2.48 -40.88 22.46
N ALA B 332 2.92 -41.82 21.64
CA ALA B 332 4.29 -41.83 21.12
C ALA B 332 4.67 -40.48 20.47
N VAL B 333 5.88 -40.00 20.76
CA VAL B 333 6.42 -38.81 20.13
C VAL B 333 7.81 -39.15 19.62
N PRO B 334 8.07 -38.87 18.33
CA PRO B 334 9.37 -39.15 17.72
C PRO B 334 10.49 -38.35 18.37
N CYS B 335 11.68 -38.94 18.33
CA CYS B 335 12.87 -38.30 18.90
C CYS B 335 14.13 -38.86 18.28
N VAL B 336 15.00 -37.94 17.87
CA VAL B 336 16.39 -38.25 17.59
C VAL B 336 17.25 -37.24 18.35
N GLY B 337 18.44 -37.68 18.76
CA GLY B 337 19.36 -36.81 19.48
C GLY B 337 20.71 -37.45 19.70
N PHE B 338 21.66 -36.66 20.19
CA PHE B 338 23.00 -37.17 20.43
C PHE B 338 23.71 -36.51 21.61
N GLY B 339 24.77 -37.16 22.07
CA GLY B 339 25.64 -36.62 23.11
C GLY B 339 27.04 -36.49 22.54
N PHE B 340 27.74 -35.43 22.95
CA PHE B 340 29.08 -35.08 22.44
C PHE B 340 29.90 -34.77 23.67
N GLY B 341 30.65 -35.73 24.17
CA GLY B 341 31.47 -35.50 25.36
C GLY B 341 32.46 -34.37 25.17
N ASP B 342 33.00 -33.86 26.29
CA ASP B 342 33.93 -32.74 26.28
C ASP B 342 35.36 -33.21 26.57
N CYS B 343 35.55 -34.52 26.60
CA CYS B 343 36.83 -35.08 26.97
CA CYS B 343 36.82 -35.13 26.99
C CYS B 343 37.57 -35.64 25.76
N VAL B 344 37.04 -36.70 25.14
CA VAL B 344 37.76 -37.34 24.04
C VAL B 344 38.07 -36.38 22.90
N ILE B 345 37.17 -35.44 22.65
CA ILE B 345 37.37 -34.47 21.57
C ILE B 345 38.60 -33.62 21.85
N VAL B 346 38.88 -33.39 23.12
CA VAL B 346 40.04 -32.59 23.49
C VAL B 346 41.35 -33.39 23.31
N GLU B 347 41.36 -34.64 23.78
CA GLU B 347 42.50 -35.54 23.55
C GLU B 347 42.84 -35.57 22.06
N LEU B 348 41.80 -35.73 21.23
CA LEU B 348 41.95 -35.73 19.77
C LEU B 348 42.51 -34.38 19.28
N LEU B 349 41.82 -33.30 19.59
CA LEU B 349 42.28 -31.97 19.16
C LEU B 349 43.75 -31.76 19.55
N ASN B 350 44.13 -32.27 20.73
CA ASN B 350 45.51 -32.23 21.19
C ASN B 350 46.45 -33.01 20.26
N GLU B 351 46.12 -34.24 19.93
CA GLU B 351 46.99 -35.06 19.09
C GLU B 351 47.23 -34.47 17.69
N LYS B 352 46.18 -33.87 17.12
CA LYS B 352 46.23 -33.29 15.78
C LYS B 352 46.74 -31.84 15.81
N LYS B 353 47.04 -31.36 17.01
CA LYS B 353 47.59 -30.01 17.23
C LYS B 353 46.61 -28.89 16.86
N LEU B 354 45.37 -29.01 17.32
CA LEU B 354 44.29 -28.10 16.95
C LEU B 354 43.83 -27.25 18.14
N LEU B 355 44.44 -27.45 19.30
CA LEU B 355 44.03 -26.74 20.49
C LEU B 355 44.63 -25.34 20.41
N PRO B 356 43.82 -24.30 20.68
CA PRO B 356 44.25 -22.91 20.55
C PRO B 356 44.99 -22.36 21.78
N GLU B 357 45.75 -21.29 21.55
CA GLU B 357 46.50 -20.60 22.61
C GLU B 357 45.72 -19.42 23.17
N LEU B 358 44.82 -19.69 24.10
CA LEU B 358 43.91 -18.69 24.59
C LEU B 358 44.60 -17.86 25.66
N HIS B 359 44.33 -16.55 25.65
CA HIS B 359 44.87 -15.62 26.65
C HIS B 359 43.82 -14.73 27.28
N HIS B 360 43.98 -14.44 28.56
CA HIS B 360 43.28 -13.32 29.18
C HIS B 360 43.78 -12.03 28.52
N VAL B 361 42.86 -11.27 27.93
CA VAL B 361 43.18 -10.01 27.29
C VAL B 361 42.24 -8.92 27.81
N VAL B 362 42.81 -7.73 28.01
CA VAL B 362 42.07 -6.57 28.44
C VAL B 362 42.45 -5.40 27.53
N ASP B 363 41.51 -4.54 27.16
CA ASP B 363 41.81 -3.45 26.23
C ASP B 363 42.72 -2.40 26.85
N ASP B 364 42.42 -1.98 28.09
CA ASP B 364 43.08 -0.85 28.74
C ASP B 364 43.54 -1.14 30.17
N LEU B 365 44.73 -0.68 30.49
CA LEU B 365 45.16 -0.59 31.88
C LEU B 365 45.27 0.90 32.21
N VAL B 366 44.46 1.38 33.15
CA VAL B 366 44.52 2.79 33.53
C VAL B 366 45.55 2.93 34.61
N ILE B 367 46.50 3.84 34.40
CA ILE B 367 47.63 4.01 35.30
C ILE B 367 47.56 5.40 35.89
N PRO B 368 47.30 5.49 37.21
CA PRO B 368 47.49 6.74 37.92
C PRO B 368 48.98 7.06 38.13
N PHE B 369 49.35 8.32 37.93
CA PHE B 369 50.73 8.76 38.14
C PHE B 369 51.11 8.55 39.58
N ASP B 370 50.17 8.87 40.45
CA ASP B 370 50.29 8.62 41.88
C ASP B 370 48.88 8.55 42.47
N GLU B 371 48.79 8.43 43.79
CA GLU B 371 47.50 8.25 44.46
C GLU B 371 46.61 9.50 44.47
N THR B 372 47.20 10.66 44.18
CA THR B 372 46.42 11.90 44.08
C THR B 372 45.61 11.88 42.77
N MET B 373 46.11 11.15 41.78
CA MET B 373 45.43 11.03 40.48
C MET B 373 44.43 9.87 40.38
N ARG B 374 44.17 9.20 41.48
CA ARG B 374 43.29 8.04 41.50
C ARG B 374 41.84 8.39 41.17
N PRO B 375 41.26 9.40 41.84
CA PRO B 375 39.87 9.77 41.51
C PRO B 375 39.65 10.00 40.02
N HIS B 376 40.57 10.71 39.38
CA HIS B 376 40.49 11.04 37.97
C HIS B 376 40.77 9.81 37.09
N ALA B 377 41.65 8.93 37.56
CA ALA B 377 41.85 7.66 36.86
C ALA B 377 40.51 6.95 36.86
N LEU B 378 39.93 6.80 38.05
CA LEU B 378 38.63 6.15 38.18
C LEU B 378 37.66 6.69 37.16
N SER B 379 37.61 8.02 37.02
CA SER B 379 36.63 8.64 36.11
C SER B 379 36.83 8.24 34.64
N ILE B 380 38.07 7.98 34.26
CA ILE B 380 38.39 7.57 32.90
C ILE B 380 38.03 6.12 32.75
N LEU B 381 38.31 5.36 33.79
CA LEU B 381 37.97 3.94 33.86
C LEU B 381 36.49 3.76 33.55
N ARG B 382 35.65 4.55 34.20
CA ARG B 382 34.20 4.57 33.97
C ARG B 382 33.94 4.81 32.48
N ARG B 383 34.51 5.88 31.94
CA ARG B 383 34.36 6.21 30.50
C ARG B 383 34.67 5.05 29.57
N LEU B 384 35.80 4.38 29.80
CA LEU B 384 36.27 3.31 28.94
C LEU B 384 35.29 2.16 28.97
N ARG B 385 34.96 1.71 30.17
CA ARG B 385 34.01 0.60 30.36
C ARG B 385 32.63 0.96 29.86
N ASP B 386 32.24 2.21 30.04
CA ASP B 386 31.00 2.72 29.46
C ASP B 386 31.07 2.71 27.94
N ALA B 387 32.23 3.03 27.38
CA ALA B 387 32.42 3.04 25.93
C ALA B 387 32.45 1.64 25.31
N GLY B 388 32.22 0.59 26.10
CA GLY B 388 32.18 -0.78 25.58
C GLY B 388 33.49 -1.57 25.70
N ARG B 389 34.60 -0.88 25.96
CA ARG B 389 35.91 -1.54 26.08
C ARG B 389 36.02 -2.25 27.41
N SER B 390 37.00 -3.14 27.54
CA SER B 390 37.33 -3.74 28.81
C SER B 390 38.56 -3.02 29.39
N ALA B 391 38.46 -2.50 30.61
CA ALA B 391 39.57 -1.82 31.26
C ALA B 391 39.91 -2.44 32.62
N ASP B 392 41.12 -2.20 33.08
CA ASP B 392 41.50 -2.48 34.46
C ASP B 392 42.20 -1.24 35.01
N ILE B 393 42.73 -1.35 36.22
CA ILE B 393 43.36 -0.22 36.88
C ILE B 393 44.42 -0.72 37.82
N VAL B 394 45.38 0.15 38.13
CA VAL B 394 46.40 -0.14 39.12
C VAL B 394 45.75 0.08 40.46
N PHE B 395 45.75 -0.93 41.31
CA PHE B 395 44.96 -0.86 42.54
C PHE B 395 45.75 -0.26 43.67
N ASP B 396 46.89 -0.89 43.97
CA ASP B 396 47.84 -0.43 44.98
C ASP B 396 48.82 0.65 44.42
N LYS B 397 49.72 1.13 45.28
CA LYS B 397 50.81 2.04 44.88
C LYS B 397 51.85 1.28 44.10
N LYS B 398 52.15 1.74 42.89
CA LYS B 398 53.12 1.09 42.03
C LYS B 398 53.97 2.17 41.39
N LYS B 399 55.17 1.79 40.97
CA LYS B 399 55.97 2.64 40.10
C LYS B 399 55.43 2.47 38.67
N VAL B 400 55.79 3.38 37.76
CA VAL B 400 55.26 3.31 36.40
C VAL B 400 55.76 2.06 35.65
N VAL B 401 57.07 1.79 35.72
CA VAL B 401 57.66 0.66 34.99
C VAL B 401 57.19 -0.66 35.58
N GLN B 402 56.73 -0.61 36.82
CA GLN B 402 56.09 -1.73 37.47
C GLN B 402 54.67 -1.86 36.96
N ALA B 403 54.01 -0.71 36.82
CA ALA B 403 52.66 -0.67 36.30
C ALA B 403 52.59 -1.17 34.86
N PHE B 404 53.55 -0.76 34.04
CA PHE B 404 53.63 -1.19 32.65
C PHE B 404 53.86 -2.70 32.55
N ASN B 405 54.65 -3.25 33.47
CA ASN B 405 54.81 -4.70 33.53
C ASN B 405 53.50 -5.42 33.76
N TYR B 406 52.73 -4.92 34.72
CA TYR B 406 51.43 -5.49 35.02
C TYR B 406 50.54 -5.41 33.78
N ALA B 407 50.61 -4.29 33.05
CA ALA B 407 49.85 -4.11 31.82
C ALA B 407 50.08 -5.26 30.85
N ASP B 408 51.35 -5.51 30.54
CA ASP B 408 51.73 -6.58 29.63
C ASP B 408 51.41 -7.92 30.26
N ARG B 409 51.70 -8.04 31.55
CA ARG B 409 51.51 -9.29 32.29
C ARG B 409 50.04 -9.72 32.44
N ILE B 410 49.10 -8.96 31.88
CA ILE B 410 47.68 -9.29 32.03
C ILE B 410 46.81 -9.21 30.76
N GLY B 411 47.33 -8.67 29.67
CA GLY B 411 46.57 -8.61 28.42
C GLY B 411 46.89 -7.39 27.60
N ALA B 412 47.08 -6.27 28.30
CA ALA B 412 47.69 -5.08 27.71
C ALA B 412 46.79 -4.37 26.71
N LEU B 413 47.08 -4.57 25.42
CA LEU B 413 46.56 -3.75 24.33
C LEU B 413 46.87 -2.25 24.43
N ARG B 414 46.49 -1.61 25.54
CA ARG B 414 46.72 -0.17 25.72
C ARG B 414 46.88 0.28 27.18
N ALA B 415 47.91 1.08 27.44
CA ALA B 415 48.05 1.76 28.73
C ALA B 415 47.50 3.17 28.62
N VAL B 416 47.03 3.70 29.75
CA VAL B 416 46.52 5.06 29.83
C VAL B 416 47.15 5.70 31.06
N LEU B 417 48.19 6.48 30.85
CA LEU B 417 48.83 7.20 31.95
C LEU B 417 47.95 8.41 32.25
N VAL B 418 47.65 8.61 33.52
CA VAL B 418 46.79 9.72 33.96
C VAL B 418 47.53 10.63 34.91
N ALA B 419 48.42 11.46 34.36
CA ALA B 419 49.28 12.33 35.14
C ALA B 419 48.73 13.75 35.17
N PRO B 420 49.12 14.55 36.20
CA PRO B 420 48.49 15.85 36.46
C PRO B 420 48.76 16.92 35.40
N ASP B 421 50.01 17.05 34.95
CA ASP B 421 50.37 17.97 33.85
C ASP B 421 49.43 17.87 32.65
N GLU B 422 49.22 16.64 32.19
CA GLU B 422 48.38 16.37 31.03
C GLU B 422 46.89 16.57 31.37
N TRP B 423 46.50 16.13 32.57
CA TRP B 423 45.11 16.23 33.02
C TRP B 423 44.66 17.69 33.14
N ALA B 424 45.54 18.54 33.67
CA ALA B 424 45.28 19.97 33.75
C ALA B 424 44.91 20.59 32.40
N ARG B 425 45.65 20.24 31.35
CA ARG B 425 45.36 20.70 30.00
C ARG B 425 44.31 19.81 29.31
N GLY B 426 43.52 19.08 30.10
CA GLY B 426 42.45 18.22 29.59
C GLY B 426 42.95 17.07 28.73
N GLU B 427 43.99 16.38 29.19
CA GLU B 427 44.66 15.38 28.35
C GLU B 427 45.13 14.14 29.13
N VAL B 428 45.43 13.08 28.39
CA VAL B 428 45.99 11.85 28.96
C VAL B 428 47.11 11.30 28.06
N ARG B 429 47.86 10.33 28.59
CA ARG B 429 48.99 9.71 27.88
C ARG B 429 48.64 8.27 27.51
N VAL B 430 48.64 7.97 26.21
CA VAL B 430 48.22 6.66 25.71
C VAL B 430 49.39 5.94 25.04
N LYS B 431 49.83 4.83 25.62
CA LYS B 431 50.91 4.02 25.07
C LYS B 431 50.40 2.65 24.65
N MET B 432 50.47 2.37 23.34
CA MET B 432 50.04 1.09 22.78
C MET B 432 51.15 0.04 22.86
N LEU B 433 50.83 -1.14 23.39
CA LEU B 433 51.78 -2.24 23.46
C LEU B 433 51.65 -3.09 22.19
N ARG B 434 51.78 -2.44 21.03
CA ARG B 434 51.61 -3.09 19.73
C ARG B 434 52.84 -3.91 19.36
N GLY B 447 55.24 8.52 24.75
CA GLY B 447 53.80 8.64 25.01
C GLY B 447 53.05 9.31 23.87
N ILE B 448 51.76 9.54 24.09
CA ILE B 448 50.92 10.29 23.14
C ILE B 448 49.78 11.01 23.89
N VAL B 449 49.63 12.31 23.66
CA VAL B 449 48.61 13.12 24.33
C VAL B 449 47.27 13.04 23.61
N LEU B 450 46.17 12.92 24.36
CA LEU B 450 44.82 12.83 23.79
C LEU B 450 43.79 13.40 24.78
N PRO B 451 42.63 13.89 24.26
CA PRO B 451 41.47 14.28 25.08
C PRO B 451 40.73 13.17 25.89
N VAL B 452 40.25 12.06 25.32
CA VAL B 452 40.44 11.62 23.92
C VAL B 452 39.18 11.70 23.06
N ASP B 453 38.03 11.94 23.70
CA ASP B 453 36.76 12.06 23.00
C ASP B 453 35.61 12.25 24.00
N MET C 26 -44.39 -2.01 -8.39
CA MET C 26 -42.92 -2.01 -8.07
C MET C 26 -42.71 -1.66 -6.61
N VAL C 27 -41.68 -2.24 -5.99
CA VAL C 27 -41.44 -2.00 -4.56
C VAL C 27 -40.84 -0.63 -4.36
N GLU C 28 -40.88 -0.15 -3.11
CA GLU C 28 -40.24 1.11 -2.75
C GLU C 28 -38.78 1.01 -3.10
N THR C 29 -38.38 1.69 -4.18
CA THR C 29 -36.99 1.65 -4.64
C THR C 29 -36.05 2.53 -3.79
N GLU C 30 -36.61 3.49 -3.07
CA GLU C 30 -35.82 4.26 -2.10
C GLU C 30 -35.53 3.41 -0.86
N PRO C 31 -34.44 3.72 -0.14
CA PRO C 31 -34.11 3.00 1.09
C PRO C 31 -34.93 3.46 2.28
N VAL C 32 -34.93 2.66 3.34
CA VAL C 32 -35.63 3.04 4.58
C VAL C 32 -35.30 4.47 4.96
N GLN C 33 -36.34 5.25 5.28
CA GLN C 33 -36.20 6.69 5.56
C GLN C 33 -34.95 6.98 6.38
N GLY C 34 -34.23 8.03 5.98
CA GLY C 34 -33.02 8.46 6.67
C GLY C 34 -31.81 7.56 6.53
N CYS C 35 -31.81 6.65 5.56
CA CYS C 35 -30.64 5.78 5.37
C CYS C 35 -30.13 5.89 3.94
N ARG C 36 -28.84 5.65 3.76
CA ARG C 36 -28.19 5.91 2.50
C ARG C 36 -27.84 4.65 1.71
N ASP C 37 -28.23 4.64 0.44
CA ASP C 37 -27.67 3.68 -0.49
C ASP C 37 -26.28 4.16 -0.91
N PHE C 38 -25.35 3.23 -1.02
CA PHE C 38 -24.03 3.52 -1.59
C PHE C 38 -23.85 2.78 -2.92
N PRO C 39 -24.50 3.27 -3.99
CA PRO C 39 -24.06 2.77 -5.28
C PRO C 39 -22.60 3.19 -5.57
N PRO C 40 -21.95 2.53 -6.54
CA PRO C 40 -20.54 2.75 -6.83
C PRO C 40 -20.07 4.20 -6.91
N GLU C 41 -20.87 5.09 -7.49
CA GLU C 41 -20.54 6.52 -7.47
C GLU C 41 -20.36 7.03 -6.03
N THR C 42 -21.27 6.63 -5.15
CA THR C 42 -21.27 7.06 -3.75
C THR C 42 -20.28 6.29 -2.90
N MET C 43 -20.26 4.97 -3.07
CA MET C 43 -19.44 4.07 -2.23
C MET C 43 -17.98 4.41 -2.41
N ARG C 44 -17.65 4.85 -3.61
CA ARG C 44 -16.27 5.14 -3.97
C ARG C 44 -15.72 6.34 -3.19
N LEU C 45 -16.61 7.30 -2.91
CA LEU C 45 -16.33 8.48 -2.06
C LEU C 45 -16.25 8.06 -0.59
N ARG C 46 -17.10 7.13 -0.18
CA ARG C 46 -17.07 6.66 1.20
C ARG C 46 -15.77 5.88 1.47
N LYS C 47 -15.34 5.14 0.47
CA LYS C 47 -14.12 4.36 0.57
C LYS C 47 -12.90 5.31 0.55
N TYR C 48 -13.07 6.47 -0.07
CA TYR C 48 -12.01 7.50 -0.08
C TYR C 48 -11.85 8.10 1.33
N LEU C 49 -12.96 8.38 1.99
CA LEU C 49 -12.93 8.90 3.34
C LEU C 49 -12.32 7.88 4.30
N PHE C 50 -12.88 6.66 4.27
CA PHE C 50 -12.51 5.59 5.21
C PHE C 50 -11.06 5.12 5.04
N ASP C 51 -10.55 5.22 3.81
CA ASP C 51 -9.12 4.98 3.59
C ASP C 51 -8.30 6.01 4.34
N VAL C 52 -8.73 7.27 4.34
CA VAL C 52 -8.03 8.27 5.14
C VAL C 52 -8.05 7.92 6.62
N PHE C 53 -9.17 7.36 7.09
CA PHE C 53 -9.29 6.94 8.49
C PHE C 53 -8.37 5.77 8.77
N HIS C 54 -8.47 4.72 7.95
CA HIS C 54 -7.57 3.56 8.09
C HIS C 54 -6.12 4.01 8.06
N SER C 55 -5.75 4.82 7.07
CA SER C 55 -4.35 5.17 6.85
C SER C 55 -3.75 5.97 8.00
N THR C 56 -4.52 6.92 8.51
CA THR C 56 -4.10 7.67 9.68
C THR C 56 -3.93 6.71 10.86
N ALA C 57 -4.87 5.79 11.06
CA ALA C 57 -4.81 4.84 12.19
C ALA C 57 -3.63 3.92 12.09
N ARG C 58 -3.30 3.52 10.87
CA ARG C 58 -2.18 2.62 10.65
C ARG C 58 -0.92 3.38 11.01
N LYS C 59 -0.75 4.54 10.38
CA LYS C 59 0.41 5.39 10.64
C LYS C 59 0.56 5.67 12.13
N PHE C 60 -0.57 5.93 12.79
CA PHE C 60 -0.59 6.15 14.24
C PHE C 60 -0.55 4.84 15.06
N GLY C 61 -0.32 3.71 14.39
CA GLY C 61 -0.15 2.45 15.09
C GLY C 61 -1.36 2.01 15.90
N PHE C 62 -2.56 2.35 15.43
CA PHE C 62 -3.79 1.81 16.02
C PHE C 62 -4.24 0.50 15.32
N GLU C 63 -4.91 -0.36 16.10
CA GLU C 63 -5.49 -1.63 15.60
C GLU C 63 -6.99 -1.55 15.39
N GLU C 64 -7.49 -2.13 14.31
CA GLU C 64 -8.92 -2.06 14.06
C GLU C 64 -9.68 -3.05 14.91
N TYR C 65 -10.88 -2.68 15.34
CA TYR C 65 -11.78 -3.64 16.00
C TYR C 65 -13.18 -3.50 15.42
N ASP C 66 -13.99 -4.55 15.63
CA ASP C 66 -15.43 -4.47 15.39
C ASP C 66 -16.25 -5.28 16.41
N SER C 67 -17.57 -5.10 16.38
CA SER C 67 -18.49 -5.76 17.27
C SER C 67 -19.89 -5.55 16.71
N PRO C 68 -20.89 -6.31 17.17
CA PRO C 68 -22.19 -6.29 16.47
C PRO C 68 -22.87 -4.95 16.49
N VAL C 69 -23.65 -4.66 15.44
CA VAL C 69 -24.51 -3.49 15.39
C VAL C 69 -25.61 -3.77 16.37
N LEU C 70 -25.85 -5.05 16.62
CA LEU C 70 -26.86 -5.49 17.59
C LEU C 70 -26.26 -5.67 19.00
N GLU C 71 -26.67 -4.81 19.92
CA GLU C 71 -26.19 -4.91 21.29
C GLU C 71 -27.32 -4.90 22.31
N SER C 72 -27.05 -5.43 23.49
CA SER C 72 -28.05 -5.52 24.55
C SER C 72 -28.53 -4.13 24.96
N GLU C 73 -29.82 -4.01 25.17
CA GLU C 73 -30.42 -2.74 25.60
C GLU C 73 -29.71 -2.19 26.86
N GLU C 74 -29.69 -2.98 27.93
CA GLU C 74 -29.04 -2.59 29.19
C GLU C 74 -27.72 -1.82 28.99
N LEU C 75 -26.93 -2.24 28.02
CA LEU C 75 -25.64 -1.61 27.76
C LEU C 75 -25.76 -0.09 27.68
N TYR C 76 -26.77 0.39 26.96
CA TYR C 76 -26.90 1.83 26.69
C TYR C 76 -27.66 2.56 27.78
N ILE C 77 -28.66 1.88 28.37
CA ILE C 77 -29.45 2.41 29.48
C ILE C 77 -28.59 2.65 30.73
N ARG C 78 -27.58 1.81 30.93
CA ARG C 78 -26.61 1.97 32.02
C ARG C 78 -25.73 3.19 31.80
N LYS C 79 -25.61 3.65 30.55
CA LYS C 79 -24.86 4.85 30.23
C LYS C 79 -25.67 6.11 30.54
N ALA C 80 -26.88 6.21 29.97
CA ALA C 80 -27.65 7.48 29.97
C ALA C 80 -29.06 7.43 30.59
N GLY C 81 -29.52 6.26 31.02
CA GLY C 81 -30.84 6.13 31.66
C GLY C 81 -31.94 5.67 30.70
N GLU C 82 -33.12 5.40 31.24
CA GLU C 82 -34.24 4.80 30.47
C GLU C 82 -34.71 5.66 29.30
N GLU C 83 -34.46 6.97 29.38
CA GLU C 83 -34.87 7.93 28.33
C GLU C 83 -34.40 7.58 26.91
N ILE C 84 -33.21 6.97 26.81
CA ILE C 84 -32.60 6.69 25.50
C ILE C 84 -33.27 5.55 24.76
N THR C 85 -34.05 4.74 25.48
CA THR C 85 -34.85 3.69 24.83
C THR C 85 -35.70 4.26 23.68
N GLU C 86 -36.20 5.47 23.89
CA GLU C 86 -37.10 6.13 22.94
C GLU C 86 -36.39 6.83 21.77
N GLN C 87 -35.07 6.89 21.79
CA GLN C 87 -34.29 7.54 20.73
C GLN C 87 -33.44 6.57 19.91
N MET C 88 -33.72 5.27 20.03
CA MET C 88 -32.99 4.25 19.27
C MET C 88 -33.94 3.13 18.80
N PHE C 89 -33.40 2.19 18.03
CA PHE C 89 -34.18 1.11 17.43
C PHE C 89 -34.16 -0.14 18.32
N ASN C 90 -35.24 -0.37 19.07
CA ASN C 90 -35.35 -1.51 20.01
C ASN C 90 -36.13 -2.66 19.42
N PHE C 91 -35.96 -3.84 20.00
CA PHE C 91 -36.90 -4.96 19.78
C PHE C 91 -36.64 -6.13 20.74
N ILE C 92 -37.40 -7.21 20.56
CA ILE C 92 -37.32 -8.40 21.43
C ILE C 92 -37.00 -9.64 20.60
N THR C 93 -36.55 -10.70 21.28
CA THR C 93 -36.33 -12.01 20.69
C THR C 93 -37.20 -13.05 21.41
N HIS C 97 -35.80 -10.84 26.26
CA HIS C 97 -34.42 -10.42 25.97
C HIS C 97 -34.38 -9.25 24.96
N ARG C 98 -33.99 -8.07 25.43
CA ARG C 98 -34.10 -6.83 24.64
C ARG C 98 -32.77 -6.36 24.06
N VAL C 99 -32.85 -5.80 22.86
CA VAL C 99 -31.67 -5.48 22.07
C VAL C 99 -31.91 -4.20 21.25
N ALA C 100 -30.84 -3.46 20.96
CA ALA C 100 -30.95 -2.24 20.17
C ALA C 100 -29.89 -2.17 19.08
N LEU C 101 -30.17 -1.38 18.03
CA LEU C 101 -29.13 -0.98 17.06
C LEU C 101 -28.41 0.23 17.63
N ARG C 102 -27.12 0.06 17.88
CA ARG C 102 -26.32 1.01 18.64
C ARG C 102 -26.35 2.44 18.10
N PRO C 103 -26.60 3.43 18.96
CA PRO C 103 -26.50 4.83 18.56
C PRO C 103 -25.08 5.37 18.65
N GLU C 104 -24.25 4.75 19.50
CA GLU C 104 -22.85 5.12 19.64
C GLU C 104 -22.02 3.87 19.88
N MET C 105 -20.74 3.95 19.51
CA MET C 105 -19.83 2.82 19.53
C MET C 105 -19.10 2.60 20.86
N THR C 106 -18.80 3.68 21.58
CA THR C 106 -17.96 3.60 22.80
C THR C 106 -18.43 2.55 23.82
N PRO C 107 -19.75 2.43 24.04
CA PRO C 107 -20.26 1.39 24.95
C PRO C 107 -19.81 -0.06 24.64
N SER C 108 -19.64 -0.40 23.37
CA SER C 108 -19.15 -1.73 23.02
C SER C 108 -17.65 -1.84 23.24
N LEU C 109 -16.93 -0.75 23.04
CA LEU C 109 -15.50 -0.76 23.34
C LEU C 109 -15.32 -1.18 24.78
N ALA C 110 -16.11 -0.55 25.65
CA ALA C 110 -16.18 -0.87 27.07
C ALA C 110 -16.35 -2.37 27.27
N ARG C 111 -17.46 -2.90 26.77
CA ARG C 111 -17.76 -4.33 26.83
C ARG C 111 -16.64 -5.26 26.37
N GLN C 112 -15.99 -4.93 25.26
CA GLN C 112 -14.86 -5.74 24.76
C GLN C 112 -13.65 -5.64 25.67
N LEU C 113 -13.28 -4.42 26.06
CA LEU C 113 -12.15 -4.19 26.94
C LEU C 113 -12.36 -4.92 28.26
N LEU C 114 -13.59 -4.97 28.73
CA LEU C 114 -13.91 -5.64 29.98
C LEU C 114 -13.81 -7.15 29.83
N ALA C 115 -14.38 -7.66 28.74
CA ALA C 115 -14.29 -9.09 28.42
C ALA C 115 -12.84 -9.58 28.53
N LYS C 116 -11.90 -8.83 27.95
CA LYS C 116 -10.48 -9.20 27.99
C LYS C 116 -9.85 -9.10 29.37
N GLY C 117 -10.45 -8.32 30.27
CA GLY C 117 -10.01 -8.24 31.67
C GLY C 117 -8.57 -7.78 31.82
N ARG C 118 -7.86 -8.41 32.74
CA ARG C 118 -6.44 -8.08 33.00
C ARG C 118 -5.49 -8.65 31.95
N SER C 119 -6.01 -9.38 30.97
CA SER C 119 -5.20 -9.94 29.89
C SER C 119 -5.01 -8.96 28.74
N LEU C 120 -5.74 -7.84 28.76
CA LEU C 120 -5.58 -6.80 27.74
C LEU C 120 -4.26 -6.08 27.99
N LEU C 121 -3.40 -6.09 26.98
CA LEU C 121 -2.06 -5.54 27.07
C LEU C 121 -2.13 -4.03 26.92
N LEU C 122 -1.74 -3.31 27.96
CA LEU C 122 -1.80 -1.85 27.99
C LEU C 122 -0.42 -1.25 27.71
N PRO C 123 -0.35 -0.13 26.98
CA PRO C 123 -1.45 0.61 26.38
C PRO C 123 -1.97 -0.05 25.12
N ALA C 124 -3.27 0.11 24.90
CA ALA C 124 -3.98 -0.45 23.75
C ALA C 124 -4.50 0.72 22.91
N LYS C 125 -4.31 0.65 21.60
CA LYS C 125 -4.73 1.72 20.68
C LYS C 125 -5.67 1.14 19.62
N TRP C 126 -6.96 1.25 19.91
CA TRP C 126 -8.03 0.59 19.15
C TRP C 126 -8.80 1.62 18.33
N TYR C 127 -9.28 1.21 17.16
CA TYR C 127 -10.08 2.10 16.31
C TYR C 127 -11.10 1.32 15.50
N SER C 128 -12.23 1.94 15.19
CA SER C 128 -13.26 1.29 14.39
C SER C 128 -14.03 2.30 13.57
N ILE C 129 -14.71 1.83 12.53
CA ILE C 129 -15.48 2.71 11.67
C ILE C 129 -16.91 2.24 11.61
N PRO C 130 -17.55 2.03 12.77
CA PRO C 130 -18.87 1.39 12.86
C PRO C 130 -19.98 2.23 12.34
N GLN C 131 -21.02 1.59 11.83
CA GLN C 131 -22.23 2.28 11.47
C GLN C 131 -22.95 2.39 12.79
N CYS C 132 -23.64 3.50 13.00
CA CYS C 132 -24.43 3.71 14.20
C CYS C 132 -25.82 4.18 13.82
N TRP C 133 -26.79 3.83 14.66
CA TRP C 133 -28.20 4.01 14.35
C TRP C 133 -28.88 4.74 15.46
N ARG C 134 -29.54 5.85 15.13
CA ARG C 134 -30.29 6.63 16.10
C ARG C 134 -31.65 6.96 15.52
N TYR C 135 -32.71 6.71 16.28
CA TYR C 135 -34.07 7.00 15.85
C TYR C 135 -34.35 8.47 16.14
N GLU C 136 -34.49 9.26 15.07
CA GLU C 136 -34.75 10.70 15.13
C GLU C 136 -35.54 11.16 13.89
N ALA C 137 -35.92 12.44 13.87
CA ALA C 137 -36.55 13.07 12.69
C ALA C 137 -35.52 13.29 11.58
N ILE C 138 -36.01 13.47 10.35
CA ILE C 138 -35.14 13.51 9.17
C ILE C 138 -34.99 14.91 8.58
N THR C 139 -36.11 15.55 8.23
CA THR C 139 -36.07 16.90 7.65
C THR C 139 -35.83 18.00 8.69
N ARG C 140 -35.43 17.62 9.90
CA ARG C 140 -34.96 18.57 10.91
C ARG C 140 -33.58 18.16 11.41
N GLY C 141 -32.57 18.34 10.56
CA GLY C 141 -31.16 18.10 10.93
C GLY C 141 -30.61 16.70 10.67
N ARG C 142 -30.62 15.85 11.70
CA ARG C 142 -29.95 14.53 11.65
C ARG C 142 -30.64 13.50 10.74
N ARG C 143 -29.96 12.39 10.46
CA ARG C 143 -30.39 11.46 9.41
C ARG C 143 -30.34 9.99 9.82
N ARG C 144 -30.79 9.65 11.02
CA ARG C 144 -30.94 8.24 11.47
C ARG C 144 -29.70 7.30 11.43
N GLU C 145 -28.92 7.35 10.34
CA GLU C 145 -27.79 6.45 10.13
C GLU C 145 -26.54 7.26 9.82
N HIS C 146 -25.42 6.93 10.46
CA HIS C 146 -24.13 7.56 10.15
C HIS C 146 -22.95 6.63 10.45
N TYR C 147 -21.92 6.65 9.60
CA TYR C 147 -20.66 5.97 9.92
C TYR C 147 -19.77 6.95 10.68
N GLN C 148 -18.87 6.40 11.48
CA GLN C 148 -18.12 7.17 12.47
C GLN C 148 -16.76 6.55 12.82
N TRP C 149 -15.70 7.30 12.57
CA TRP C 149 -14.36 6.86 12.94
C TRP C 149 -14.21 6.97 14.45
N ASN C 150 -14.19 5.84 15.14
CA ASN C 150 -13.79 5.83 16.55
C ASN C 150 -12.30 5.61 16.71
N MET C 151 -11.74 6.13 17.78
CA MET C 151 -10.30 6.18 18.00
C MET C 151 -10.04 6.32 19.48
N ASP C 152 -9.43 5.32 20.08
CA ASP C 152 -9.28 5.25 21.54
C ASP C 152 -7.92 4.69 21.94
N ILE C 153 -7.26 5.38 22.85
CA ILE C 153 -6.03 4.90 23.48
C ILE C 153 -6.41 4.54 24.91
N ILE C 154 -6.08 3.34 25.37
CA ILE C 154 -6.40 2.98 26.76
C ILE C 154 -5.17 2.46 27.51
N GLY C 155 -5.04 2.88 28.77
CA GLY C 155 -3.91 2.52 29.62
C GLY C 155 -2.98 3.68 29.95
N VAL C 156 -3.05 4.75 29.16
CA VAL C 156 -2.11 5.87 29.29
C VAL C 156 -2.65 6.98 30.21
N LYS C 157 -2.09 7.09 31.42
CA LYS C 157 -2.46 8.17 32.39
C LYS C 157 -2.15 9.61 31.93
N SER C 158 -0.95 9.84 31.41
CA SER C 158 -0.48 11.19 31.13
C SER C 158 -1.07 11.80 29.87
N VAL C 159 -0.94 13.10 29.72
CA VAL C 159 -1.67 13.84 28.70
C VAL C 159 -1.16 13.66 27.25
N SER C 160 -0.24 12.73 27.03
CA SER C 160 0.27 12.39 25.70
C SER C 160 -0.79 11.70 24.83
N SER C 161 -1.73 11.00 25.46
CA SER C 161 -2.79 10.32 24.71
C SER C 161 -3.73 11.37 24.18
N GLU C 162 -4.02 12.39 24.97
CA GLU C 162 -4.80 13.50 24.44
C GLU C 162 -4.06 14.09 23.24
N VAL C 163 -2.74 14.21 23.38
CA VAL C 163 -1.87 14.82 22.37
C VAL C 163 -1.92 14.06 21.04
N GLU C 164 -1.90 12.75 21.11
CA GLU C 164 -1.85 11.98 19.89
C GLU C 164 -3.22 11.85 19.21
N LEU C 165 -4.27 11.73 20.02
CA LEU C 165 -5.63 11.69 19.48
C LEU C 165 -5.98 12.96 18.68
N VAL C 166 -5.66 14.13 19.23
CA VAL C 166 -5.86 15.42 18.55
C VAL C 166 -5.02 15.48 17.25
N CYS C 167 -3.79 14.98 17.34
CA CYS C 167 -2.89 14.90 16.18
C CYS C 167 -3.48 14.03 15.05
N ALA C 168 -3.98 12.85 15.42
CA ALA C 168 -4.61 11.96 14.47
C ALA C 168 -5.81 12.65 13.79
N ALA C 169 -6.63 13.32 14.59
CA ALA C 169 -7.74 14.13 14.11
C ALA C 169 -7.31 15.14 13.07
N CYS C 170 -6.29 15.93 13.40
CA CYS C 170 -5.72 16.86 12.43
C CYS C 170 -5.14 16.10 11.24
N THR C 171 -4.42 15.01 11.52
CA THR C 171 -3.81 14.23 10.44
C THR C 171 -4.86 13.80 9.39
N ALA C 172 -6.00 13.29 9.85
CA ALA C 172 -7.08 12.89 8.93
C ALA C 172 -7.60 14.10 8.17
N MET C 173 -7.83 15.20 8.87
CA MET C 173 -8.33 16.41 8.23
C MET C 173 -7.30 16.98 7.24
N GLN C 174 -6.01 16.85 7.55
CA GLN C 174 -4.98 17.34 6.65
C GLN C 174 -4.85 16.46 5.41
N SER C 175 -5.13 15.18 5.56
CA SER C 175 -5.06 14.26 4.44
C SER C 175 -6.26 14.46 3.53
N LEU C 176 -7.39 14.91 4.11
CA LEU C 176 -8.58 15.27 3.33
C LEU C 176 -8.44 16.61 2.59
N GLY C 177 -7.36 17.33 2.87
CA GLY C 177 -7.02 18.56 2.16
C GLY C 177 -7.09 19.82 2.99
N LEU C 178 -7.60 19.70 4.21
CA LEU C 178 -7.85 20.86 5.04
C LEU C 178 -6.58 21.43 5.66
N SER C 179 -6.50 22.74 5.77
CA SER C 179 -5.35 23.42 6.38
C SER C 179 -5.73 23.97 7.75
N SER C 180 -4.75 24.51 8.46
CA SER C 180 -5.02 25.25 9.72
C SER C 180 -5.85 26.54 9.52
N LYS C 181 -6.04 26.97 8.27
CA LYS C 181 -6.91 28.11 7.97
C LYS C 181 -8.40 27.68 7.80
N ASP C 182 -8.63 26.43 7.39
CA ASP C 182 -9.99 25.88 7.18
C ASP C 182 -10.61 25.37 8.46
N VAL C 183 -9.88 24.48 9.13
CA VAL C 183 -10.35 23.85 10.33
C VAL C 183 -9.42 24.11 11.51
N GLY C 184 -9.92 23.82 12.70
CA GLY C 184 -9.09 23.79 13.88
C GLY C 184 -9.70 22.81 14.84
N VAL C 185 -9.15 22.74 16.04
CA VAL C 185 -9.74 21.99 17.15
C VAL C 185 -9.65 22.83 18.44
N LYS C 186 -10.72 22.77 19.23
CA LYS C 186 -10.86 23.53 20.46
C LYS C 186 -10.54 22.63 21.64
N ILE C 187 -9.77 23.14 22.60
CA ILE C 187 -9.48 22.37 23.80
C ILE C 187 -10.08 23.03 25.02
N ASN C 188 -10.57 22.22 25.95
CA ASN C 188 -11.05 22.66 27.26
C ASN C 188 -10.64 21.60 28.29
N SER C 189 -10.94 21.84 29.56
CA SER C 189 -10.73 20.85 30.60
C SER C 189 -11.88 21.00 31.58
N ARG C 190 -12.51 19.88 31.96
CA ARG C 190 -13.57 19.91 33.00
C ARG C 190 -12.98 20.04 34.42
N LYS C 191 -11.65 19.98 34.53
CA LYS C 191 -10.97 20.20 35.81
C LYS C 191 -10.91 21.70 36.16
N ILE C 192 -10.98 22.55 35.14
CA ILE C 192 -11.10 24.00 35.33
C ILE C 192 -12.42 24.24 36.04
N LEU C 193 -13.50 23.75 35.42
CA LEU C 193 -14.88 23.94 35.88
C LEU C 193 -15.16 23.29 37.26
N GLN C 194 -14.69 22.05 37.45
CA GLN C 194 -14.92 21.36 38.72
C GLN C 194 -14.14 22.01 39.88
N THR C 195 -12.93 22.49 39.63
CA THR C 195 -12.14 23.06 40.72
C THR C 195 -12.56 24.48 41.09
N VAL C 196 -13.02 25.25 40.11
CA VAL C 196 -13.74 26.51 40.37
C VAL C 196 -14.85 26.28 41.40
N VAL C 197 -15.53 25.12 41.32
CA VAL C 197 -16.54 24.72 42.32
C VAL C 197 -15.84 24.18 43.56
N GLU C 198 -15.97 24.92 44.66
CA GLU C 198 -15.20 24.64 45.88
C GLU C 198 -15.85 25.28 47.13
N ASP C 205 -23.04 18.33 42.75
CA ASP C 205 -22.15 17.43 42.02
C ASP C 205 -22.61 17.19 40.57
N LYS C 206 -23.92 16.98 40.39
CA LYS C 206 -24.51 16.83 39.06
C LYS C 206 -24.85 18.20 38.49
N PHE C 207 -23.85 18.86 37.91
CA PHE C 207 -23.99 20.23 37.45
C PHE C 207 -23.78 20.36 35.95
N ALA C 208 -22.71 19.75 35.46
CA ALA C 208 -22.33 19.83 34.06
C ALA C 208 -23.46 19.51 33.05
N PRO C 209 -24.50 18.76 33.47
CA PRO C 209 -25.63 18.60 32.54
C PRO C 209 -26.35 19.89 32.12
N VAL C 210 -26.31 20.92 32.97
CA VAL C 210 -27.00 22.18 32.68
C VAL C 210 -26.23 23.07 31.69
N CYS C 211 -24.91 22.98 31.68
CA CYS C 211 -24.09 23.79 30.75
C CYS C 211 -24.20 23.35 29.28
N VAL C 212 -24.34 22.05 29.07
CA VAL C 212 -24.45 21.45 27.72
C VAL C 212 -25.57 22.07 26.87
N ILE C 213 -26.70 22.41 27.50
CA ILE C 213 -27.85 22.96 26.80
C ILE C 213 -27.61 24.41 26.37
N PRO C 221 -29.61 31.79 26.33
CA PRO C 221 -30.57 32.16 27.38
C PRO C 221 -29.90 32.63 28.68
N ARG C 222 -29.33 33.84 28.68
CA ARG C 222 -28.59 34.42 29.82
C ARG C 222 -29.23 34.22 31.21
N GLU C 223 -30.56 34.29 31.27
CA GLU C 223 -31.26 34.13 32.55
C GLU C 223 -32.07 32.82 32.65
N GLU C 224 -31.97 31.96 31.63
CA GLU C 224 -32.46 30.59 31.73
C GLU C 224 -31.29 29.58 31.91
N VAL C 225 -30.04 30.06 31.88
CA VAL C 225 -28.90 29.27 32.39
C VAL C 225 -28.64 29.66 33.85
N VAL C 226 -28.53 30.97 34.12
CA VAL C 226 -28.51 31.48 35.49
C VAL C 226 -29.74 31.01 36.30
N ALA C 227 -30.85 30.79 35.62
CA ALA C 227 -32.00 30.15 36.23
C ALA C 227 -31.64 28.71 36.57
N GLN C 228 -31.41 27.93 35.51
CA GLN C 228 -31.15 26.49 35.62
C GLN C 228 -30.07 26.16 36.65
N LEU C 229 -29.00 26.95 36.66
CA LEU C 229 -27.96 26.82 37.69
C LEU C 229 -28.51 27.13 39.08
N ALA C 230 -29.22 28.25 39.19
CA ALA C 230 -29.70 28.74 40.48
C ALA C 230 -30.36 27.66 41.34
N ALA C 231 -31.29 26.91 40.76
CA ALA C 231 -32.06 25.88 41.46
C ALA C 231 -31.25 24.94 42.39
N ILE C 232 -30.04 24.57 41.98
CA ILE C 232 -29.27 23.50 42.64
C ILE C 232 -28.73 23.82 44.04
N GLY C 233 -28.99 25.02 44.55
CA GLY C 233 -28.50 25.43 45.86
C GLY C 233 -27.23 26.26 45.79
N LEU C 234 -26.97 26.84 44.62
CA LEU C 234 -25.85 27.73 44.40
C LEU C 234 -26.32 29.17 44.46
N GLU C 235 -25.72 29.95 45.36
CA GLU C 235 -25.97 31.40 45.42
C GLU C 235 -25.57 32.05 44.09
N SER C 236 -25.85 33.35 43.95
CA SER C 236 -25.42 34.12 42.78
C SER C 236 -23.89 34.13 42.66
N ASN C 237 -23.21 34.51 43.75
CA ASN C 237 -21.75 34.53 43.82
C ASN C 237 -21.10 33.45 42.93
N VAL C 238 -21.39 32.19 43.24
CA VAL C 238 -20.78 31.06 42.52
C VAL C 238 -21.37 30.84 41.11
N VAL C 239 -22.64 31.21 40.92
CA VAL C 239 -23.30 31.02 39.63
C VAL C 239 -22.60 31.84 38.56
N ASP C 240 -22.29 33.09 38.90
CA ASP C 240 -21.50 33.96 38.02
C ASP C 240 -20.10 33.38 37.86
N ALA C 241 -19.54 32.93 38.98
CA ALA C 241 -18.20 32.31 39.01
C ALA C 241 -18.06 31.10 38.06
N ILE C 242 -19.17 30.72 37.42
CA ILE C 242 -19.16 29.80 36.28
C ILE C 242 -19.29 30.59 34.97
N THR C 243 -20.42 31.28 34.81
CA THR C 243 -20.73 32.08 33.62
C THR C 243 -19.52 32.62 32.86
N SER C 244 -18.56 33.18 33.61
CA SER C 244 -17.38 33.82 33.03
C SER C 244 -16.41 32.81 32.46
N THR C 245 -16.09 31.78 33.26
CA THR C 245 -15.12 30.76 32.84
C THR C 245 -15.50 30.20 31.48
N LEU C 246 -16.70 29.63 31.39
CA LEU C 246 -17.29 29.25 30.10
C LEU C 246 -16.79 30.12 28.95
N SER C 247 -16.89 31.44 29.13
CA SER C 247 -16.65 32.43 28.07
C SER C 247 -15.19 32.87 27.87
N LEU C 248 -14.33 32.65 28.88
CA LEU C 248 -12.89 32.96 28.79
C LEU C 248 -12.24 32.29 27.56
N LYS C 249 -11.25 32.95 26.95
CA LYS C 249 -10.63 32.40 25.73
C LYS C 249 -9.13 32.04 25.82
N THR C 250 -8.51 32.13 27.01
CA THR C 250 -7.09 31.79 27.13
C THR C 250 -6.71 31.08 28.44
N ILE C 251 -5.71 30.20 28.33
CA ILE C 251 -5.12 29.44 29.46
C ILE C 251 -4.54 30.37 30.52
N ASP C 252 -3.95 31.49 30.09
CA ASP C 252 -3.49 32.53 31.03
C ASP C 252 -4.68 33.05 31.84
N GLU C 253 -5.80 33.25 31.14
CA GLU C 253 -7.04 33.67 31.78
C GLU C 253 -7.51 32.60 32.77
N ILE C 254 -7.23 31.34 32.48
CA ILE C 254 -7.60 30.26 33.39
C ILE C 254 -6.60 30.18 34.54
N ALA C 255 -5.33 30.37 34.25
CA ALA C 255 -4.28 30.33 35.28
C ALA C 255 -4.38 31.52 36.22
N GLN C 256 -4.79 32.68 35.69
CA GLN C 256 -4.91 33.88 36.50
C GLN C 256 -6.23 33.83 37.29
N ARG C 257 -6.58 32.63 37.76
CA ARG C 257 -7.95 32.27 38.13
C ARG C 257 -8.00 30.95 38.89
N ILE C 258 -7.21 29.99 38.41
CA ILE C 258 -7.01 28.69 39.04
C ILE C 258 -5.52 28.43 39.37
N GLY C 259 -4.63 29.29 38.87
CA GLY C 259 -3.17 29.18 39.11
C GLY C 259 -2.40 28.54 37.97
N GLU C 260 -1.11 28.93 37.80
CA GLU C 260 -0.23 28.27 36.83
C GLU C 260 0.14 26.85 37.27
N GLU C 261 0.13 26.65 38.60
CA GLU C 261 0.53 25.39 39.21
C GLU C 261 -0.58 24.33 39.20
N HIS C 262 -1.85 24.72 39.11
CA HIS C 262 -2.91 23.75 39.30
C HIS C 262 -2.78 22.67 38.23
N GLU C 263 -3.09 21.42 38.60
CA GLU C 263 -3.14 20.31 37.65
C GLU C 263 -3.68 20.77 36.29
N ALA C 264 -4.90 21.28 36.30
CA ALA C 264 -5.64 21.58 35.09
C ALA C 264 -4.79 22.28 34.04
N VAL C 265 -4.05 23.28 34.50
CA VAL C 265 -3.30 24.16 33.60
C VAL C 265 -1.91 23.58 33.32
N ARG C 266 -1.37 22.81 34.26
CA ARG C 266 -0.16 22.04 34.00
C ARG C 266 -0.43 21.10 32.83
N GLU C 267 -1.61 20.48 32.80
CA GLU C 267 -2.01 19.59 31.71
C GLU C 267 -2.11 20.36 30.42
N LEU C 268 -2.96 21.37 30.41
CA LEU C 268 -3.19 22.14 29.21
C LEU C 268 -1.89 22.69 28.66
N ARG C 269 -1.01 23.16 29.52
CA ARG C 269 0.25 23.72 29.03
C ARG C 269 1.22 22.63 28.58
N ASP C 270 1.07 21.41 29.11
CA ASP C 270 1.87 20.26 28.63
C ASP C 270 1.32 19.78 27.30
N PHE C 271 0.01 19.92 27.13
CA PHE C 271 -0.65 19.49 25.91
C PHE C 271 -0.28 20.38 24.73
N ILE C 272 -0.53 21.69 24.87
CA ILE C 272 -0.12 22.69 23.85
C ILE C 272 1.34 22.52 23.46
N THR C 273 2.20 22.51 24.47
CA THR C 273 3.64 22.38 24.22
C THR C 273 3.96 21.15 23.36
N GLN C 274 3.40 20.01 23.75
CA GLN C 274 3.52 18.76 22.97
C GLN C 274 2.93 18.88 21.57
N ILE C 275 1.70 19.38 21.48
CA ILE C 275 1.02 19.61 20.20
C ILE C 275 1.80 20.53 19.27
N GLU C 276 2.40 21.58 19.82
CA GLU C 276 3.25 22.44 19.00
C GLU C 276 4.44 21.65 18.54
N ALA C 277 5.01 20.89 19.46
CA ALA C 277 6.18 20.06 19.17
C ALA C 277 5.87 19.09 18.04
N TYR C 278 4.70 18.45 18.05
CA TYR C 278 4.33 17.50 17.01
C TYR C 278 4.13 18.25 15.71
N GLY C 279 3.70 19.51 15.82
CA GLY C 279 3.62 20.39 14.66
C GLY C 279 2.22 20.70 14.20
N PHE C 280 1.26 20.59 15.12
CA PHE C 280 -0.10 21.04 14.88
C PHE C 280 -0.44 22.21 15.80
N GLY C 281 0.52 23.09 16.06
CA GLY C 281 0.28 24.28 16.89
C GLY C 281 -0.78 25.23 16.37
N ASP C 282 -0.72 25.54 15.08
CA ASP C 282 -1.70 26.43 14.47
C ASP C 282 -3.15 25.87 14.42
N TRP C 283 -3.29 24.58 14.71
CA TRP C 283 -4.59 23.92 14.65
C TRP C 283 -5.38 24.08 15.96
N VAL C 284 -4.70 24.00 17.11
CA VAL C 284 -5.40 23.93 18.38
C VAL C 284 -5.66 25.32 18.94
N ILE C 285 -6.83 25.48 19.57
CA ILE C 285 -7.23 26.76 20.15
C ILE C 285 -7.98 26.48 21.46
N PHE C 286 -7.62 27.14 22.56
CA PHE C 286 -8.32 26.91 23.83
C PHE C 286 -9.68 27.62 23.84
N ASP C 287 -10.71 26.92 24.31
CA ASP C 287 -12.08 27.46 24.40
C ASP C 287 -12.90 26.81 25.51
N ALA C 288 -13.04 27.55 26.63
CA ALA C 288 -13.71 27.04 27.83
C ALA C 288 -15.19 26.61 27.62
N SER C 289 -15.83 27.08 26.54
CA SER C 289 -17.24 26.76 26.24
C SER C 289 -17.47 25.40 25.51
N VAL C 290 -16.40 24.61 25.32
CA VAL C 290 -16.55 23.21 24.91
C VAL C 290 -17.07 22.42 26.09
N VAL C 291 -18.38 22.18 26.08
CA VAL C 291 -19.07 21.48 27.16
C VAL C 291 -19.82 20.24 26.66
N ARG C 292 -19.54 19.80 25.44
CA ARG C 292 -20.34 18.74 24.82
C ARG C 292 -20.22 17.43 25.59
N GLY C 293 -21.25 17.13 26.38
CA GLY C 293 -21.23 15.94 27.23
C GLY C 293 -20.02 15.96 28.14
N LEU C 294 -19.89 17.04 28.91
CA LEU C 294 -18.78 17.20 29.85
C LEU C 294 -19.07 16.46 31.16
N ALA C 295 -20.32 16.01 31.35
CA ALA C 295 -20.68 15.17 32.49
C ALA C 295 -20.09 13.76 32.36
N TYR C 296 -19.78 13.37 31.12
CA TYR C 296 -19.32 12.02 30.80
C TYR C 296 -17.79 11.99 30.57
N TYR C 297 -17.17 13.16 30.47
CA TYR C 297 -15.71 13.28 30.38
C TYR C 297 -15.10 13.57 31.75
N THR C 298 -13.77 13.47 31.83
CA THR C 298 -13.03 13.55 33.08
C THR C 298 -11.92 14.57 33.02
N GLY C 299 -11.10 14.48 31.99
CA GLY C 299 -9.93 15.33 31.87
C GLY C 299 -10.16 16.41 30.85
N ILE C 300 -9.29 16.44 29.85
CA ILE C 300 -9.41 17.35 28.73
C ILE C 300 -10.52 16.85 27.80
N VAL C 301 -11.29 17.77 27.26
CA VAL C 301 -12.12 17.46 26.12
C VAL C 301 -11.59 18.21 24.90
N PHE C 302 -12.01 17.78 23.72
CA PHE C 302 -11.70 18.48 22.50
C PHE C 302 -12.80 18.29 21.48
N GLU C 303 -12.83 19.19 20.49
CA GLU C 303 -13.87 19.23 19.50
C GLU C 303 -13.34 19.84 18.20
N GLY C 304 -13.60 19.18 17.08
CA GLY C 304 -13.22 19.70 15.77
C GLY C 304 -14.22 20.74 15.32
N PHE C 305 -13.76 21.70 14.52
CA PHE C 305 -14.66 22.73 13.99
C PHE C 305 -14.04 23.45 12.81
N ASP C 306 -14.94 23.96 11.97
CA ASP C 306 -14.58 24.79 10.83
C ASP C 306 -14.43 26.22 11.32
N ARG C 307 -13.41 26.92 10.83
CA ARG C 307 -13.10 28.24 11.38
C ARG C 307 -14.08 29.33 10.93
N ASP C 308 -14.71 29.15 9.77
CA ASP C 308 -15.70 30.09 9.24
C ASP C 308 -17.02 30.06 10.02
N GLY C 309 -17.16 29.06 10.91
CA GLY C 309 -18.28 28.99 11.84
C GLY C 309 -19.59 28.58 11.22
N ASN C 310 -19.54 27.84 10.11
CA ASN C 310 -20.74 27.44 9.39
C ASN C 310 -21.39 26.14 9.87
N PHE C 311 -20.59 25.10 10.12
CA PHE C 311 -21.09 23.75 10.43
C PHE C 311 -20.96 23.35 11.88
N ARG C 312 -21.72 22.33 12.28
CA ARG C 312 -21.60 21.72 13.61
C ARG C 312 -20.23 21.04 13.75
N ALA C 313 -19.96 20.47 14.92
CA ALA C 313 -18.64 19.90 15.21
C ALA C 313 -18.25 18.80 14.24
N LEU C 314 -16.99 18.88 13.80
CA LEU C 314 -16.40 17.87 12.96
C LEU C 314 -16.21 16.59 13.76
N CYS C 315 -15.44 16.67 14.84
CA CYS C 315 -15.13 15.49 15.66
C CYS C 315 -15.24 15.85 17.12
N GLY C 316 -15.40 14.84 17.95
CA GLY C 316 -15.62 15.06 19.38
C GLY C 316 -15.11 13.93 20.27
N GLY C 317 -14.20 14.29 21.17
CA GLY C 317 -13.64 13.34 22.11
C GLY C 317 -13.05 13.99 23.36
N GLY C 318 -12.35 13.16 24.12
CA GLY C 318 -11.77 13.59 25.36
C GLY C 318 -11.43 12.39 26.23
N ARG C 319 -10.91 12.68 27.42
CA ARG C 319 -10.48 11.65 28.36
C ARG C 319 -11.63 11.27 29.29
N TYR C 320 -11.99 9.98 29.32
CA TYR C 320 -13.01 9.50 30.24
C TYR C 320 -12.48 8.38 31.14
N ASP C 321 -11.79 8.76 32.21
CA ASP C 321 -11.16 7.76 33.10
C ASP C 321 -12.18 6.79 33.69
N ASN C 322 -13.39 7.30 33.94
CA ASN C 322 -14.48 6.49 34.50
C ASN C 322 -15.29 5.68 33.46
N LEU C 323 -14.78 5.53 32.24
CA LEU C 323 -15.53 4.76 31.24
C LEU C 323 -15.83 3.36 31.77
N LEU C 324 -14.78 2.62 32.11
CA LEU C 324 -14.94 1.22 32.52
C LEU C 324 -15.68 1.06 33.86
N THR C 325 -15.47 1.94 34.83
CA THR C 325 -16.21 1.82 36.08
C THR C 325 -17.73 2.00 35.83
N THR C 326 -18.09 2.83 34.86
CA THR C 326 -19.50 2.98 34.47
C THR C 326 -20.20 1.64 34.26
N TYR C 327 -19.55 0.74 33.52
CA TYR C 327 -20.16 -0.54 33.16
C TYR C 327 -19.81 -1.67 34.15
N GLY C 328 -19.32 -1.30 35.32
CA GLY C 328 -19.12 -2.25 36.42
C GLY C 328 -17.69 -2.69 36.70
N SER C 329 -16.72 -2.08 36.02
CA SER C 329 -15.31 -2.42 36.27
C SER C 329 -14.96 -2.10 37.72
N PRO C 330 -14.29 -3.04 38.41
CA PRO C 330 -13.83 -2.79 39.77
C PRO C 330 -12.66 -1.80 39.77
N THR C 331 -11.78 -1.92 38.78
CA THR C 331 -10.60 -1.06 38.66
C THR C 331 -10.76 -0.04 37.54
N ALA C 332 -10.64 1.24 37.89
CA ALA C 332 -10.68 2.32 36.90
C ALA C 332 -9.45 2.26 36.01
N VAL C 333 -9.68 2.31 34.71
CA VAL C 333 -8.60 2.21 33.73
C VAL C 333 -8.67 3.41 32.81
N PRO C 334 -7.56 4.15 32.66
CA PRO C 334 -7.57 5.38 31.88
C PRO C 334 -7.97 5.21 30.40
N CYS C 335 -8.77 6.14 29.91
CA CYS C 335 -9.30 6.11 28.56
C CYS C 335 -9.38 7.50 27.96
N VAL C 336 -8.86 7.65 26.74
CA VAL C 336 -9.19 8.79 25.93
C VAL C 336 -9.50 8.27 24.54
N GLY C 337 -10.38 9.00 23.84
CA GLY C 337 -10.73 8.70 22.47
C GLY C 337 -11.63 9.78 21.92
N PHE C 338 -11.98 9.67 20.64
CA PHE C 338 -12.86 10.64 19.96
C PHE C 338 -13.68 9.96 18.89
N GLY C 339 -14.80 10.60 18.54
CA GLY C 339 -15.64 10.17 17.44
C GLY C 339 -15.61 11.18 16.30
N PHE C 340 -15.47 10.68 15.07
CA PHE C 340 -15.26 11.49 13.88
C PHE C 340 -16.25 11.00 12.85
N GLY C 341 -17.44 11.59 12.86
CA GLY C 341 -18.53 11.20 11.95
C GLY C 341 -18.18 11.35 10.49
N ASP C 342 -19.02 10.79 9.63
CA ASP C 342 -18.80 10.79 8.18
C ASP C 342 -19.68 11.77 7.44
N CYS C 343 -20.45 12.56 8.17
CA CYS C 343 -21.43 13.44 7.55
CA CYS C 343 -21.48 13.46 7.61
C CYS C 343 -21.00 14.91 7.57
N VAL C 344 -20.67 15.44 8.73
CA VAL C 344 -20.32 16.86 8.77
C VAL C 344 -19.06 17.14 7.95
N ILE C 345 -18.07 16.28 8.08
CA ILE C 345 -16.76 16.42 7.40
C ILE C 345 -16.92 16.51 5.89
N VAL C 346 -17.87 15.74 5.37
CA VAL C 346 -18.18 15.78 3.95
C VAL C 346 -18.73 17.15 3.60
N GLU C 347 -19.78 17.59 4.28
CA GLU C 347 -20.36 18.92 3.99
C GLU C 347 -19.21 19.91 3.82
N LEU C 348 -18.28 19.89 4.76
CA LEU C 348 -17.16 20.83 4.74
C LEU C 348 -16.28 20.67 3.50
N LEU C 349 -15.77 19.46 3.28
CA LEU C 349 -14.94 19.17 2.13
C LEU C 349 -15.63 19.55 0.82
N ASN C 350 -16.96 19.54 0.84
CA ASN C 350 -17.75 20.06 -0.27
C ASN C 350 -17.66 21.57 -0.40
N GLU C 351 -17.90 22.29 0.70
CA GLU C 351 -17.81 23.76 0.69
C GLU C 351 -16.41 24.24 0.26
N LYS C 352 -15.37 23.69 0.87
CA LYS C 352 -14.00 24.03 0.50
C LYS C 352 -13.56 23.34 -0.79
N LYS C 353 -14.49 22.78 -1.57
CA LYS C 353 -14.21 22.19 -2.89
C LYS C 353 -13.04 21.19 -2.84
N LEU C 354 -13.08 20.27 -1.88
CA LEU C 354 -11.98 19.34 -1.67
C LEU C 354 -12.36 17.89 -1.92
N LEU C 355 -13.61 17.65 -2.32
CA LEU C 355 -14.07 16.29 -2.55
C LEU C 355 -13.46 15.83 -3.84
N PRO C 356 -12.96 14.60 -3.90
CA PRO C 356 -12.28 14.19 -5.10
C PRO C 356 -13.24 13.65 -6.17
N GLU C 357 -12.84 13.80 -7.42
CA GLU C 357 -13.55 13.26 -8.58
C GLU C 357 -12.97 11.89 -8.78
N LEU C 358 -13.69 10.86 -8.31
CA LEU C 358 -13.19 9.49 -8.41
C LEU C 358 -13.86 8.75 -9.57
N HIS C 359 -13.20 7.72 -10.09
CA HIS C 359 -13.70 6.98 -11.25
C HIS C 359 -13.41 5.50 -11.19
N HIS C 360 -14.40 4.66 -11.49
CA HIS C 360 -14.13 3.24 -11.69
C HIS C 360 -13.13 3.07 -12.83
N VAL C 361 -11.92 2.58 -12.50
CA VAL C 361 -10.85 2.38 -13.48
C VAL C 361 -10.40 0.91 -13.52
N VAL C 362 -10.13 0.42 -14.73
CA VAL C 362 -9.56 -0.91 -14.97
C VAL C 362 -8.43 -0.82 -16.01
N ASP C 363 -7.44 -1.68 -15.85
CA ASP C 363 -6.21 -1.63 -16.65
C ASP C 363 -6.38 -2.13 -18.07
N ASP C 364 -7.16 -3.20 -18.24
CA ASP C 364 -7.33 -3.85 -19.54
C ASP C 364 -8.76 -4.23 -19.81
N LEU C 365 -9.20 -3.97 -21.04
CA LEU C 365 -10.40 -4.61 -21.59
C LEU C 365 -9.92 -5.59 -22.63
N VAL C 366 -10.29 -6.85 -22.49
CA VAL C 366 -10.01 -7.84 -23.52
C VAL C 366 -11.16 -7.86 -24.54
N ILE C 367 -10.81 -7.76 -25.81
CA ILE C 367 -11.78 -7.82 -26.90
C ILE C 367 -11.52 -9.07 -27.72
N PRO C 368 -12.43 -10.04 -27.65
CA PRO C 368 -12.36 -11.09 -28.66
C PRO C 368 -12.76 -10.52 -30.03
N PHE C 369 -11.93 -10.77 -31.03
CA PHE C 369 -12.22 -10.33 -32.39
C PHE C 369 -13.64 -10.76 -32.73
N ASP C 370 -13.92 -12.04 -32.54
CA ASP C 370 -15.27 -12.59 -32.68
C ASP C 370 -15.46 -13.64 -31.61
N GLU C 371 -16.58 -14.34 -31.62
CA GLU C 371 -16.86 -15.30 -30.55
C GLU C 371 -15.98 -16.54 -30.60
N THR C 372 -15.48 -16.87 -31.78
CA THR C 372 -14.58 -18.02 -31.92
C THR C 372 -13.25 -17.76 -31.19
N MET C 373 -12.88 -16.49 -31.05
CA MET C 373 -11.67 -16.11 -30.29
C MET C 373 -11.94 -15.95 -28.79
N ARG C 374 -13.12 -16.33 -28.32
CA ARG C 374 -13.39 -16.24 -26.90
C ARG C 374 -12.40 -17.06 -26.04
N PRO C 375 -12.25 -18.38 -26.32
CA PRO C 375 -11.39 -19.22 -25.47
C PRO C 375 -9.94 -18.74 -25.31
N HIS C 376 -9.46 -17.95 -26.26
CA HIS C 376 -8.11 -17.39 -26.20
C HIS C 376 -8.15 -16.09 -25.40
N ALA C 377 -9.09 -15.21 -25.77
CA ALA C 377 -9.36 -13.98 -25.00
C ALA C 377 -9.41 -14.30 -23.50
N LEU C 378 -10.20 -15.31 -23.16
CA LEU C 378 -10.23 -15.81 -21.80
C LEU C 378 -8.82 -16.08 -21.28
N SER C 379 -8.04 -16.89 -22.00
CA SER C 379 -6.69 -17.23 -21.51
C SER C 379 -5.80 -16.00 -21.26
N ILE C 380 -5.93 -14.96 -22.06
CA ILE C 380 -5.19 -13.72 -21.86
C ILE C 380 -5.71 -12.97 -20.62
N LEU C 381 -7.03 -13.03 -20.41
CA LEU C 381 -7.65 -12.44 -19.22
C LEU C 381 -7.02 -13.06 -17.97
N ARG C 382 -7.00 -14.40 -17.91
CA ARG C 382 -6.30 -15.11 -16.83
C ARG C 382 -4.92 -14.47 -16.61
N ARG C 383 -4.09 -14.46 -17.67
CA ARG C 383 -2.73 -13.94 -17.58
C ARG C 383 -2.66 -12.54 -16.97
N LEU C 384 -3.42 -11.61 -17.54
CA LEU C 384 -3.40 -10.25 -17.06
C LEU C 384 -3.73 -10.27 -15.59
N ARG C 385 -4.90 -10.79 -15.25
CA ARG C 385 -5.27 -10.88 -13.84
C ARG C 385 -4.19 -11.56 -12.99
N ASP C 386 -3.55 -12.58 -13.53
CA ASP C 386 -2.50 -13.29 -12.78
C ASP C 386 -1.21 -12.46 -12.64
N ALA C 387 -0.97 -11.55 -13.59
CA ALA C 387 0.19 -10.65 -13.53
C ALA C 387 -0.03 -9.40 -12.66
N GLY C 388 -1.09 -9.39 -11.86
CA GLY C 388 -1.38 -8.29 -10.94
C GLY C 388 -2.32 -7.23 -11.51
N ARG C 389 -2.54 -7.27 -12.83
CA ARG C 389 -3.39 -6.27 -13.52
C ARG C 389 -4.87 -6.50 -13.29
N SER C 390 -5.67 -5.44 -13.28
CA SER C 390 -7.13 -5.57 -13.28
C SER C 390 -7.60 -5.54 -14.72
N ALA C 391 -8.20 -6.62 -15.18
CA ALA C 391 -8.65 -6.70 -16.55
C ALA C 391 -10.13 -7.03 -16.56
N ASP C 392 -10.75 -6.90 -17.74
CA ASP C 392 -12.17 -7.19 -17.93
C ASP C 392 -12.35 -7.63 -19.38
N ILE C 393 -13.54 -8.12 -19.73
CA ILE C 393 -13.74 -8.74 -21.03
C ILE C 393 -15.11 -8.42 -21.57
N VAL C 394 -15.23 -8.46 -22.89
CA VAL C 394 -16.51 -8.27 -23.55
C VAL C 394 -17.34 -9.55 -23.45
N PHE C 395 -18.46 -9.47 -22.74
CA PHE C 395 -19.27 -10.65 -22.43
C PHE C 395 -20.13 -11.13 -23.59
N ASP C 396 -21.09 -10.29 -23.98
CA ASP C 396 -21.97 -10.56 -25.12
C ASP C 396 -21.22 -10.10 -26.38
N LYS C 397 -21.78 -10.45 -27.54
CA LYS C 397 -21.19 -10.08 -28.84
C LYS C 397 -21.26 -8.56 -29.12
N LYS C 398 -20.10 -7.95 -29.31
CA LYS C 398 -20.05 -6.54 -29.72
C LYS C 398 -19.44 -6.41 -31.14
N LYS C 399 -19.50 -5.20 -31.70
CA LYS C 399 -18.67 -4.86 -32.86
C LYS C 399 -17.48 -4.02 -32.36
N VAL C 400 -16.28 -4.35 -32.83
CA VAL C 400 -15.01 -3.81 -32.25
C VAL C 400 -14.99 -2.32 -31.89
N VAL C 401 -15.56 -1.46 -32.72
CA VAL C 401 -15.58 -0.04 -32.37
C VAL C 401 -16.54 0.18 -31.19
N GLN C 402 -17.65 -0.56 -31.17
CA GLN C 402 -18.53 -0.65 -29.98
C GLN C 402 -17.69 -1.09 -28.77
N ALA C 403 -16.90 -2.14 -28.97
CA ALA C 403 -15.99 -2.66 -27.96
C ALA C 403 -15.01 -1.59 -27.52
N PHE C 404 -14.50 -0.82 -28.47
CA PHE C 404 -13.52 0.24 -28.16
C PHE C 404 -14.16 1.42 -27.42
N ASN C 405 -15.45 1.64 -27.65
CA ASN C 405 -16.26 2.49 -26.75
C ASN C 405 -16.33 1.89 -25.35
N TYR C 406 -16.93 0.71 -25.22
CA TYR C 406 -17.13 0.10 -23.90
C TYR C 406 -15.88 0.24 -23.02
N ALA C 407 -14.70 -0.02 -23.60
CA ALA C 407 -13.43 0.12 -22.87
C ALA C 407 -13.26 1.52 -22.32
N ASP C 408 -13.51 2.54 -23.14
CA ASP C 408 -13.48 3.92 -22.67
C ASP C 408 -14.51 4.15 -21.58
N ARG C 409 -15.79 3.90 -21.91
CA ARG C 409 -16.91 4.21 -21.04
C ARG C 409 -16.94 3.43 -19.72
N ILE C 410 -15.86 2.73 -19.38
CA ILE C 410 -15.81 1.97 -18.12
C ILE C 410 -14.55 2.19 -17.28
N GLY C 411 -13.46 2.70 -17.86
CA GLY C 411 -12.22 2.88 -17.13
C GLY C 411 -11.04 2.93 -18.07
N ALA C 412 -10.96 1.91 -18.94
CA ALA C 412 -10.09 1.96 -20.10
C ALA C 412 -8.63 1.61 -19.79
N LEU C 413 -7.77 2.62 -19.76
CA LEU C 413 -6.30 2.46 -19.76
C LEU C 413 -5.75 1.74 -21.01
N ARG C 414 -6.20 0.52 -21.28
CA ARG C 414 -5.66 -0.27 -22.38
C ARG C 414 -6.70 -1.24 -22.89
N ALA C 415 -6.72 -1.45 -24.20
CA ALA C 415 -7.66 -2.35 -24.86
C ALA C 415 -6.89 -3.42 -25.67
N VAL C 416 -7.17 -4.67 -25.35
CA VAL C 416 -6.39 -5.79 -25.84
C VAL C 416 -7.21 -6.58 -26.84
N LEU C 417 -6.93 -6.36 -28.12
CA LEU C 417 -7.63 -7.08 -29.16
C LEU C 417 -6.95 -8.44 -29.28
N VAL C 418 -7.76 -9.47 -29.54
CA VAL C 418 -7.30 -10.84 -29.77
C VAL C 418 -7.92 -11.30 -31.08
N ALA C 419 -7.12 -11.28 -32.15
CA ALA C 419 -7.61 -11.65 -33.48
C ALA C 419 -6.81 -12.83 -34.00
N PRO C 420 -7.42 -13.65 -34.89
CA PRO C 420 -6.82 -14.92 -35.32
C PRO C 420 -5.47 -14.73 -36.01
N ASP C 421 -5.43 -13.80 -36.98
CA ASP C 421 -4.19 -13.44 -37.69
C ASP C 421 -3.01 -13.35 -36.71
N GLU C 422 -3.14 -12.43 -35.77
CA GLU C 422 -2.07 -12.16 -34.81
C GLU C 422 -1.84 -13.38 -33.90
N TRP C 423 -2.94 -13.96 -33.40
CA TRP C 423 -2.89 -15.11 -32.48
C TRP C 423 -2.18 -16.33 -33.07
N ALA C 424 -2.34 -16.58 -34.37
CA ALA C 424 -1.63 -17.69 -34.99
C ALA C 424 -0.11 -17.44 -34.93
N ARG C 425 0.31 -16.19 -35.16
CA ARG C 425 1.73 -15.81 -35.08
C ARG C 425 2.21 -15.55 -33.64
N GLY C 426 1.40 -15.93 -32.65
CA GLY C 426 1.75 -15.76 -31.23
C GLY C 426 1.64 -14.32 -30.75
N GLU C 427 0.65 -13.61 -31.27
CA GLU C 427 0.53 -12.16 -31.06
C GLU C 427 -0.87 -11.68 -30.65
N VAL C 428 -0.89 -10.48 -30.08
CA VAL C 428 -2.12 -9.77 -29.71
C VAL C 428 -1.94 -8.28 -30.01
N ARG C 429 -3.04 -7.56 -30.18
CA ARG C 429 -3.00 -6.14 -30.60
C ARG C 429 -3.44 -5.23 -29.45
N VAL C 430 -2.54 -4.33 -29.03
CA VAL C 430 -2.69 -3.57 -27.78
C VAL C 430 -2.83 -2.07 -28.07
N LYS C 431 -4.00 -1.51 -27.80
CA LYS C 431 -4.28 -0.09 -28.08
C LYS C 431 -4.55 0.69 -26.80
N MET C 432 -3.63 1.60 -26.47
CA MET C 432 -3.73 2.44 -25.27
C MET C 432 -4.69 3.59 -25.56
N LEU C 433 -5.54 3.93 -24.60
CA LEU C 433 -6.50 5.02 -24.77
C LEU C 433 -5.94 6.35 -24.20
N ARG C 434 -4.74 6.70 -24.68
CA ARG C 434 -3.96 7.81 -24.14
C ARG C 434 -4.60 9.16 -24.45
N GLY C 447 -2.90 -0.37 -34.29
CA GLY C 447 -2.62 -1.25 -33.17
C GLY C 447 -1.16 -1.29 -32.82
N ILE C 448 -0.78 -2.31 -32.06
CA ILE C 448 0.61 -2.58 -31.79
C ILE C 448 0.70 -4.03 -31.35
N VAL C 449 1.45 -4.82 -32.12
CA VAL C 449 1.52 -6.26 -31.93
C VAL C 449 2.56 -6.62 -30.85
N LEU C 450 2.22 -7.62 -30.02
CA LEU C 450 3.05 -8.02 -28.87
C LEU C 450 2.85 -9.51 -28.50
N PRO C 451 3.91 -10.17 -27.99
CA PRO C 451 3.83 -11.56 -27.49
C PRO C 451 2.86 -11.90 -26.33
N VAL C 452 2.86 -11.20 -25.18
CA VAL C 452 3.66 -10.00 -24.88
C VAL C 452 4.87 -10.28 -24.01
N ASP C 453 4.81 -11.34 -23.21
CA ASP C 453 5.91 -11.75 -22.34
C ASP C 453 5.56 -13.02 -21.57
N MET D 26 -21.24 -6.13 37.14
CA MET D 26 -20.62 -5.93 35.80
C MET D 26 -21.60 -6.40 34.71
N VAL D 27 -21.64 -5.64 33.60
CA VAL D 27 -22.51 -6.00 32.46
C VAL D 27 -22.11 -7.35 31.85
N GLU D 28 -22.99 -7.89 31.00
CA GLU D 28 -22.63 -9.07 30.24
C GLU D 28 -21.52 -8.64 29.31
N THR D 29 -20.32 -9.18 29.55
CA THR D 29 -19.15 -8.84 28.76
C THR D 29 -19.17 -9.53 27.39
N GLU D 30 -19.91 -10.62 27.28
CA GLU D 30 -20.07 -11.28 25.99
C GLU D 30 -21.07 -10.53 25.11
N PRO D 31 -21.04 -10.81 23.80
CA PRO D 31 -22.03 -10.22 22.89
C PRO D 31 -23.38 -10.92 22.86
N VAL D 32 -24.35 -10.27 22.21
CA VAL D 32 -25.62 -10.87 21.86
C VAL D 32 -25.43 -12.27 21.25
N GLN D 33 -26.02 -13.26 21.93
CA GLN D 33 -25.99 -14.66 21.53
C GLN D 33 -25.95 -14.83 20.01
N GLY D 34 -24.98 -15.59 19.52
CA GLY D 34 -24.86 -15.91 18.10
C GLY D 34 -24.02 -14.92 17.29
N CYS D 35 -23.69 -13.78 17.89
CA CYS D 35 -22.96 -12.74 17.18
C CYS D 35 -21.55 -12.65 17.75
N ARG D 36 -20.60 -12.19 16.93
CA ARG D 36 -19.18 -12.27 17.22
C ARG D 36 -18.54 -10.91 17.48
N ASP D 37 -17.73 -10.82 18.52
CA ASP D 37 -16.86 -9.67 18.70
C ASP D 37 -15.66 -9.87 17.78
N PHE D 38 -15.11 -8.76 17.32
CA PHE D 38 -13.93 -8.76 16.50
C PHE D 38 -12.85 -7.91 17.17
N PRO D 39 -12.25 -8.43 18.25
CA PRO D 39 -11.06 -7.78 18.78
C PRO D 39 -9.88 -7.92 17.81
N PRO D 40 -8.86 -7.07 17.95
CA PRO D 40 -7.79 -6.99 16.96
C PRO D 40 -7.19 -8.32 16.50
N GLU D 41 -7.08 -9.29 17.39
CA GLU D 41 -6.63 -10.62 16.98
C GLU D 41 -7.54 -11.14 15.89
N THR D 42 -8.83 -11.16 16.18
CA THR D 42 -9.86 -11.69 15.27
C THR D 42 -10.11 -10.78 14.04
N MET D 43 -10.12 -9.47 14.25
CA MET D 43 -10.39 -8.54 13.14
C MET D 43 -9.35 -8.69 12.03
N ARG D 44 -8.14 -9.09 12.45
CA ARG D 44 -7.02 -9.21 11.53
C ARG D 44 -7.29 -10.29 10.47
N LEU D 45 -7.74 -11.46 10.93
CA LEU D 45 -8.14 -12.59 10.08
C LEU D 45 -9.33 -12.28 9.21
N ARG D 46 -10.27 -11.48 9.70
CA ARG D 46 -11.39 -11.02 8.89
C ARG D 46 -10.90 -10.11 7.77
N LYS D 47 -10.02 -9.17 8.12
CA LYS D 47 -9.49 -8.21 7.15
C LYS D 47 -8.68 -8.97 6.10
N TYR D 48 -8.11 -10.10 6.50
CA TYR D 48 -7.34 -10.96 5.59
C TYR D 48 -8.25 -11.58 4.55
N LEU D 49 -9.34 -12.17 5.01
CA LEU D 49 -10.32 -12.84 4.13
C LEU D 49 -10.93 -11.83 3.19
N PHE D 50 -11.36 -10.72 3.74
CA PHE D 50 -12.01 -9.70 2.98
C PHE D 50 -11.01 -9.07 2.00
N ASP D 51 -9.74 -8.94 2.38
CA ASP D 51 -8.76 -8.43 1.42
C ASP D 51 -8.65 -9.29 0.14
N VAL D 52 -8.97 -10.58 0.28
CA VAL D 52 -9.07 -11.46 -0.87
C VAL D 52 -10.38 -11.22 -1.64
N PHE D 53 -11.45 -10.88 -0.93
CA PHE D 53 -12.71 -10.60 -1.60
C PHE D 53 -12.61 -9.31 -2.43
N HIS D 54 -12.12 -8.25 -1.79
CA HIS D 54 -11.92 -6.97 -2.46
C HIS D 54 -10.90 -7.11 -3.62
N SER D 55 -9.77 -7.74 -3.33
CA SER D 55 -8.68 -7.77 -4.29
C SER D 55 -9.09 -8.55 -5.53
N THR D 56 -9.76 -9.66 -5.34
CA THR D 56 -10.28 -10.47 -6.45
C THR D 56 -11.31 -9.68 -7.26
N ALA D 57 -12.19 -8.96 -6.56
CA ALA D 57 -13.26 -8.20 -7.21
C ALA D 57 -12.67 -7.04 -8.01
N ARG D 58 -11.44 -6.66 -7.67
CA ARG D 58 -10.78 -5.55 -8.33
C ARG D 58 -10.06 -6.03 -9.56
N LYS D 59 -9.48 -7.22 -9.49
CA LYS D 59 -8.80 -7.83 -10.63
C LYS D 59 -9.84 -8.15 -11.71
N PHE D 60 -11.00 -8.63 -11.27
CA PHE D 60 -12.08 -9.01 -12.19
C PHE D 60 -12.88 -7.78 -12.67
N GLY D 61 -12.53 -6.60 -12.15
CA GLY D 61 -13.18 -5.37 -12.52
C GLY D 61 -14.55 -5.14 -11.92
N PHE D 62 -14.75 -5.54 -10.66
CA PHE D 62 -16.02 -5.30 -9.99
C PHE D 62 -15.97 -4.04 -9.13
N GLU D 63 -17.10 -3.31 -9.06
CA GLU D 63 -17.27 -2.07 -8.26
C GLU D 63 -17.95 -2.42 -6.95
N GLU D 64 -17.53 -1.79 -5.85
CA GLU D 64 -18.19 -2.07 -4.57
C GLU D 64 -19.42 -1.20 -4.39
N TYR D 65 -20.47 -1.81 -3.83
CA TYR D 65 -21.66 -1.07 -3.43
C TYR D 65 -22.03 -1.43 -1.99
N ASP D 66 -22.91 -0.63 -1.38
CA ASP D 66 -23.52 -1.01 -0.11
C ASP D 66 -24.90 -0.38 0.02
N SER D 67 -25.70 -0.92 0.93
CA SER D 67 -27.01 -0.38 1.23
C SER D 67 -27.26 -0.70 2.68
N PRO D 68 -28.37 -0.25 3.24
CA PRO D 68 -28.53 -0.43 4.68
C PRO D 68 -28.64 -1.89 5.12
N VAL D 69 -28.36 -2.14 6.39
CA VAL D 69 -28.68 -3.41 7.04
C VAL D 69 -30.16 -3.42 7.37
N LEU D 70 -30.77 -2.23 7.44
CA LEU D 70 -32.19 -2.07 7.74
C LEU D 70 -32.92 -1.80 6.45
N GLU D 71 -33.77 -2.74 6.04
CA GLU D 71 -34.62 -2.58 4.88
C GLU D 71 -36.11 -2.72 5.25
N SER D 72 -36.97 -2.30 4.33
CA SER D 72 -38.40 -2.52 4.48
C SER D 72 -38.73 -4.01 4.50
N GLU D 73 -39.60 -4.41 5.44
CA GLU D 73 -40.04 -5.78 5.53
C GLU D 73 -40.57 -6.22 4.16
N GLU D 74 -41.44 -5.40 3.56
CA GLU D 74 -41.98 -5.66 2.22
C GLU D 74 -40.99 -6.31 1.25
N LEU D 75 -39.75 -5.85 1.28
CA LEU D 75 -38.71 -6.31 0.35
C LEU D 75 -38.51 -7.84 0.32
N TYR D 76 -38.56 -8.48 1.47
CA TYR D 76 -38.24 -9.92 1.56
C TYR D 76 -39.49 -10.77 1.46
N ILE D 77 -40.58 -10.28 2.04
CA ILE D 77 -41.87 -10.97 2.01
C ILE D 77 -42.35 -11.14 0.56
N ARG D 78 -41.97 -10.20 -0.31
CA ARG D 78 -42.24 -10.31 -1.73
C ARG D 78 -41.35 -11.36 -2.39
N LYS D 79 -40.23 -11.70 -1.75
CA LYS D 79 -39.36 -12.75 -2.25
C LYS D 79 -39.95 -14.12 -1.90
N ALA D 80 -40.04 -14.41 -0.61
CA ALA D 80 -40.33 -15.76 -0.14
C ALA D 80 -41.74 -15.98 0.44
N GLY D 81 -42.45 -14.89 0.77
CA GLY D 81 -43.76 -15.00 1.42
C GLY D 81 -43.73 -14.64 2.91
N GLU D 82 -44.90 -14.55 3.52
CA GLU D 82 -45.03 -14.13 4.93
C GLU D 82 -44.18 -14.96 5.91
N GLU D 83 -43.95 -16.23 5.58
CA GLU D 83 -43.21 -17.19 6.42
C GLU D 83 -41.83 -16.73 6.90
N ILE D 84 -41.15 -15.91 6.12
CA ILE D 84 -39.81 -15.44 6.50
C ILE D 84 -39.85 -14.37 7.59
N THR D 85 -41.01 -13.73 7.79
CA THR D 85 -41.15 -12.71 8.84
C THR D 85 -40.87 -13.26 10.25
N GLU D 86 -40.93 -14.58 10.42
CA GLU D 86 -40.55 -15.24 11.68
C GLU D 86 -39.07 -15.63 11.73
N GLN D 87 -38.42 -15.74 10.57
CA GLN D 87 -37.00 -16.11 10.49
C GLN D 87 -36.08 -14.91 10.24
N MET D 88 -36.43 -13.76 10.83
CA MET D 88 -35.58 -12.59 10.78
C MET D 88 -35.91 -11.63 11.92
N PHE D 89 -35.21 -10.50 11.97
CA PHE D 89 -35.36 -9.51 13.03
C PHE D 89 -36.27 -8.34 12.61
N ASN D 90 -37.53 -8.39 13.04
CA ASN D 90 -38.54 -7.38 12.68
C ASN D 90 -38.74 -6.32 13.76
N PHE D 91 -39.19 -5.14 13.34
CA PHE D 91 -39.70 -4.13 14.27
C PHE D 91 -40.39 -2.97 13.55
N ILE D 92 -40.98 -2.06 14.34
CA ILE D 92 -41.86 -1.01 13.83
C ILE D 92 -41.33 0.39 14.16
N THR D 93 -41.67 1.35 13.31
CA THR D 93 -41.27 2.75 13.51
C THR D 93 -42.52 3.64 13.53
N HIS D 97 -45.00 1.24 10.35
CA HIS D 97 -43.96 1.11 9.33
C HIS D 97 -42.92 0.06 9.75
N ARG D 98 -42.96 -1.09 9.08
CA ARG D 98 -42.17 -2.26 9.46
C ARG D 98 -40.83 -2.35 8.72
N VAL D 99 -39.79 -2.72 9.45
CA VAL D 99 -38.45 -2.89 8.87
C VAL D 99 -37.70 -4.07 9.49
N ALA D 100 -36.71 -4.60 8.78
CA ALA D 100 -35.98 -5.75 9.29
C ALA D 100 -34.48 -5.69 8.98
N LEU D 101 -33.72 -6.49 9.72
CA LEU D 101 -32.29 -6.67 9.45
C LEU D 101 -32.16 -7.78 8.42
N ARG D 102 -31.53 -7.43 7.29
CA ARG D 102 -31.56 -8.24 6.08
C ARG D 102 -30.94 -9.62 6.30
N PRO D 103 -31.60 -10.67 5.78
CA PRO D 103 -31.00 -11.99 5.82
C PRO D 103 -30.13 -12.25 4.61
N GLU D 104 -30.37 -11.50 3.53
CA GLU D 104 -29.62 -11.67 2.28
C GLU D 104 -29.47 -10.32 1.58
N MET D 105 -28.38 -10.18 0.85
CA MET D 105 -28.05 -8.94 0.18
C MET D 105 -28.74 -8.78 -1.18
N THR D 106 -29.13 -9.88 -1.81
CA THR D 106 -29.64 -9.78 -3.18
C THR D 106 -30.81 -8.79 -3.30
N PRO D 107 -31.84 -8.91 -2.45
CA PRO D 107 -32.96 -7.98 -2.58
C PRO D 107 -32.59 -6.48 -2.60
N SER D 108 -31.54 -6.08 -1.88
CA SER D 108 -31.10 -4.68 -1.88
C SER D 108 -30.36 -4.31 -3.15
N LEU D 109 -29.73 -5.30 -3.78
CA LEU D 109 -29.17 -5.09 -5.11
C LEU D 109 -30.32 -4.76 -6.04
N ALA D 110 -31.30 -5.65 -6.13
CA ALA D 110 -32.47 -5.47 -6.98
C ALA D 110 -33.19 -4.13 -6.78
N ARG D 111 -33.30 -3.71 -5.52
CA ARG D 111 -33.87 -2.40 -5.19
C ARG D 111 -33.03 -1.27 -5.80
N GLN D 112 -31.71 -1.35 -5.61
CA GLN D 112 -30.81 -0.31 -6.07
C GLN D 112 -30.76 -0.20 -7.59
N LEU D 113 -30.74 -1.34 -8.26
CA LEU D 113 -30.77 -1.35 -9.73
C LEU D 113 -32.06 -0.69 -10.21
N LEU D 114 -33.21 -1.14 -9.69
CA LEU D 114 -34.51 -0.56 -10.05
C LEU D 114 -34.63 0.92 -9.71
N ALA D 115 -33.95 1.35 -8.65
CA ALA D 115 -33.85 2.79 -8.34
C ALA D 115 -33.12 3.54 -9.44
N LYS D 116 -32.11 2.91 -10.05
CA LYS D 116 -31.36 3.52 -11.16
C LYS D 116 -32.04 3.40 -12.55
N GLY D 117 -32.92 2.42 -12.71
CA GLY D 117 -33.74 2.30 -13.93
C GLY D 117 -32.95 2.13 -15.21
N ARG D 118 -33.38 2.83 -16.26
CA ARG D 118 -32.72 2.78 -17.57
C ARG D 118 -31.38 3.53 -17.61
N SER D 119 -31.07 4.28 -16.56
CA SER D 119 -29.81 5.01 -16.45
C SER D 119 -28.65 4.16 -15.95
N LEU D 120 -28.93 2.92 -15.54
CA LEU D 120 -27.91 1.99 -15.08
C LEU D 120 -27.19 1.50 -16.30
N LEU D 121 -25.92 1.85 -16.41
CA LEU D 121 -25.10 1.50 -17.54
C LEU D 121 -24.80 -0.01 -17.49
N LEU D 122 -25.36 -0.76 -18.45
CA LEU D 122 -25.18 -2.22 -18.51
C LEU D 122 -24.08 -2.55 -19.51
N PRO D 123 -23.29 -3.60 -19.25
CA PRO D 123 -23.37 -4.53 -18.12
C PRO D 123 -22.71 -4.02 -16.85
N ALA D 124 -23.40 -4.17 -15.72
CA ALA D 124 -22.89 -3.69 -14.43
C ALA D 124 -22.41 -4.87 -13.58
N LYS D 125 -21.18 -4.76 -13.09
CA LYS D 125 -20.58 -5.79 -12.25
C LYS D 125 -20.41 -5.28 -10.81
N TRP D 126 -21.35 -5.65 -9.95
CA TRP D 126 -21.46 -5.10 -8.60
C TRP D 126 -21.14 -6.13 -7.51
N TYR D 127 -20.29 -5.75 -6.56
CA TYR D 127 -19.97 -6.58 -5.38
C TYR D 127 -20.12 -5.82 -4.07
N SER D 128 -20.37 -6.55 -3.00
CA SER D 128 -20.43 -5.98 -1.66
C SER D 128 -20.03 -7.06 -0.70
N ILE D 129 -19.66 -6.71 0.53
CA ILE D 129 -19.37 -7.73 1.55
C ILE D 129 -20.21 -7.44 2.79
N PRO D 130 -21.53 -7.46 2.62
CA PRO D 130 -22.44 -7.07 3.67
C PRO D 130 -22.53 -8.07 4.82
N GLN D 131 -22.92 -7.57 5.98
CA GLN D 131 -23.29 -8.43 7.09
C GLN D 131 -24.76 -8.76 6.94
N CYS D 132 -25.12 -10.00 7.18
CA CYS D 132 -26.52 -10.39 7.06
C CYS D 132 -26.94 -11.04 8.35
N TRP D 133 -28.24 -10.97 8.62
CA TRP D 133 -28.79 -11.35 9.91
C TRP D 133 -29.97 -12.28 9.72
N ARG D 134 -29.91 -13.44 10.37
CA ARG D 134 -31.00 -14.40 10.33
C ARG D 134 -31.33 -14.93 11.73
N TYR D 135 -32.57 -14.72 12.17
CA TYR D 135 -33.01 -15.17 13.47
C TYR D 135 -33.16 -16.68 13.43
N GLU D 136 -32.32 -17.37 14.19
CA GLU D 136 -32.28 -18.83 14.24
C GLU D 136 -31.80 -19.27 15.62
N ALA D 137 -31.64 -20.58 15.81
CA ALA D 137 -31.03 -21.15 17.04
C ALA D 137 -29.50 -21.17 16.92
N ILE D 138 -28.81 -21.22 18.06
CA ILE D 138 -27.34 -21.05 18.08
C ILE D 138 -26.56 -22.36 18.19
N THR D 139 -26.87 -23.20 19.17
CA THR D 139 -26.17 -24.48 19.31
C THR D 139 -26.66 -25.55 18.31
N ARG D 140 -27.58 -25.18 17.42
CA ARG D 140 -28.01 -26.03 16.30
C ARG D 140 -27.53 -25.46 14.96
N GLY D 141 -26.22 -25.53 14.72
CA GLY D 141 -25.63 -25.20 13.42
C GLY D 141 -25.26 -23.74 13.20
N ARG D 142 -26.21 -22.98 12.66
CA ARG D 142 -25.96 -21.59 12.26
C ARG D 142 -25.77 -20.64 13.46
N ARG D 143 -25.44 -19.38 13.17
CA ARG D 143 -25.03 -18.42 14.20
C ARG D 143 -25.56 -16.99 14.01
N ARG D 144 -26.81 -16.86 13.59
CA ARG D 144 -27.51 -15.56 13.55
C ARG D 144 -26.83 -14.43 12.76
N GLU D 145 -25.50 -14.42 12.71
CA GLU D 145 -24.74 -13.34 12.07
C GLU D 145 -23.62 -13.89 11.20
N HIS D 146 -23.45 -13.33 10.00
CA HIS D 146 -22.35 -13.67 9.11
C HIS D 146 -22.10 -12.56 8.09
N TYR D 147 -20.87 -12.48 7.61
CA TYR D 147 -20.58 -11.64 6.47
C TYR D 147 -20.64 -12.49 5.21
N GLN D 148 -20.76 -11.86 4.06
CA GLN D 148 -21.00 -12.60 2.82
C GLN D 148 -20.57 -11.79 1.59
N TRP D 149 -19.61 -12.33 0.85
CA TRP D 149 -19.14 -11.71 -0.38
C TRP D 149 -20.15 -11.90 -1.50
N ASN D 150 -20.91 -10.86 -1.79
CA ASN D 150 -21.80 -10.90 -2.92
C ASN D 150 -21.03 -10.51 -4.19
N MET D 151 -21.59 -10.87 -5.34
CA MET D 151 -20.88 -10.70 -6.60
C MET D 151 -21.86 -10.89 -7.75
N ASP D 152 -22.38 -9.80 -8.30
CA ASP D 152 -23.48 -9.88 -9.27
C ASP D 152 -23.17 -9.22 -10.63
N ILE D 153 -23.35 -9.97 -11.71
CA ILE D 153 -23.24 -9.37 -13.04
C ILE D 153 -24.65 -9.14 -13.55
N ILE D 154 -24.93 -7.94 -14.05
CA ILE D 154 -26.25 -7.69 -14.56
C ILE D 154 -26.10 -7.13 -15.98
N GLY D 155 -27.00 -7.57 -16.87
CA GLY D 155 -27.04 -7.08 -18.22
C GLY D 155 -26.38 -8.02 -19.21
N VAL D 156 -25.95 -9.19 -18.76
CA VAL D 156 -25.30 -10.13 -19.67
C VAL D 156 -26.20 -11.32 -19.95
N LYS D 157 -26.68 -11.40 -21.19
CA LYS D 157 -27.55 -12.53 -21.62
C LYS D 157 -26.79 -13.87 -21.69
N SER D 158 -25.54 -13.82 -22.17
CA SER D 158 -24.82 -15.02 -22.56
C SER D 158 -24.25 -15.75 -21.34
N VAL D 159 -23.63 -16.91 -21.58
CA VAL D 159 -23.15 -17.74 -20.49
C VAL D 159 -21.83 -17.26 -19.92
N SER D 160 -21.23 -16.26 -20.55
CA SER D 160 -19.93 -15.68 -20.12
C SER D 160 -19.95 -15.00 -18.73
N SER D 161 -21.13 -14.62 -18.24
CA SER D 161 -21.26 -14.08 -16.87
C SER D 161 -21.26 -15.20 -15.82
N GLU D 162 -21.86 -16.35 -16.15
CA GLU D 162 -21.73 -17.53 -15.31
C GLU D 162 -20.25 -17.90 -15.16
N VAL D 163 -19.55 -18.00 -16.30
CA VAL D 163 -18.14 -18.40 -16.37
C VAL D 163 -17.21 -17.58 -15.45
N GLU D 164 -17.38 -16.26 -15.47
CA GLU D 164 -16.43 -15.40 -14.77
C GLU D 164 -16.69 -15.35 -13.29
N LEU D 165 -17.95 -15.44 -12.89
CA LEU D 165 -18.31 -15.54 -11.47
C LEU D 165 -17.71 -16.83 -10.89
N VAL D 166 -17.85 -17.93 -11.63
CA VAL D 166 -17.25 -19.15 -11.20
C VAL D 166 -15.73 -18.94 -11.13
N CYS D 167 -15.17 -18.27 -12.12
CA CYS D 167 -13.74 -17.97 -12.08
C CYS D 167 -13.40 -17.11 -10.90
N ALA D 168 -14.21 -16.09 -10.61
CA ALA D 168 -13.95 -15.26 -9.45
C ALA D 168 -13.90 -16.16 -8.21
N ALA D 169 -15.00 -16.83 -7.86
CA ALA D 169 -15.07 -17.72 -6.68
C ALA D 169 -13.85 -18.62 -6.62
N CYS D 170 -13.57 -19.32 -7.73
CA CYS D 170 -12.35 -20.10 -7.81
C CYS D 170 -11.11 -19.24 -7.53
N THR D 171 -11.00 -18.04 -8.10
CA THR D 171 -9.83 -17.18 -7.88
C THR D 171 -9.61 -16.81 -6.41
N ALA D 172 -10.68 -16.47 -5.71
CA ALA D 172 -10.59 -16.17 -4.30
C ALA D 172 -10.13 -17.41 -3.51
N MET D 173 -10.61 -18.59 -3.91
CA MET D 173 -10.22 -19.84 -3.25
C MET D 173 -8.77 -20.19 -3.58
N GLN D 174 -8.33 -19.84 -4.77
CA GLN D 174 -6.96 -20.09 -5.14
C GLN D 174 -6.04 -19.20 -4.30
N SER D 175 -6.42 -17.93 -4.17
CA SER D 175 -5.60 -16.96 -3.44
C SER D 175 -5.50 -17.27 -1.94
N LEU D 176 -6.56 -17.83 -1.36
CA LEU D 176 -6.57 -18.21 0.05
C LEU D 176 -5.74 -19.46 0.37
N GLY D 177 -5.37 -20.20 -0.67
CA GLY D 177 -4.50 -21.37 -0.53
C GLY D 177 -5.04 -22.64 -1.15
N LEU D 178 -6.33 -22.68 -1.43
CA LEU D 178 -6.99 -23.92 -1.86
C LEU D 178 -6.60 -24.30 -3.30
N SER D 179 -6.44 -25.59 -3.56
CA SER D 179 -6.15 -26.07 -4.92
C SER D 179 -7.33 -26.87 -5.45
N SER D 180 -7.22 -27.25 -6.71
CA SER D 180 -8.24 -28.09 -7.35
C SER D 180 -8.46 -29.43 -6.65
N LYS D 181 -7.45 -29.89 -5.91
CA LYS D 181 -7.58 -31.08 -5.08
C LYS D 181 -8.41 -30.80 -3.82
N ASP D 182 -8.30 -29.59 -3.28
CA ASP D 182 -8.96 -29.26 -2.02
C ASP D 182 -10.44 -28.97 -2.22
N VAL D 183 -10.74 -28.09 -3.17
CA VAL D 183 -12.12 -27.67 -3.42
C VAL D 183 -12.56 -27.92 -4.88
N GLY D 184 -13.77 -27.44 -5.19
CA GLY D 184 -14.28 -27.40 -6.56
C GLY D 184 -15.65 -26.73 -6.58
N VAL D 185 -16.20 -26.54 -7.78
CA VAL D 185 -17.55 -25.98 -7.93
C VAL D 185 -18.42 -26.87 -8.81
N LYS D 186 -19.53 -27.33 -8.25
CA LYS D 186 -20.50 -28.14 -9.01
C LYS D 186 -21.26 -27.24 -9.97
N ILE D 187 -21.70 -27.81 -11.08
CA ILE D 187 -22.53 -27.07 -12.01
C ILE D 187 -23.77 -27.88 -12.35
N ASN D 188 -24.87 -27.16 -12.52
CA ASN D 188 -26.16 -27.73 -12.88
C ASN D 188 -26.93 -26.62 -13.59
N SER D 189 -28.02 -26.98 -14.24
CA SER D 189 -28.85 -26.01 -14.95
C SER D 189 -30.28 -26.39 -14.65
N ARG D 190 -31.08 -25.45 -14.15
CA ARG D 190 -32.45 -25.76 -13.83
C ARG D 190 -33.26 -26.02 -15.10
N LYS D 191 -32.73 -25.57 -16.24
CA LYS D 191 -33.35 -25.86 -17.55
C LYS D 191 -33.41 -27.37 -17.84
N ILE D 192 -32.39 -28.09 -17.40
CA ILE D 192 -32.38 -29.55 -17.43
C ILE D 192 -33.70 -30.03 -16.84
N LEU D 193 -33.96 -29.68 -15.59
CA LEU D 193 -35.10 -30.21 -14.85
C LEU D 193 -36.45 -29.73 -15.41
N GLN D 194 -36.56 -28.46 -15.82
CA GLN D 194 -37.83 -27.95 -16.37
C GLN D 194 -38.18 -28.55 -17.75
N THR D 195 -37.17 -28.83 -18.58
CA THR D 195 -37.43 -29.35 -19.92
C THR D 195 -37.79 -30.84 -19.85
N VAL D 196 -37.24 -31.54 -18.86
CA VAL D 196 -37.65 -32.90 -18.51
C VAL D 196 -39.16 -32.98 -18.26
N VAL D 197 -39.74 -31.90 -17.71
CA VAL D 197 -41.19 -31.79 -17.54
C VAL D 197 -41.89 -31.25 -18.79
N GLU D 198 -42.64 -32.13 -19.45
CA GLU D 198 -43.30 -31.82 -20.71
C GLU D 198 -44.41 -32.83 -21.00
N ASP D 205 -46.53 -26.59 -11.96
CA ASP D 205 -45.56 -25.52 -12.20
C ASP D 205 -44.61 -25.32 -11.00
N LYS D 206 -45.15 -25.52 -9.79
CA LYS D 206 -44.40 -25.30 -8.54
C LYS D 206 -43.82 -26.60 -7.99
N PHE D 207 -42.82 -27.11 -8.70
CA PHE D 207 -42.24 -28.42 -8.42
C PHE D 207 -40.83 -28.35 -7.83
N ALA D 208 -40.01 -27.40 -8.32
CA ALA D 208 -38.62 -27.23 -7.88
C ALA D 208 -38.41 -27.04 -6.37
N PRO D 209 -39.40 -26.46 -5.66
CA PRO D 209 -39.37 -26.43 -4.19
C PRO D 209 -39.27 -27.80 -3.48
N VAL D 210 -39.89 -28.83 -4.06
CA VAL D 210 -39.88 -30.17 -3.45
C VAL D 210 -38.49 -30.83 -3.48
N CYS D 211 -37.77 -30.62 -4.58
CA CYS D 211 -36.46 -31.21 -4.79
C CYS D 211 -35.40 -30.72 -3.80
N VAL D 212 -35.50 -29.45 -3.40
CA VAL D 212 -34.50 -28.83 -2.55
C VAL D 212 -34.37 -29.52 -1.18
N ILE D 213 -35.47 -30.07 -0.67
CA ILE D 213 -35.48 -30.75 0.64
C ILE D 213 -34.75 -32.11 0.63
N VAL D 214 -34.59 -32.70 -0.56
CA VAL D 214 -33.71 -33.87 -0.72
C VAL D 214 -32.31 -33.44 -1.13
N PRO D 221 -34.84 -39.50 2.71
CA PRO D 221 -35.86 -40.47 2.37
C PRO D 221 -36.32 -40.29 0.92
N ARG D 222 -35.85 -41.18 0.04
CA ARG D 222 -36.20 -41.10 -1.38
C ARG D 222 -37.71 -41.09 -1.60
N GLU D 223 -38.45 -41.92 -0.87
CA GLU D 223 -39.91 -42.03 -1.06
C GLU D 223 -40.77 -40.95 -0.37
N GLU D 224 -40.26 -40.37 0.71
CA GLU D 224 -40.92 -39.21 1.33
C GLU D 224 -40.92 -38.02 0.36
N VAL D 225 -39.99 -38.04 -0.60
CA VAL D 225 -40.00 -37.11 -1.74
C VAL D 225 -40.89 -37.68 -2.85
N VAL D 226 -40.72 -38.96 -3.19
CA VAL D 226 -41.51 -39.61 -4.25
C VAL D 226 -43.00 -39.80 -3.87
N ALA D 227 -43.37 -39.51 -2.63
CA ALA D 227 -44.77 -39.40 -2.22
C ALA D 227 -45.27 -37.96 -2.36
N GLN D 228 -44.35 -37.01 -2.19
CA GLN D 228 -44.67 -35.58 -2.33
C GLN D 228 -44.73 -35.15 -3.79
N LEU D 229 -43.88 -35.76 -4.63
CA LEU D 229 -43.80 -35.38 -6.05
C LEU D 229 -45.06 -35.78 -6.81
N ALA D 230 -45.50 -37.01 -6.60
CA ALA D 230 -46.78 -37.45 -7.15
C ALA D 230 -47.92 -36.76 -6.41
N ALA D 231 -47.73 -36.53 -5.10
CA ALA D 231 -48.75 -35.95 -4.23
C ALA D 231 -49.50 -34.77 -4.85
N ILE D 232 -48.76 -33.87 -5.49
CA ILE D 232 -49.31 -32.61 -5.97
C ILE D 232 -50.22 -32.81 -7.18
N GLY D 233 -49.79 -33.61 -8.15
CA GLY D 233 -50.60 -33.91 -9.33
C GLY D 233 -49.80 -34.52 -10.46
N LEU D 234 -49.08 -35.60 -10.13
CA LEU D 234 -48.15 -36.23 -11.06
C LEU D 234 -48.24 -37.76 -10.99
N GLU D 235 -48.26 -38.39 -12.17
CA GLU D 235 -48.36 -39.84 -12.27
C GLU D 235 -46.98 -40.50 -12.20
N SER D 236 -46.94 -41.81 -12.33
CA SER D 236 -45.69 -42.57 -12.33
C SER D 236 -44.66 -41.96 -13.28
N ASN D 237 -44.99 -41.95 -14.58
CA ASN D 237 -44.05 -41.53 -15.63
C ASN D 237 -43.29 -40.22 -15.37
N VAL D 238 -44.00 -39.20 -14.88
CA VAL D 238 -43.41 -37.86 -14.70
C VAL D 238 -42.50 -37.78 -13.48
N VAL D 239 -42.95 -38.30 -12.34
CA VAL D 239 -42.14 -38.32 -11.12
C VAL D 239 -40.92 -39.23 -11.29
N ASP D 240 -41.15 -40.40 -11.90
CA ASP D 240 -40.05 -41.33 -12.21
C ASP D 240 -38.99 -40.65 -13.09
N ALA D 241 -39.45 -39.89 -14.08
CA ALA D 241 -38.56 -39.23 -15.04
C ALA D 241 -37.54 -38.31 -14.38
N ILE D 242 -37.96 -37.68 -13.28
CA ILE D 242 -37.13 -36.71 -12.57
C ILE D 242 -36.10 -37.43 -11.69
N THR D 243 -36.57 -38.26 -10.76
CA THR D 243 -35.70 -38.98 -9.82
C THR D 243 -34.38 -39.48 -10.44
N SER D 244 -34.45 -39.98 -11.67
CA SER D 244 -33.30 -40.57 -12.33
C SER D 244 -32.36 -39.56 -12.98
N THR D 245 -32.87 -38.36 -13.31
CA THR D 245 -32.00 -37.29 -13.85
C THR D 245 -31.07 -36.73 -12.78
N LEU D 246 -31.49 -36.80 -11.51
CA LEU D 246 -30.68 -36.35 -10.38
C LEU D 246 -29.62 -37.37 -9.97
N SER D 247 -29.61 -38.53 -10.63
CA SER D 247 -28.55 -39.51 -10.46
C SER D 247 -27.37 -39.22 -11.41
N LEU D 248 -27.63 -38.42 -12.43
CA LEU D 248 -26.67 -38.26 -13.54
C LEU D 248 -25.53 -37.27 -13.20
N LYS D 249 -24.30 -37.69 -13.49
CA LYS D 249 -23.11 -36.94 -13.11
C LYS D 249 -22.19 -36.59 -14.29
N THR D 250 -22.71 -36.66 -15.51
CA THR D 250 -21.97 -36.21 -16.71
C THR D 250 -22.89 -35.55 -17.74
N ILE D 251 -22.36 -34.59 -18.49
CA ILE D 251 -23.15 -33.83 -19.45
C ILE D 251 -23.66 -34.73 -20.57
N ASP D 252 -22.79 -35.65 -21.02
CA ASP D 252 -23.16 -36.62 -22.05
C ASP D 252 -24.46 -37.33 -21.67
N GLU D 253 -24.58 -37.70 -20.40
CA GLU D 253 -25.76 -38.40 -19.87
C GLU D 253 -27.03 -37.53 -19.89
N ILE D 254 -26.87 -36.21 -19.85
CA ILE D 254 -28.00 -35.26 -19.92
C ILE D 254 -28.40 -34.99 -21.35
N ALA D 255 -27.42 -34.81 -22.22
CA ALA D 255 -27.68 -34.63 -23.64
C ALA D 255 -28.25 -35.91 -24.29
N GLN D 256 -27.78 -37.08 -23.83
CA GLN D 256 -28.25 -38.40 -24.31
C GLN D 256 -29.62 -38.74 -23.69
N ARG D 257 -30.55 -37.79 -23.69
CA ARG D 257 -31.76 -37.87 -22.88
C ARG D 257 -32.86 -36.92 -23.38
N GLU D 261 -28.10 -31.04 -28.31
CA GLU D 261 -28.43 -29.87 -29.12
C GLU D 261 -29.53 -28.99 -28.48
N HIS D 262 -29.84 -29.23 -27.21
CA HIS D 262 -30.81 -28.41 -26.48
C HIS D 262 -30.14 -27.21 -25.80
N GLU D 263 -30.82 -26.07 -25.79
CA GLU D 263 -30.30 -24.84 -25.14
C GLU D 263 -29.40 -25.13 -23.92
N ALA D 264 -29.97 -25.86 -22.95
CA ALA D 264 -29.40 -26.08 -21.60
C ALA D 264 -28.11 -26.91 -21.57
N VAL D 265 -27.94 -27.79 -22.55
CA VAL D 265 -26.66 -28.50 -22.72
C VAL D 265 -25.72 -27.70 -23.61
N ARG D 266 -26.30 -26.90 -24.51
CA ARG D 266 -25.53 -25.98 -25.33
C ARG D 266 -24.79 -24.98 -24.45
N GLU D 267 -25.48 -24.49 -23.43
CA GLU D 267 -24.90 -23.59 -22.42
C GLU D 267 -23.79 -24.23 -21.63
N LEU D 268 -24.11 -25.31 -20.95
CA LEU D 268 -23.16 -25.99 -20.08
C LEU D 268 -21.88 -26.34 -20.82
N ARG D 269 -22.02 -26.87 -22.03
CA ARG D 269 -20.85 -27.19 -22.88
C ARG D 269 -20.05 -25.93 -23.25
N ASP D 270 -20.74 -24.81 -23.42
CA ASP D 270 -20.09 -23.53 -23.71
C ASP D 270 -19.43 -23.02 -22.44
N PHE D 271 -20.14 -23.13 -21.32
CA PHE D 271 -19.59 -22.84 -19.98
C PHE D 271 -18.31 -23.63 -19.72
N ILE D 272 -18.39 -24.96 -19.78
CA ILE D 272 -17.20 -25.82 -19.56
C ILE D 272 -16.05 -25.43 -20.48
N THR D 273 -16.32 -25.39 -21.80
CA THR D 273 -15.29 -24.96 -22.77
C THR D 273 -14.67 -23.64 -22.30
N GLN D 274 -15.50 -22.70 -21.84
CA GLN D 274 -15.02 -21.39 -21.42
C GLN D 274 -14.20 -21.45 -20.13
N ILE D 275 -14.70 -22.11 -19.09
CA ILE D 275 -13.94 -22.22 -17.83
C ILE D 275 -12.57 -22.88 -18.08
N GLU D 276 -12.54 -23.90 -18.92
CA GLU D 276 -11.28 -24.56 -19.28
C GLU D 276 -10.34 -23.63 -19.98
N ALA D 277 -10.90 -22.73 -20.79
CA ALA D 277 -10.10 -21.74 -21.51
C ALA D 277 -9.45 -20.76 -20.55
N TYR D 278 -10.20 -20.32 -19.55
CA TYR D 278 -9.70 -19.39 -18.54
C TYR D 278 -8.57 -20.03 -17.70
N GLY D 279 -8.72 -21.33 -17.40
CA GLY D 279 -7.73 -22.08 -16.62
C GLY D 279 -8.23 -22.76 -15.35
N PHE D 280 -9.54 -22.96 -15.23
CA PHE D 280 -10.10 -23.65 -14.05
C PHE D 280 -10.76 -24.99 -14.38
N GLY D 281 -10.49 -25.56 -15.54
CA GLY D 281 -11.03 -26.88 -15.90
C GLY D 281 -10.93 -27.94 -14.80
N ASP D 282 -9.79 -27.96 -14.11
CA ASP D 282 -9.58 -28.92 -13.02
C ASP D 282 -10.34 -28.56 -11.73
N TRP D 283 -11.19 -27.53 -11.79
CA TRP D 283 -11.96 -27.08 -10.62
C TRP D 283 -13.47 -27.31 -10.73
N VAL D 284 -14.03 -27.32 -11.93
CA VAL D 284 -15.46 -27.55 -12.08
C VAL D 284 -15.80 -29.01 -12.21
N ILE D 285 -17.08 -29.33 -12.00
CA ILE D 285 -17.61 -30.67 -12.16
C ILE D 285 -19.12 -30.54 -12.34
N PHE D 286 -19.74 -31.38 -13.17
CA PHE D 286 -21.20 -31.35 -13.33
C PHE D 286 -21.93 -32.28 -12.36
N ASP D 287 -23.08 -31.81 -11.87
CA ASP D 287 -23.87 -32.56 -10.92
C ASP D 287 -25.33 -32.15 -11.02
N ALA D 288 -26.20 -33.11 -11.35
CA ALA D 288 -27.60 -32.83 -11.51
C ALA D 288 -28.29 -32.58 -10.16
N SER D 289 -27.70 -33.07 -9.08
CA SER D 289 -28.34 -33.00 -7.77
C SER D 289 -28.25 -31.63 -7.07
N VAL D 290 -27.57 -30.66 -7.69
CA VAL D 290 -27.53 -29.29 -7.14
C VAL D 290 -28.87 -28.58 -7.35
N VAL D 291 -29.65 -28.53 -6.27
CA VAL D 291 -31.00 -27.99 -6.27
C VAL D 291 -31.20 -26.96 -5.15
N ARG D 292 -30.11 -26.32 -4.72
CA ARG D 292 -30.17 -25.38 -3.60
C ARG D 292 -30.88 -24.07 -3.98
N GLY D 293 -32.19 -24.01 -3.68
CA GLY D 293 -33.01 -22.84 -4.01
C GLY D 293 -33.22 -22.72 -5.51
N LEU D 294 -33.39 -23.86 -6.17
CA LEU D 294 -33.41 -23.92 -7.62
C LEU D 294 -34.62 -23.22 -8.25
N ALA D 295 -35.74 -23.22 -7.54
CA ALA D 295 -36.93 -22.52 -7.99
C ALA D 295 -36.60 -21.06 -8.27
N TYR D 296 -35.82 -20.46 -7.38
CA TYR D 296 -35.54 -19.02 -7.39
C TYR D 296 -34.55 -18.62 -8.51
N TYR D 297 -33.90 -19.61 -9.14
CA TYR D 297 -32.97 -19.37 -10.25
C TYR D 297 -33.67 -19.54 -11.59
N THR D 298 -32.96 -19.19 -12.67
CA THR D 298 -33.47 -19.33 -14.05
C THR D 298 -32.72 -20.36 -14.89
N GLY D 299 -31.38 -20.35 -14.80
CA GLY D 299 -30.53 -21.15 -15.68
C GLY D 299 -29.46 -21.87 -14.89
N ILE D 300 -28.19 -21.64 -15.22
CA ILE D 300 -27.09 -22.32 -14.56
C ILE D 300 -27.06 -21.96 -13.09
N VAL D 301 -26.82 -22.96 -12.24
CA VAL D 301 -26.59 -22.72 -10.82
C VAL D 301 -25.33 -23.47 -10.40
N PHE D 302 -24.64 -22.94 -9.39
CA PHE D 302 -23.38 -23.51 -8.97
C PHE D 302 -23.20 -23.41 -7.46
N GLU D 303 -22.19 -24.12 -6.98
CA GLU D 303 -22.01 -24.36 -5.56
C GLU D 303 -20.59 -24.85 -5.28
N GLY D 304 -19.81 -24.02 -4.57
CA GLY D 304 -18.49 -24.42 -4.07
C GLY D 304 -18.62 -25.54 -3.05
N PHE D 305 -17.63 -26.44 -3.05
CA PHE D 305 -17.62 -27.56 -2.12
C PHE D 305 -16.23 -28.15 -1.89
N ASP D 306 -15.98 -28.57 -0.66
CA ASP D 306 -14.75 -29.23 -0.29
C ASP D 306 -14.90 -30.68 -0.74
N ARG D 307 -13.84 -31.20 -1.35
CA ARG D 307 -13.89 -32.47 -2.04
C ARG D 307 -13.91 -33.68 -1.09
N ASP D 308 -13.47 -33.48 0.15
CA ASP D 308 -13.50 -34.54 1.17
C ASP D 308 -14.90 -34.72 1.77
N GLY D 309 -15.80 -33.78 1.52
CA GLY D 309 -17.21 -33.93 1.88
C GLY D 309 -17.53 -33.67 3.34
N ASN D 310 -16.73 -32.82 3.98
CA ASN D 310 -16.82 -32.61 5.42
C ASN D 310 -17.63 -31.38 5.85
N PHE D 311 -17.74 -30.40 4.95
CA PHE D 311 -18.38 -29.11 5.27
C PHE D 311 -19.55 -28.82 4.38
N ARG D 312 -20.39 -27.88 4.79
CA ARG D 312 -21.48 -27.40 3.95
C ARG D 312 -20.90 -26.58 2.80
N ALA D 313 -21.79 -25.95 2.02
CA ALA D 313 -21.39 -25.27 0.78
C ALA D 313 -20.45 -24.09 1.05
N LEU D 314 -19.44 -23.98 0.20
CA LEU D 314 -18.50 -22.86 0.30
C LEU D 314 -19.23 -21.61 -0.18
N CYS D 315 -19.67 -21.63 -1.42
CA CYS D 315 -20.36 -20.50 -2.03
C CYS D 315 -21.47 -21.05 -2.91
N GLY D 316 -22.51 -20.27 -3.10
CA GLY D 316 -23.62 -20.67 -3.95
C GLY D 316 -24.14 -19.53 -4.81
N GLY D 317 -24.67 -19.86 -5.97
CA GLY D 317 -25.20 -18.85 -6.86
C GLY D 317 -25.87 -19.45 -8.07
N GLY D 318 -26.30 -18.58 -8.97
CA GLY D 318 -26.92 -19.00 -10.21
C GLY D 318 -27.38 -17.79 -11.03
N ARG D 319 -27.99 -18.09 -12.17
CA ARG D 319 -28.54 -17.06 -13.01
C ARG D 319 -29.97 -16.92 -12.60
N TYR D 320 -30.37 -15.69 -12.28
CA TYR D 320 -31.76 -15.37 -12.01
C TYR D 320 -32.23 -14.21 -12.87
N ASP D 321 -32.79 -14.50 -14.04
CA ASP D 321 -33.27 -13.47 -14.96
C ASP D 321 -34.53 -12.87 -14.42
N ASN D 322 -35.20 -13.61 -13.53
CA ASN D 322 -36.45 -13.17 -12.91
C ASN D 322 -36.25 -12.34 -11.63
N LEU D 323 -35.03 -11.84 -11.43
CA LEU D 323 -34.70 -11.15 -10.20
C LEU D 323 -35.49 -9.87 -10.11
N LEU D 324 -35.33 -9.01 -11.09
CA LEU D 324 -35.89 -7.67 -11.01
C LEU D 324 -37.40 -7.66 -11.28
N THR D 325 -37.86 -8.51 -12.20
CA THR D 325 -39.28 -8.61 -12.51
C THR D 325 -40.06 -8.94 -11.23
N THR D 326 -39.51 -9.88 -10.44
CA THR D 326 -40.04 -10.20 -9.11
C THR D 326 -40.40 -8.95 -8.32
N TYR D 327 -39.46 -8.02 -8.21
CA TYR D 327 -39.70 -6.77 -7.46
C TYR D 327 -40.47 -5.73 -8.29
N GLY D 328 -41.22 -6.21 -9.29
CA GLY D 328 -42.16 -5.40 -10.05
C GLY D 328 -41.56 -4.72 -11.27
N SER D 329 -40.42 -5.21 -11.74
CA SER D 329 -39.76 -4.59 -12.89
C SER D 329 -40.64 -4.81 -14.12
N PRO D 330 -40.95 -3.74 -14.87
CA PRO D 330 -41.69 -3.99 -16.11
C PRO D 330 -40.85 -4.76 -17.13
N THR D 331 -39.58 -4.40 -17.23
CA THR D 331 -38.66 -5.06 -18.15
C THR D 331 -37.76 -6.00 -17.38
N ALA D 332 -37.74 -7.26 -17.79
CA ALA D 332 -36.79 -8.22 -17.23
C ALA D 332 -35.38 -7.72 -17.47
N VAL D 333 -34.42 -8.23 -16.71
CA VAL D 333 -33.02 -7.85 -16.91
C VAL D 333 -32.12 -8.98 -16.47
N PRO D 334 -31.34 -9.53 -17.41
CA PRO D 334 -30.51 -10.70 -17.11
C PRO D 334 -29.57 -10.46 -15.95
N CYS D 335 -29.48 -11.44 -15.07
CA CYS D 335 -28.66 -11.32 -13.89
C CYS D 335 -28.00 -12.64 -13.61
N VAL D 336 -26.75 -12.58 -13.16
CA VAL D 336 -26.11 -13.71 -12.47
C VAL D 336 -25.35 -13.20 -11.25
N GLY D 337 -25.26 -14.06 -10.24
CA GLY D 337 -24.48 -13.75 -9.06
C GLY D 337 -24.38 -14.89 -8.06
N PHE D 338 -23.42 -14.76 -7.14
CA PHE D 338 -23.27 -15.72 -6.06
C PHE D 338 -23.01 -15.04 -4.73
N GLY D 339 -23.31 -15.79 -3.67
CA GLY D 339 -22.89 -15.45 -2.31
C GLY D 339 -21.75 -16.36 -1.88
N PHE D 340 -20.81 -15.79 -1.11
CA PHE D 340 -19.60 -16.49 -0.62
C PHE D 340 -19.49 -16.22 0.86
N GLY D 341 -19.92 -17.15 1.70
CA GLY D 341 -19.93 -16.92 3.14
C GLY D 341 -18.56 -16.75 3.74
N ASP D 342 -18.50 -16.19 4.96
CA ASP D 342 -17.23 -16.01 5.68
C ASP D 342 -17.01 -17.04 6.78
N CYS D 343 -18.02 -17.88 7.02
CA CYS D 343 -17.92 -18.84 8.08
CA CYS D 343 -17.98 -18.88 8.09
C CYS D 343 -17.30 -20.16 7.61
N VAL D 344 -17.94 -20.87 6.68
CA VAL D 344 -17.44 -22.20 6.24
C VAL D 344 -16.03 -22.16 5.66
N ILE D 345 -15.72 -21.12 4.89
CA ILE D 345 -14.43 -21.02 4.22
C ILE D 345 -13.35 -21.08 5.26
N VAL D 346 -13.62 -20.47 6.40
CA VAL D 346 -12.70 -20.45 7.51
C VAL D 346 -12.47 -21.84 8.08
N GLU D 347 -13.54 -22.54 8.40
CA GLU D 347 -13.44 -23.91 8.91
C GLU D 347 -12.56 -24.75 7.99
N LEU D 348 -12.78 -24.61 6.69
CA LEU D 348 -12.01 -25.32 5.68
C LEU D 348 -10.54 -24.94 5.70
N LEU D 349 -10.27 -23.65 5.59
CA LEU D 349 -8.90 -23.15 5.64
C LEU D 349 -8.21 -23.69 6.90
N ASN D 350 -8.95 -23.76 8.00
CA ASN D 350 -8.45 -24.33 9.25
C ASN D 350 -8.18 -25.85 9.17
N GLU D 351 -9.06 -26.60 8.54
CA GLU D 351 -8.84 -28.05 8.33
C GLU D 351 -7.60 -28.31 7.47
N LYS D 352 -7.44 -27.51 6.40
CA LYS D 352 -6.30 -27.64 5.47
C LYS D 352 -5.06 -26.84 5.89
N LYS D 353 -5.06 -26.35 7.12
CA LYS D 353 -3.92 -25.64 7.70
C LYS D 353 -3.44 -24.51 6.79
N LEU D 354 -4.37 -23.68 6.34
CA LEU D 354 -4.06 -22.59 5.45
C LEU D 354 -4.30 -21.21 6.09
N LEU D 355 -4.79 -21.18 7.33
CA LEU D 355 -5.11 -19.92 7.99
C LEU D 355 -3.77 -19.30 8.37
N PRO D 356 -3.55 -18.03 7.97
CA PRO D 356 -2.26 -17.39 8.22
C PRO D 356 -2.08 -16.93 9.67
N GLU D 357 -0.83 -16.69 10.03
CA GLU D 357 -0.47 -16.14 11.33
C GLU D 357 -0.24 -14.64 11.18
N LEU D 358 -1.18 -13.84 11.72
CA LEU D 358 -1.15 -12.40 11.52
C LEU D 358 -0.78 -11.67 12.78
N HIS D 359 -0.13 -10.52 12.61
CA HIS D 359 0.33 -9.69 13.73
C HIS D 359 0.23 -8.19 13.46
N HIS D 360 -0.26 -7.45 14.46
CA HIS D 360 -0.09 -5.99 14.52
C HIS D 360 1.39 -5.68 14.45
N VAL D 361 1.77 -4.91 13.44
CA VAL D 361 3.14 -4.55 13.17
C VAL D 361 3.20 -3.04 12.99
N VAL D 362 4.19 -2.41 13.60
CA VAL D 362 4.50 -1.01 13.36
C VAL D 362 5.93 -0.94 12.86
N ASP D 363 6.27 0.09 12.09
CA ASP D 363 7.66 0.28 11.64
C ASP D 363 8.60 0.84 12.72
N ASP D 364 8.12 1.84 13.47
CA ASP D 364 8.96 2.58 14.42
C ASP D 364 8.32 2.67 15.80
N LEU D 365 9.14 2.55 16.84
CA LEU D 365 8.73 2.98 18.18
C LEU D 365 9.69 4.07 18.67
N VAL D 366 9.22 5.32 18.76
CA VAL D 366 10.07 6.39 19.28
C VAL D 366 10.22 6.29 20.81
N ILE D 367 11.44 6.44 21.31
CA ILE D 367 11.70 6.36 22.73
C ILE D 367 12.37 7.65 23.19
N PRO D 368 11.65 8.46 23.98
CA PRO D 368 12.31 9.58 24.65
C PRO D 368 13.23 9.06 25.74
N PHE D 369 14.47 9.55 25.78
CA PHE D 369 15.43 9.17 26.83
C PHE D 369 14.87 9.49 28.21
N ASP D 370 14.19 10.62 28.28
CA ASP D 370 13.41 11.02 29.44
C ASP D 370 12.31 11.97 28.97
N GLU D 371 11.54 12.51 29.91
CA GLU D 371 10.38 13.35 29.58
C GLU D 371 10.76 14.73 29.02
N THR D 372 12.02 15.12 29.23
CA THR D 372 12.51 16.40 28.71
C THR D 372 12.81 16.28 27.21
N MET D 373 12.93 15.07 26.72
CA MET D 373 13.11 14.85 25.28
C MET D 373 11.78 14.62 24.53
N ARG D 374 10.65 14.65 25.23
CA ARG D 374 9.35 14.35 24.60
C ARG D 374 9.04 15.27 23.42
N PRO D 375 9.11 16.58 23.61
CA PRO D 375 8.88 17.46 22.47
C PRO D 375 9.66 17.03 21.21
N HIS D 376 10.92 16.64 21.40
CA HIS D 376 11.80 16.32 20.29
C HIS D 376 11.48 14.92 19.74
N ALA D 377 11.21 13.98 20.65
CA ALA D 377 10.67 12.70 20.24
C ALA D 377 9.44 12.98 19.39
N LEU D 378 8.50 13.76 19.92
CA LEU D 378 7.29 14.08 19.19
C LEU D 378 7.59 14.59 17.78
N SER D 379 8.56 15.49 17.65
CA SER D 379 8.90 16.03 16.34
C SER D 379 9.35 14.93 15.37
N ILE D 380 10.09 13.96 15.88
CA ILE D 380 10.57 12.82 15.08
C ILE D 380 9.43 11.87 14.73
N LEU D 381 8.50 11.70 15.67
CA LEU D 381 7.26 10.98 15.42
C LEU D 381 6.58 11.48 14.13
N ARG D 382 6.24 12.77 14.08
CA ARG D 382 5.64 13.38 12.90
C ARG D 382 6.43 12.99 11.65
N ARG D 383 7.73 13.34 11.61
CA ARG D 383 8.57 13.07 10.43
C ARG D 383 8.40 11.65 9.90
N LEU D 384 8.49 10.70 10.81
CA LEU D 384 8.41 9.30 10.43
C LEU D 384 7.06 9.04 9.80
N ARG D 385 6.01 9.59 10.39
CA ARG D 385 4.68 9.43 9.83
C ARG D 385 4.50 10.15 8.51
N ASP D 386 5.02 11.38 8.45
CA ASP D 386 4.96 12.19 7.21
C ASP D 386 5.55 11.44 6.04
N ALA D 387 6.64 10.71 6.31
CA ALA D 387 7.37 9.96 5.29
C ALA D 387 6.72 8.64 4.90
N GLY D 388 5.52 8.37 5.42
CA GLY D 388 4.77 7.18 5.05
C GLY D 388 4.96 5.98 5.96
N ARG D 389 5.93 6.04 6.88
CA ARG D 389 6.15 4.95 7.85
C ARG D 389 5.07 4.92 8.93
N SER D 390 4.85 3.75 9.51
CA SER D 390 3.96 3.64 10.66
C SER D 390 4.82 3.73 11.91
N ALA D 391 4.52 4.71 12.77
CA ALA D 391 5.33 4.96 13.96
C ALA D 391 4.46 5.02 15.21
N ASP D 392 5.06 4.70 16.35
CA ASP D 392 4.38 4.85 17.63
C ASP D 392 5.35 5.46 18.63
N ILE D 393 4.85 5.75 19.84
CA ILE D 393 5.62 6.44 20.85
C ILE D 393 5.30 5.89 22.24
N VAL D 394 6.30 5.95 23.11
CA VAL D 394 6.15 5.61 24.51
C VAL D 394 5.36 6.73 25.17
N PHE D 395 4.17 6.40 25.69
CA PHE D 395 3.26 7.42 26.22
C PHE D 395 3.61 7.90 27.63
N ASP D 396 3.66 6.98 28.60
CA ASP D 396 4.00 7.32 29.98
C ASP D 396 5.52 7.25 30.19
N LYS D 397 5.98 7.57 31.41
CA LYS D 397 7.40 7.45 31.77
C LYS D 397 7.82 5.97 31.90
N LYS D 398 8.84 5.59 31.12
CA LYS D 398 9.34 4.21 31.09
C LYS D 398 10.87 4.20 31.17
N LYS D 399 11.42 3.07 31.61
CA LYS D 399 12.87 2.81 31.53
C LYS D 399 13.23 2.25 30.14
N VAL D 400 14.45 2.53 29.67
CA VAL D 400 14.84 2.12 28.31
C VAL D 400 14.57 0.66 28.04
N VAL D 401 14.93 -0.22 28.97
CA VAL D 401 14.74 -1.66 28.76
C VAL D 401 13.26 -2.05 28.78
N GLN D 402 12.47 -1.24 29.47
CA GLN D 402 11.02 -1.43 29.51
C GLN D 402 10.39 -1.00 28.18
N ALA D 403 10.91 0.08 27.59
CA ALA D 403 10.46 0.55 26.28
C ALA D 403 10.80 -0.44 25.17
N PHE D 404 12.02 -0.98 25.19
CA PHE D 404 12.43 -1.99 24.20
C PHE D 404 11.57 -3.25 24.28
N ASN D 405 11.05 -3.56 25.47
CA ASN D 405 10.04 -4.62 25.59
C ASN D 405 8.79 -4.28 24.81
N TYR D 406 8.32 -3.06 25.02
CA TYR D 406 7.11 -2.58 24.38
C TYR D 406 7.26 -2.51 22.86
N ALA D 407 8.46 -2.18 22.39
CA ALA D 407 8.76 -2.19 20.95
C ALA D 407 8.60 -3.58 20.39
N ASP D 408 9.23 -4.56 21.03
CA ASP D 408 9.11 -5.96 20.61
C ASP D 408 7.71 -6.47 20.83
N ARG D 409 7.10 -6.08 21.96
CA ARG D 409 5.76 -6.52 22.34
C ARG D 409 4.59 -5.95 21.52
N ILE D 410 4.88 -5.20 20.44
CA ILE D 410 3.83 -4.60 19.60
C ILE D 410 4.11 -4.53 18.10
N GLY D 411 5.25 -5.05 17.65
CA GLY D 411 5.55 -5.08 16.23
C GLY D 411 7.00 -4.81 15.90
N ALA D 412 7.58 -3.85 16.62
CA ALA D 412 9.01 -3.60 16.58
C ALA D 412 9.49 -3.04 15.23
N LEU D 413 10.17 -3.88 14.44
CA LEU D 413 10.96 -3.42 13.28
C LEU D 413 12.09 -2.43 13.61
N ARG D 414 11.79 -1.30 14.23
CA ARG D 414 12.84 -0.32 14.56
C ARG D 414 12.57 0.53 15.82
N ALA D 415 13.58 0.63 16.67
CA ALA D 415 13.48 1.41 17.91
C ALA D 415 14.29 2.70 17.82
N VAL D 416 13.61 3.85 17.90
CA VAL D 416 14.21 5.16 17.68
C VAL D 416 14.43 5.84 19.03
N LEU D 417 15.65 5.77 19.55
CA LEU D 417 15.99 6.37 20.85
C LEU D 417 16.34 7.83 20.61
N VAL D 418 15.82 8.70 21.47
CA VAL D 418 16.03 10.14 21.33
C VAL D 418 16.68 10.70 22.58
N ALA D 419 18.01 10.78 22.53
CA ALA D 419 18.81 11.18 23.67
C ALA D 419 19.46 12.56 23.45
N PRO D 420 19.67 13.31 24.54
CA PRO D 420 20.15 14.70 24.43
C PRO D 420 21.56 14.80 23.84
N ASP D 421 22.48 13.98 24.32
CA ASP D 421 23.84 13.91 23.74
C ASP D 421 23.78 13.88 22.22
N GLU D 422 22.96 12.99 21.69
CA GLU D 422 22.87 12.78 20.26
C GLU D 422 22.08 13.91 19.59
N TRP D 423 20.99 14.34 20.23
CA TRP D 423 20.16 15.41 19.68
C TRP D 423 20.96 16.71 19.51
N ALA D 424 21.82 17.00 20.49
CA ALA D 424 22.69 18.17 20.43
C ALA D 424 23.48 18.19 19.13
N ARG D 425 24.00 17.03 18.73
CA ARG D 425 24.80 16.93 17.50
C ARG D 425 23.96 16.67 16.25
N GLY D 426 22.66 16.93 16.32
CA GLY D 426 21.75 16.69 15.21
C GLY D 426 21.55 15.23 14.87
N GLU D 427 21.46 14.38 15.89
CA GLU D 427 21.41 12.93 15.68
C GLU D 427 20.42 12.20 16.62
N VAL D 428 20.08 10.96 16.25
CA VAL D 428 19.25 10.07 17.07
C VAL D 428 19.86 8.66 17.06
N ARG D 429 19.38 7.79 17.93
CA ARG D 429 19.86 6.40 17.98
C ARG D 429 18.79 5.49 17.32
N VAL D 430 19.24 4.45 16.62
CA VAL D 430 18.35 3.62 15.80
C VAL D 430 18.74 2.14 15.87
N LYS D 431 18.04 1.40 16.73
CA LYS D 431 18.30 -0.02 16.92
C LYS D 431 17.22 -0.84 16.21
N MET D 432 17.65 -1.62 15.22
CA MET D 432 16.75 -2.51 14.47
C MET D 432 16.54 -3.81 15.25
N LEU D 433 15.31 -4.28 15.31
CA LEU D 433 15.00 -5.54 15.98
C LEU D 433 14.85 -6.64 14.93
N ARG D 434 15.88 -6.79 14.09
CA ARG D 434 15.86 -7.72 12.96
C ARG D 434 16.05 -9.15 13.43
N GLY D 447 23.50 0.23 19.35
CA GLY D 447 22.93 1.44 18.74
C GLY D 447 23.46 1.76 17.35
N ILE D 448 23.00 2.88 16.81
CA ILE D 448 23.54 3.44 15.56
C ILE D 448 23.09 4.90 15.45
N VAL D 449 24.04 5.81 15.26
CA VAL D 449 23.72 7.24 15.17
C VAL D 449 23.40 7.64 13.72
N LEU D 450 22.34 8.44 13.56
CA LEU D 450 21.85 8.88 12.24
C LEU D 450 21.29 10.32 12.32
N PRO D 451 21.38 11.09 11.22
CA PRO D 451 20.71 12.41 11.07
C PRO D 451 19.15 12.51 11.09
N VAL D 452 18.39 11.70 10.33
CA VAL D 452 18.88 10.70 9.35
C VAL D 452 18.79 11.22 7.92
N ASP D 453 17.90 12.17 7.68
CA ASP D 453 17.69 12.71 6.34
C ASP D 453 16.85 13.98 6.39
N MET E 26 -21.43 34.39 -69.56
CA MET E 26 -20.64 33.83 -68.44
C MET E 26 -20.79 34.67 -67.18
N VAL E 27 -21.04 33.99 -66.07
CA VAL E 27 -21.33 34.66 -64.80
C VAL E 27 -20.11 35.42 -64.27
N GLU E 28 -20.35 36.34 -63.34
CA GLU E 28 -19.27 37.03 -62.69
C GLU E 28 -18.46 35.96 -62.01
N THR E 29 -17.25 35.75 -62.53
CA THR E 29 -16.35 34.74 -62.03
C THR E 29 -15.69 35.16 -60.72
N GLU E 30 -15.71 36.45 -60.42
CA GLU E 30 -15.16 36.94 -59.15
C GLU E 30 -16.19 36.78 -58.04
N PRO E 31 -15.73 36.78 -56.79
CA PRO E 31 -16.62 36.66 -55.66
C PRO E 31 -17.30 37.97 -55.32
N VAL E 32 -18.30 37.90 -54.46
CA VAL E 32 -18.95 39.09 -53.90
C VAL E 32 -17.89 40.04 -53.35
N GLN E 33 -18.09 41.33 -53.59
CA GLN E 33 -17.11 42.35 -53.27
C GLN E 33 -16.60 42.20 -51.85
N GLY E 34 -15.29 42.24 -51.68
CA GLY E 34 -14.65 42.19 -50.36
C GLY E 34 -14.57 40.82 -49.74
N CYS E 35 -14.86 39.78 -50.51
CA CYS E 35 -14.76 38.41 -50.01
C CYS E 35 -13.74 37.63 -50.84
N ARG E 36 -13.02 36.72 -50.19
CA ARG E 36 -11.89 36.06 -50.81
C ARG E 36 -12.23 34.66 -51.25
N ASP E 37 -11.73 34.29 -52.42
CA ASP E 37 -11.73 32.92 -52.85
C ASP E 37 -10.46 32.26 -52.32
N PHE E 38 -10.56 30.97 -52.03
CA PHE E 38 -9.43 30.19 -51.57
C PHE E 38 -9.27 29.03 -52.53
N PRO E 39 -8.72 29.31 -53.72
CA PRO E 39 -8.32 28.20 -54.56
C PRO E 39 -7.18 27.48 -53.85
N PRO E 40 -6.90 26.24 -54.26
CA PRO E 40 -5.90 25.46 -53.56
C PRO E 40 -4.63 26.22 -53.18
N GLU E 41 -4.05 26.96 -54.12
CA GLU E 41 -2.87 27.78 -53.84
C GLU E 41 -3.04 28.66 -52.60
N THR E 42 -4.18 29.35 -52.50
CA THR E 42 -4.41 30.25 -51.36
C THR E 42 -4.84 29.50 -50.11
N MET E 43 -5.63 28.44 -50.29
CA MET E 43 -6.11 27.61 -49.17
C MET E 43 -4.95 26.94 -48.43
N ARG E 44 -3.89 26.68 -49.17
CA ARG E 44 -2.72 26.03 -48.61
C ARG E 44 -2.05 26.93 -47.58
N LEU E 45 -1.89 28.21 -47.94
CA LEU E 45 -1.36 29.25 -47.04
C LEU E 45 -2.24 29.44 -45.81
N ARG E 46 -3.57 29.46 -46.01
CA ARG E 46 -4.50 29.58 -44.90
C ARG E 46 -4.44 28.38 -43.98
N LYS E 47 -4.38 27.20 -44.58
CA LYS E 47 -4.31 26.01 -43.79
C LYS E 47 -3.01 26.06 -43.00
N TYR E 48 -1.97 26.66 -43.58
CA TYR E 48 -0.64 26.76 -42.92
C TYR E 48 -0.62 27.72 -41.75
N LEU E 49 -1.40 28.79 -41.85
CA LEU E 49 -1.58 29.76 -40.76
C LEU E 49 -2.43 29.17 -39.66
N PHE E 50 -3.59 28.60 -40.03
CA PHE E 50 -4.55 28.08 -39.05
C PHE E 50 -3.99 26.91 -38.28
N ASP E 51 -3.12 26.14 -38.93
CA ASP E 51 -2.42 25.06 -38.26
C ASP E 51 -1.60 25.64 -37.10
N VAL E 52 -1.03 26.83 -37.28
CA VAL E 52 -0.30 27.40 -36.17
C VAL E 52 -1.28 27.76 -35.05
N PHE E 53 -2.47 28.26 -35.39
CA PHE E 53 -3.44 28.57 -34.33
C PHE E 53 -3.87 27.26 -33.67
N HIS E 54 -4.21 26.26 -34.48
CA HIS E 54 -4.62 24.96 -33.94
C HIS E 54 -3.54 24.39 -33.04
N SER E 55 -2.33 24.30 -33.56
CA SER E 55 -1.21 23.73 -32.81
C SER E 55 -0.89 24.44 -31.52
N THR E 56 -0.94 25.78 -31.52
CA THR E 56 -0.71 26.57 -30.31
C THR E 56 -1.83 26.36 -29.30
N ALA E 57 -3.06 26.25 -29.80
CA ALA E 57 -4.22 26.04 -28.94
C ALA E 57 -4.16 24.68 -28.29
N ARG E 58 -3.59 23.70 -28.99
CA ARG E 58 -3.49 22.35 -28.45
C ARG E 58 -2.36 22.28 -27.45
N LYS E 59 -1.21 22.87 -27.82
CA LYS E 59 -0.06 22.90 -26.92
C LYS E 59 -0.48 23.55 -25.62
N PHE E 60 -1.28 24.60 -25.73
CA PHE E 60 -1.75 25.35 -24.56
C PHE E 60 -2.97 24.71 -23.87
N GLY E 61 -3.43 23.58 -24.36
CA GLY E 61 -4.56 22.89 -23.74
C GLY E 61 -5.93 23.57 -23.85
N PHE E 62 -6.17 24.28 -24.95
CA PHE E 62 -7.46 24.90 -25.23
C PHE E 62 -8.37 23.96 -26.06
N GLU E 63 -9.68 24.04 -25.81
CA GLU E 63 -10.66 23.23 -26.56
C GLU E 63 -11.28 24.05 -27.66
N GLU E 64 -11.45 23.46 -28.84
CA GLU E 64 -12.08 24.16 -29.96
C GLU E 64 -13.60 24.15 -29.83
N TYR E 65 -14.22 25.25 -30.25
CA TYR E 65 -15.68 25.35 -30.37
C TYR E 65 -16.04 26.02 -31.68
N ASP E 66 -17.34 26.04 -31.96
CA ASP E 66 -17.89 26.76 -33.08
C ASP E 66 -19.39 26.97 -32.88
N SER E 67 -19.90 27.99 -33.56
CA SER E 67 -21.30 28.32 -33.48
C SER E 67 -21.70 28.97 -34.80
N PRO E 68 -23.02 29.07 -35.08
CA PRO E 68 -23.48 29.52 -36.39
C PRO E 68 -23.02 30.92 -36.74
N VAL E 69 -22.75 31.18 -38.02
CA VAL E 69 -22.51 32.56 -38.44
C VAL E 69 -23.76 33.39 -38.24
N LEU E 70 -24.92 32.76 -38.39
CA LEU E 70 -26.20 33.46 -38.28
C LEU E 70 -26.68 33.50 -36.83
N GLU E 71 -26.55 34.66 -36.20
CA GLU E 71 -26.96 34.82 -34.81
C GLU E 71 -28.04 35.88 -34.70
N SER E 72 -28.82 35.81 -33.64
CA SER E 72 -29.93 36.72 -33.45
C SER E 72 -29.43 38.16 -33.32
N GLU E 73 -30.10 39.06 -34.03
CA GLU E 73 -29.74 40.49 -34.02
C GLU E 73 -29.56 40.98 -32.58
N GLU E 74 -30.54 40.68 -31.73
CA GLU E 74 -30.48 41.01 -30.30
C GLU E 74 -29.06 40.86 -29.75
N LEU E 75 -28.44 39.72 -29.98
CA LEU E 75 -27.13 39.40 -29.42
C LEU E 75 -26.14 40.59 -29.48
N TYR E 76 -26.01 41.20 -30.66
CA TYR E 76 -24.99 42.22 -30.89
C TYR E 76 -25.46 43.61 -30.51
N ILE E 77 -26.76 43.87 -30.71
CA ILE E 77 -27.37 45.16 -30.35
C ILE E 77 -27.34 45.38 -28.82
N ARG E 78 -27.41 44.29 -28.07
CA ARG E 78 -27.27 44.33 -26.60
C ARG E 78 -25.82 44.51 -26.15
N LYS E 79 -24.87 44.45 -27.08
CA LYS E 79 -23.46 44.70 -26.76
C LYS E 79 -23.06 46.15 -27.06
N ALA E 80 -23.51 46.67 -28.20
CA ALA E 80 -23.06 47.99 -28.69
C ALA E 80 -24.18 49.02 -28.93
N GLY E 81 -25.44 48.59 -28.94
CA GLY E 81 -26.57 49.48 -29.23
C GLY E 81 -27.03 49.35 -30.67
N GLU E 82 -28.08 50.08 -31.02
CA GLU E 82 -28.72 49.96 -32.35
C GLU E 82 -27.78 50.31 -33.50
N GLU E 83 -26.83 51.22 -33.25
CA GLU E 83 -25.89 51.70 -34.26
C GLU E 83 -25.23 50.60 -35.11
N ILE E 84 -24.96 49.45 -34.52
CA ILE E 84 -24.28 48.36 -35.23
C ILE E 84 -25.17 47.64 -36.24
N THR E 85 -26.48 47.80 -36.13
CA THR E 85 -27.41 47.23 -37.10
C THR E 85 -27.32 47.86 -38.48
N GLU E 86 -26.41 48.83 -38.64
CA GLU E 86 -26.10 49.41 -39.94
C GLU E 86 -24.71 49.04 -40.44
N GLN E 87 -23.90 48.40 -39.58
CA GLN E 87 -22.54 47.99 -39.96
C GLN E 87 -22.39 46.46 -40.01
N MET E 88 -23.51 45.76 -40.20
CA MET E 88 -23.50 44.32 -40.41
C MET E 88 -24.61 43.90 -41.36
N PHE E 89 -24.52 42.67 -41.87
CA PHE E 89 -25.45 42.12 -42.83
C PHE E 89 -26.66 41.60 -42.08
N ASN E 90 -27.80 42.23 -42.27
CA ASN E 90 -29.04 41.85 -41.56
C ASN E 90 -30.03 41.16 -42.50
N PHE E 91 -30.93 40.35 -41.93
CA PHE E 91 -32.15 39.96 -42.64
C PHE E 91 -33.19 39.26 -41.74
N ILE E 92 -34.36 38.96 -42.33
CA ILE E 92 -35.52 38.48 -41.60
C ILE E 92 -35.95 37.07 -42.04
N THR E 93 -36.71 36.39 -41.17
CA THR E 93 -37.27 35.08 -41.47
C THR E 93 -38.77 35.06 -41.24
N HIS E 97 -38.57 37.75 -37.40
CA HIS E 97 -37.43 37.29 -36.60
C HIS E 97 -36.11 37.71 -37.25
N ARG E 98 -35.39 38.62 -36.60
CA ARG E 98 -34.20 39.26 -37.19
C ARG E 98 -32.91 38.57 -36.80
N VAL E 99 -32.03 38.38 -37.78
CA VAL E 99 -30.71 37.76 -37.59
C VAL E 99 -29.67 38.48 -38.45
N ALA E 100 -28.39 38.27 -38.14
CA ALA E 100 -27.31 38.89 -38.90
C ALA E 100 -26.00 38.12 -38.80
N LEU E 101 -25.23 38.13 -39.89
CA LEU E 101 -23.89 37.52 -39.93
C LEU E 101 -22.95 38.23 -38.97
N ARG E 102 -22.48 37.48 -37.97
CA ARG E 102 -21.71 38.06 -36.86
C ARG E 102 -20.55 38.91 -37.36
N PRO E 103 -20.29 40.02 -36.67
CA PRO E 103 -19.09 40.80 -36.91
C PRO E 103 -17.97 40.40 -35.96
N GLU E 104 -18.32 39.73 -34.86
CA GLU E 104 -17.34 39.26 -33.89
C GLU E 104 -17.82 37.96 -33.26
N MET E 105 -16.89 37.23 -32.68
CA MET E 105 -17.19 35.94 -32.11
C MET E 105 -17.54 36.01 -30.63
N THR E 106 -16.94 36.95 -29.90
CA THR E 106 -17.07 36.95 -28.47
C THR E 106 -18.53 36.78 -28.04
N PRO E 107 -19.45 37.60 -28.59
CA PRO E 107 -20.85 37.50 -28.15
C PRO E 107 -21.49 36.10 -28.21
N SER E 108 -21.06 35.26 -29.16
CA SER E 108 -21.56 33.89 -29.25
C SER E 108 -20.97 33.04 -28.14
N LEU E 109 -19.70 33.28 -27.83
CA LEU E 109 -19.03 32.65 -26.69
C LEU E 109 -19.83 32.83 -25.43
N ALA E 110 -20.29 34.06 -25.20
CA ALA E 110 -21.10 34.38 -24.05
C ALA E 110 -22.35 33.53 -24.01
N ARG E 111 -23.08 33.55 -25.11
CA ARG E 111 -24.31 32.79 -25.24
C ARG E 111 -24.11 31.30 -24.91
N GLN E 112 -23.06 30.70 -25.47
CA GLN E 112 -22.79 29.27 -25.21
C GLN E 112 -22.39 28.96 -23.75
N LEU E 113 -21.66 29.89 -23.11
CA LEU E 113 -21.23 29.71 -21.73
C LEU E 113 -22.43 29.89 -20.80
N LEU E 114 -23.31 30.83 -21.14
CA LEU E 114 -24.54 31.02 -20.39
C LEU E 114 -25.48 29.83 -20.56
N ALA E 115 -25.62 29.35 -21.79
CA ALA E 115 -26.42 28.17 -22.13
C ALA E 115 -26.08 26.98 -21.24
N LYS E 116 -24.79 26.71 -21.10
CA LYS E 116 -24.33 25.60 -20.23
C LYS E 116 -24.66 25.91 -18.77
N GLY E 117 -24.59 27.19 -18.40
CA GLY E 117 -25.00 27.63 -17.07
C GLY E 117 -23.96 27.24 -16.05
N ARG E 118 -24.44 26.76 -14.89
CA ARG E 118 -23.57 26.35 -13.79
C ARG E 118 -22.96 24.96 -13.97
N SER E 119 -23.33 24.25 -15.05
CA SER E 119 -22.76 22.92 -15.35
C SER E 119 -21.40 23.03 -16.05
N LEU E 120 -21.05 24.23 -16.51
CA LEU E 120 -19.77 24.46 -17.20
C LEU E 120 -18.63 24.41 -16.19
N LEU E 121 -17.70 23.49 -16.42
CA LEU E 121 -16.64 23.19 -15.46
C LEU E 121 -15.55 24.25 -15.57
N LEU E 122 -15.30 24.95 -14.46
CA LEU E 122 -14.31 26.04 -14.44
C LEU E 122 -12.98 25.59 -13.80
N PRO E 123 -11.84 26.10 -14.30
CA PRO E 123 -11.70 27.01 -15.45
C PRO E 123 -11.87 26.32 -16.81
N ALA E 124 -12.54 27.00 -17.74
CA ALA E 124 -12.77 26.55 -19.10
C ALA E 124 -11.85 27.31 -20.06
N LYS E 125 -11.26 26.62 -21.04
CA LYS E 125 -10.32 27.23 -22.01
C LYS E 125 -10.74 26.97 -23.49
N TRP E 126 -11.46 27.95 -24.05
CA TRP E 126 -12.11 27.79 -25.36
C TRP E 126 -11.43 28.62 -26.47
N TYR E 127 -11.26 28.01 -27.64
CA TYR E 127 -10.73 28.73 -28.81
C TYR E 127 -11.53 28.44 -30.08
N SER E 128 -11.51 29.36 -31.03
CA SER E 128 -12.11 29.10 -32.34
C SER E 128 -11.47 29.96 -33.41
N ILE E 129 -11.62 29.53 -34.66
CA ILE E 129 -11.16 30.29 -35.79
C ILE E 129 -12.30 30.58 -36.76
N PRO E 130 -13.30 31.36 -36.30
CA PRO E 130 -14.49 31.65 -37.07
C PRO E 130 -14.30 32.69 -38.17
N GLN E 131 -15.19 32.65 -39.15
CA GLN E 131 -15.30 33.71 -40.17
C GLN E 131 -16.28 34.73 -39.63
N CYS E 132 -15.94 36.00 -39.78
CA CYS E 132 -16.73 37.11 -39.29
C CYS E 132 -16.99 38.09 -40.41
N TRP E 133 -18.14 38.75 -40.34
CA TRP E 133 -18.65 39.53 -41.44
C TRP E 133 -19.05 40.94 -40.99
N ARG E 134 -18.48 41.93 -41.66
CA ARG E 134 -18.73 43.34 -41.35
C ARG E 134 -19.01 44.11 -42.65
N TYR E 135 -20.20 44.69 -42.73
CA TYR E 135 -20.63 45.45 -43.90
C TYR E 135 -20.04 46.88 -43.92
N GLU E 136 -18.90 47.03 -44.60
CA GLU E 136 -18.14 48.29 -44.69
C GLU E 136 -17.78 48.61 -46.16
N ALA E 137 -16.93 49.62 -46.35
CA ALA E 137 -16.32 49.90 -47.67
C ALA E 137 -15.06 49.05 -47.87
N ILE E 138 -14.69 48.80 -49.14
CA ILE E 138 -13.62 47.83 -49.48
C ILE E 138 -12.28 48.51 -49.81
N THR E 139 -12.32 49.48 -50.73
CA THR E 139 -11.09 50.19 -51.11
C THR E 139 -10.66 51.22 -50.06
N ARG E 140 -11.42 51.31 -48.96
CA ARG E 140 -11.06 52.16 -47.82
C ARG E 140 -10.71 51.29 -46.61
N GLY E 141 -9.62 50.53 -46.75
CA GLY E 141 -9.07 49.75 -45.64
C GLY E 141 -9.55 48.31 -45.56
N ARG E 142 -10.58 48.09 -44.74
CA ARG E 142 -11.05 46.73 -44.43
C ARG E 142 -11.70 46.01 -45.64
N ARG E 143 -12.09 44.75 -45.45
CA ARG E 143 -12.54 43.91 -46.55
C ARG E 143 -13.73 42.98 -46.23
N ARG E 144 -14.69 43.46 -45.43
CA ARG E 144 -15.99 42.77 -45.20
C ARG E 144 -15.97 41.35 -44.62
N GLU E 145 -14.92 40.60 -44.90
CA GLU E 145 -14.79 39.21 -44.49
C GLU E 145 -13.38 38.98 -43.97
N HIS E 146 -13.28 38.42 -42.76
CA HIS E 146 -11.99 38.05 -42.21
C HIS E 146 -12.15 36.88 -41.25
N TYR E 147 -11.18 35.95 -41.31
CA TYR E 147 -11.06 34.92 -40.28
C TYR E 147 -10.21 35.49 -39.10
N GLN E 148 -10.37 34.86 -37.95
CA GLN E 148 -9.82 35.38 -36.71
C GLN E 148 -9.70 34.25 -35.70
N TRP E 149 -8.56 34.19 -35.02
CA TRP E 149 -8.32 33.19 -33.98
C TRP E 149 -8.79 33.74 -32.64
N ASN E 150 -9.88 33.22 -32.14
CA ASN E 150 -10.31 33.55 -30.81
C ASN E 150 -9.76 32.53 -29.83
N MET E 151 -9.55 33.01 -28.62
CA MET E 151 -8.82 32.31 -27.62
C MET E 151 -9.28 32.97 -26.33
N ASP E 152 -10.05 32.22 -25.52
CA ASP E 152 -10.59 32.70 -24.26
C ASP E 152 -10.33 31.70 -23.15
N ILE E 153 -10.06 32.24 -21.97
CA ILE E 153 -10.02 31.46 -20.76
C ILE E 153 -11.15 31.98 -19.89
N ILE E 154 -11.88 31.09 -19.21
CA ILE E 154 -12.90 31.55 -18.26
C ILE E 154 -12.82 30.79 -16.94
N GLY E 155 -13.13 31.50 -15.86
CA GLY E 155 -13.06 30.97 -14.50
C GLY E 155 -11.75 31.17 -13.77
N VAL E 156 -10.92 32.11 -14.24
CA VAL E 156 -9.64 32.40 -13.61
C VAL E 156 -9.58 33.85 -13.14
N LYS E 157 -9.82 34.05 -11.84
CA LYS E 157 -9.77 35.40 -11.22
C LYS E 157 -8.42 36.11 -11.38
N SER E 158 -7.34 35.37 -11.22
CA SER E 158 -6.02 35.96 -11.03
C SER E 158 -5.43 36.43 -12.35
N VAL E 159 -4.18 36.89 -12.34
CA VAL E 159 -3.56 37.42 -13.54
C VAL E 159 -2.79 36.36 -14.33
N SER E 160 -2.95 35.09 -13.95
CA SER E 160 -2.23 34.00 -14.62
C SER E 160 -2.87 33.64 -15.94
N SER E 161 -4.10 34.07 -16.17
CA SER E 161 -4.77 33.83 -17.43
C SER E 161 -4.33 34.85 -18.46
N GLU E 162 -4.15 36.10 -18.07
CA GLU E 162 -3.66 37.10 -19.04
C GLU E 162 -2.32 36.65 -19.53
N VAL E 163 -1.50 36.25 -18.57
CA VAL E 163 -0.15 35.77 -18.79
C VAL E 163 -0.14 34.65 -19.83
N GLU E 164 -1.04 33.68 -19.67
CA GLU E 164 -1.01 32.54 -20.58
C GLU E 164 -1.46 32.93 -21.97
N LEU E 165 -2.47 33.77 -22.05
CA LEU E 165 -2.99 34.25 -23.31
C LEU E 165 -1.93 34.99 -24.11
N VAL E 166 -1.21 35.90 -23.45
CA VAL E 166 -0.16 36.65 -24.13
C VAL E 166 0.99 35.72 -24.55
N CYS E 167 1.30 34.74 -23.71
CA CYS E 167 2.22 33.66 -24.12
C CYS E 167 1.69 32.89 -25.34
N ALA E 168 0.38 32.70 -25.41
CA ALA E 168 -0.21 32.09 -26.59
C ALA E 168 0.11 32.95 -27.82
N ALA E 169 -0.45 34.16 -27.87
CA ALA E 169 -0.21 35.10 -28.98
C ALA E 169 1.27 35.17 -29.38
N CYS E 170 2.18 35.19 -28.40
CA CYS E 170 3.60 35.24 -28.74
C CYS E 170 3.96 33.94 -29.42
N THR E 171 3.68 32.82 -28.76
CA THR E 171 4.04 31.51 -29.28
C THR E 171 3.55 31.31 -30.71
N ALA E 172 2.36 31.80 -31.00
CA ALA E 172 1.84 31.72 -32.36
C ALA E 172 2.72 32.51 -33.31
N MET E 173 3.07 33.75 -32.93
CA MET E 173 3.91 34.59 -33.78
C MET E 173 5.29 33.97 -33.89
N GLN E 174 5.78 33.40 -32.79
CA GLN E 174 7.07 32.75 -32.85
C GLN E 174 7.03 31.59 -33.83
N SER E 175 5.95 30.81 -33.79
CA SER E 175 5.80 29.69 -34.71
C SER E 175 5.78 30.12 -36.16
N LEU E 176 5.25 31.31 -36.42
CA LEU E 176 5.16 31.82 -37.78
C LEU E 176 6.52 32.34 -38.30
N GLY E 177 7.45 32.59 -37.37
CA GLY E 177 8.81 32.97 -37.73
C GLY E 177 9.28 34.29 -37.13
N LEU E 178 8.43 34.92 -36.34
CA LEU E 178 8.69 36.26 -35.82
C LEU E 178 9.47 36.21 -34.51
N SER E 179 10.46 37.08 -34.36
CA SER E 179 11.27 37.19 -33.14
C SER E 179 10.77 38.36 -32.34
N SER E 180 11.34 38.56 -31.15
CA SER E 180 11.02 39.75 -30.35
C SER E 180 11.46 41.06 -31.00
N LYS E 181 12.39 41.01 -31.94
CA LYS E 181 12.80 42.18 -32.70
C LYS E 181 11.80 42.54 -33.81
N ASP E 182 10.94 41.61 -34.21
CA ASP E 182 9.95 41.83 -35.28
C ASP E 182 8.65 42.37 -34.74
N VAL E 183 8.15 41.71 -33.70
CA VAL E 183 6.86 42.02 -33.12
C VAL E 183 7.02 42.13 -31.61
N GLY E 184 5.94 42.53 -30.96
CA GLY E 184 5.84 42.53 -29.50
C GLY E 184 4.40 42.71 -29.11
N VAL E 185 4.11 42.71 -27.81
CA VAL E 185 2.74 42.92 -27.34
C VAL E 185 2.76 44.01 -26.27
N LYS E 186 1.98 45.08 -26.46
CA LYS E 186 1.87 46.18 -25.49
C LYS E 186 0.85 45.88 -24.38
N ILE E 187 1.21 46.22 -23.14
CA ILE E 187 0.35 45.96 -22.01
C ILE E 187 -0.11 47.27 -21.43
N ASN E 188 -1.40 47.32 -21.05
CA ASN E 188 -2.01 48.44 -20.34
C ASN E 188 -3.14 47.87 -19.48
N SER E 189 -3.52 48.58 -18.42
CA SER E 189 -4.69 48.21 -17.62
C SER E 189 -5.66 49.38 -17.64
N ARG E 190 -6.96 49.11 -17.73
CA ARG E 190 -7.94 50.21 -17.60
C ARG E 190 -8.10 50.66 -16.15
N LYS E 191 -7.70 49.81 -15.21
CA LYS E 191 -7.68 50.18 -13.79
C LYS E 191 -6.74 51.33 -13.47
N ILE E 192 -5.65 51.45 -14.24
CA ILE E 192 -4.81 52.63 -14.19
C ILE E 192 -5.63 53.89 -14.39
N LEU E 193 -6.39 53.89 -15.48
CA LEU E 193 -7.13 55.06 -15.95
C LEU E 193 -8.33 55.34 -15.04
N GLN E 194 -9.03 54.27 -14.64
CA GLN E 194 -10.23 54.42 -13.78
C GLN E 194 -9.87 54.87 -12.35
N THR E 195 -8.80 54.33 -11.79
CA THR E 195 -8.40 54.70 -10.44
C THR E 195 -7.71 56.05 -10.38
N VAL E 196 -7.30 56.60 -11.53
CA VAL E 196 -6.99 58.03 -11.61
C VAL E 196 -8.25 58.90 -11.34
N VAL E 197 -9.39 58.53 -11.92
CA VAL E 197 -10.65 59.23 -11.69
C VAL E 197 -11.18 58.98 -10.27
N GLU E 198 -11.19 60.02 -9.44
CA GLU E 198 -11.57 59.91 -8.04
C GLU E 198 -11.94 61.26 -7.42
N ASP E 205 -18.73 58.75 -15.55
CA ASP E 205 -18.74 57.31 -15.65
C ASP E 205 -18.48 56.81 -17.08
N LYS E 206 -19.18 57.38 -18.06
CA LYS E 206 -19.06 56.98 -19.47
C LYS E 206 -17.97 57.78 -20.21
N PHE E 207 -16.75 57.65 -19.72
CA PHE E 207 -15.62 58.47 -20.17
C PHE E 207 -14.77 57.71 -21.19
N ALA E 208 -14.47 56.46 -20.86
CA ALA E 208 -13.59 55.61 -21.67
C ALA E 208 -13.86 55.58 -23.18
N PRO E 209 -15.15 55.73 -23.60
CA PRO E 209 -15.44 55.83 -25.04
C PRO E 209 -14.76 56.99 -25.79
N VAL E 210 -14.49 58.09 -25.11
CA VAL E 210 -13.87 59.26 -25.75
C VAL E 210 -12.43 58.97 -26.20
N CYS E 211 -11.66 58.31 -25.32
CA CYS E 211 -10.24 58.04 -25.54
C CYS E 211 -9.93 57.19 -26.79
N VAL E 212 -10.79 56.20 -27.05
CA VAL E 212 -10.56 55.22 -28.13
C VAL E 212 -10.44 55.87 -29.51
N ILE E 213 -11.02 57.07 -29.65
CA ILE E 213 -11.05 57.75 -30.95
C ILE E 213 -9.73 58.42 -31.35
N VAL E 214 -8.84 58.67 -30.38
CA VAL E 214 -7.57 59.31 -30.69
C VAL E 214 -6.50 58.23 -30.87
N PRO E 221 -8.00 65.04 -32.21
CA PRO E 221 -7.03 66.14 -32.19
C PRO E 221 -6.45 66.38 -30.80
N ARG E 222 -5.79 67.53 -30.60
CA ARG E 222 -5.22 67.92 -29.30
C ARG E 222 -6.27 68.62 -28.44
N GLU E 223 -6.96 69.59 -29.03
CA GLU E 223 -7.96 70.41 -28.32
C GLU E 223 -9.38 69.84 -28.36
N GLU E 224 -9.69 69.02 -29.37
CA GLU E 224 -11.01 68.38 -29.49
C GLU E 224 -11.28 67.34 -28.40
N VAL E 225 -10.23 66.95 -27.69
CA VAL E 225 -10.34 66.02 -26.56
C VAL E 225 -11.11 66.62 -25.38
N VAL E 226 -10.84 67.87 -25.03
CA VAL E 226 -11.43 68.52 -23.83
C VAL E 226 -12.94 68.79 -23.90
N ALA E 227 -13.51 68.76 -25.11
CA ALA E 227 -14.94 69.07 -25.28
C ALA E 227 -15.87 67.98 -24.74
N GLN E 228 -15.70 66.76 -25.23
CA GLN E 228 -16.59 65.65 -24.90
C GLN E 228 -16.41 65.16 -23.46
N LEU E 229 -15.18 65.23 -22.95
CA LEU E 229 -14.87 64.83 -21.57
C LEU E 229 -15.48 65.78 -20.55
N ALA E 230 -15.35 67.08 -20.81
CA ALA E 230 -15.68 68.12 -19.84
C ALA E 230 -17.18 68.25 -19.51
N ALA E 231 -18.04 67.74 -20.39
CA ALA E 231 -19.49 68.01 -20.30
C ALA E 231 -20.31 66.94 -19.54
N ILE E 232 -19.83 66.55 -18.36
CA ILE E 232 -20.62 65.77 -17.41
C ILE E 232 -20.31 66.24 -15.98
N GLY E 233 -19.04 66.12 -15.59
CA GLY E 233 -18.56 66.61 -14.28
C GLY E 233 -17.04 66.62 -14.17
N LEU E 234 -16.39 67.20 -15.17
CA LEU E 234 -14.93 67.29 -15.22
C LEU E 234 -14.50 68.76 -15.29
N GLU E 235 -13.57 69.14 -14.39
CA GLU E 235 -12.88 70.42 -14.48
C GLU E 235 -11.68 70.25 -15.40
N SER E 236 -11.13 71.36 -15.89
CA SER E 236 -9.93 71.31 -16.75
C SER E 236 -8.65 70.94 -15.97
N ASN E 237 -8.73 70.86 -14.64
CA ASN E 237 -7.65 70.32 -13.81
C ASN E 237 -7.53 68.79 -13.95
N VAL E 238 -8.67 68.09 -14.04
CA VAL E 238 -8.67 66.62 -14.19
C VAL E 238 -8.21 66.23 -15.60
N VAL E 239 -8.36 67.16 -16.55
CA VAL E 239 -7.91 66.94 -17.93
C VAL E 239 -6.41 66.63 -17.99
N ASP E 240 -5.61 67.47 -17.33
CA ASP E 240 -4.18 67.23 -17.21
C ASP E 240 -3.90 65.75 -16.84
N ALA E 241 -4.62 65.24 -15.85
CA ALA E 241 -4.40 63.90 -15.32
C ALA E 241 -4.47 62.84 -16.40
N ILE E 242 -5.63 62.80 -17.07
CA ILE E 242 -5.90 61.85 -18.15
C ILE E 242 -5.01 62.11 -19.38
N THR E 243 -5.06 63.34 -19.88
CA THR E 243 -4.08 63.83 -20.89
C THR E 243 -2.73 63.14 -20.74
N SER E 244 -2.21 63.14 -19.51
CA SER E 244 -0.82 62.79 -19.22
C SER E 244 -0.57 61.33 -18.82
N THR E 245 -1.62 60.55 -18.55
CA THR E 245 -1.44 59.14 -18.20
C THR E 245 -1.16 58.34 -19.47
N LEU E 246 -2.01 58.49 -20.48
CA LEU E 246 -1.85 57.84 -21.80
C LEU E 246 -0.39 57.84 -22.31
N SER E 247 0.30 58.95 -22.13
CA SER E 247 1.69 59.14 -22.61
C SER E 247 2.78 58.51 -21.71
N LEU E 248 2.40 57.94 -20.57
CA LEU E 248 3.38 57.35 -19.64
C LEU E 248 3.84 55.99 -20.14
N LYS E 249 5.17 55.79 -20.19
CA LYS E 249 5.73 54.63 -20.84
C LYS E 249 6.42 53.65 -19.91
N THR E 250 6.24 53.81 -18.60
CA THR E 250 6.79 52.84 -17.65
C THR E 250 5.86 52.55 -16.46
N ILE E 251 5.97 51.34 -15.92
CA ILE E 251 5.21 50.92 -14.74
C ILE E 251 5.60 51.76 -13.52
N ASP E 252 6.89 52.07 -13.40
CA ASP E 252 7.39 52.97 -12.35
C ASP E 252 6.64 54.31 -12.41
N GLU E 253 6.40 54.79 -13.62
CA GLU E 253 5.71 56.05 -13.83
C GLU E 253 4.26 55.96 -13.38
N ILE E 254 3.65 54.80 -13.59
CA ILE E 254 2.28 54.55 -13.13
C ILE E 254 2.24 54.40 -11.63
N ALA E 255 3.24 53.71 -11.08
CA ALA E 255 3.33 53.47 -9.64
C ALA E 255 3.62 54.76 -8.89
N GLN E 256 4.51 55.59 -9.45
CA GLN E 256 4.87 56.85 -8.83
C GLN E 256 3.77 57.89 -9.09
N ARG E 257 2.52 57.46 -8.89
CA ARG E 257 1.34 58.15 -9.44
C ARG E 257 0.03 57.60 -8.87
N ILE E 258 -0.29 56.34 -9.19
CA ILE E 258 -1.44 55.67 -8.60
C ILE E 258 -1.07 54.88 -7.35
N GLY E 259 0.21 54.48 -7.27
CA GLY E 259 0.76 53.75 -6.12
C GLY E 259 1.29 52.37 -6.53
N GLU E 260 2.51 52.05 -6.09
CA GLU E 260 3.11 50.74 -6.34
C GLU E 260 2.46 49.65 -5.50
N GLU E 261 1.71 50.07 -4.47
CA GLU E 261 0.90 49.16 -3.66
C GLU E 261 -0.46 48.87 -4.31
N HIS E 262 -0.87 49.68 -5.28
CA HIS E 262 -2.24 49.62 -5.82
C HIS E 262 -2.47 48.33 -6.57
N GLU E 263 -3.72 47.85 -6.55
CA GLU E 263 -4.13 46.65 -7.30
C GLU E 263 -3.56 46.64 -8.71
N ALA E 264 -3.67 47.78 -9.39
CA ALA E 264 -3.34 47.89 -10.82
C ALA E 264 -1.88 47.55 -11.10
N VAL E 265 -1.01 48.14 -10.30
CA VAL E 265 0.42 47.98 -10.48
C VAL E 265 0.93 46.68 -9.88
N ARG E 266 0.26 46.17 -8.85
CA ARG E 266 0.53 44.82 -8.33
C ARG E 266 0.21 43.74 -9.36
N GLU E 267 -0.84 43.97 -10.14
CA GLU E 267 -1.17 43.08 -11.27
C GLU E 267 -0.12 43.14 -12.36
N LEU E 268 0.10 44.33 -12.90
CA LEU E 268 1.06 44.48 -13.99
C LEU E 268 2.45 43.94 -13.66
N ARG E 269 2.87 44.05 -12.41
CA ARG E 269 4.19 43.57 -12.01
C ARG E 269 4.20 42.07 -11.83
N ASP E 270 3.08 41.53 -11.34
CA ASP E 270 2.86 40.10 -11.28
C ASP E 270 2.90 39.54 -12.72
N PHE E 271 2.19 40.21 -13.63
CA PHE E 271 2.14 39.84 -15.04
C PHE E 271 3.54 39.77 -15.64
N ILE E 272 4.22 40.91 -15.76
CA ILE E 272 5.59 40.93 -16.29
C ILE E 272 6.50 39.87 -15.65
N THR E 273 6.40 39.69 -14.34
CA THR E 273 7.26 38.71 -13.66
C THR E 273 6.90 37.30 -14.12
N GLN E 274 5.62 37.05 -14.33
CA GLN E 274 5.18 35.77 -14.89
C GLN E 274 5.64 35.58 -16.35
N ILE E 275 5.36 36.55 -17.21
CA ILE E 275 5.78 36.44 -18.60
C ILE E 275 7.28 36.29 -18.71
N GLU E 276 8.03 37.04 -17.92
CA GLU E 276 9.48 36.88 -17.91
C GLU E 276 9.78 35.42 -17.61
N ALA E 277 9.06 34.87 -16.62
CA ALA E 277 9.32 33.51 -16.15
C ALA E 277 8.93 32.42 -17.16
N TYR E 278 8.00 32.75 -18.06
CA TYR E 278 7.60 31.79 -19.09
C TYR E 278 8.57 31.85 -20.26
N GLY E 279 9.11 33.03 -20.51
CA GLY E 279 10.17 33.21 -21.50
C GLY E 279 9.85 34.16 -22.62
N PHE E 280 8.87 35.03 -22.42
CA PHE E 280 8.59 36.05 -23.42
C PHE E 280 8.85 37.45 -22.88
N GLY E 281 9.77 37.55 -21.92
CA GLY E 281 10.11 38.83 -21.30
C GLY E 281 10.49 39.92 -22.30
N ASP E 282 11.19 39.54 -23.37
CA ASP E 282 11.69 40.52 -24.33
C ASP E 282 10.63 40.92 -25.35
N TRP E 283 9.46 40.28 -25.27
CA TRP E 283 8.34 40.56 -26.19
C TRP E 283 7.42 41.63 -25.62
N VAL E 284 7.04 41.49 -24.36
CA VAL E 284 6.06 42.40 -23.78
C VAL E 284 6.62 43.77 -23.61
N ILE E 285 5.73 44.76 -23.57
CA ILE E 285 6.13 46.14 -23.36
C ILE E 285 4.90 46.93 -22.83
N PHE E 286 5.14 47.84 -21.87
CA PHE E 286 4.06 48.65 -21.29
C PHE E 286 3.81 49.95 -22.09
N ASP E 287 2.53 50.29 -22.26
CA ASP E 287 2.11 51.47 -23.00
C ASP E 287 0.74 51.95 -22.49
N ALA E 288 0.72 53.04 -21.74
CA ALA E 288 -0.53 53.56 -21.19
C ALA E 288 -1.61 53.90 -22.24
N SER E 289 -1.20 54.09 -23.50
CA SER E 289 -2.08 54.60 -24.54
C SER E 289 -2.86 53.51 -25.29
N VAL E 290 -2.75 52.26 -24.87
CA VAL E 290 -3.62 51.22 -25.42
C VAL E 290 -5.02 51.46 -24.86
N VAL E 291 -5.93 51.81 -25.75
CA VAL E 291 -7.29 52.20 -25.40
C VAL E 291 -8.32 51.57 -26.33
N ARG E 292 -7.95 50.47 -26.99
CA ARG E 292 -8.79 49.88 -28.04
C ARG E 292 -10.00 49.13 -27.46
N GLY E 293 -11.10 49.86 -27.26
CA GLY E 293 -12.31 49.30 -26.65
C GLY E 293 -12.16 49.12 -25.16
N LEU E 294 -11.62 50.15 -24.50
CA LEU E 294 -11.36 50.10 -23.06
C LEU E 294 -12.63 50.36 -22.20
N ALA E 295 -13.72 50.75 -22.86
CA ALA E 295 -15.03 50.79 -22.20
C ALA E 295 -15.55 49.38 -21.97
N TYR E 296 -15.13 48.47 -22.84
CA TYR E 296 -15.65 47.11 -22.89
C TYR E 296 -14.78 46.13 -22.07
N TYR E 297 -13.58 46.56 -21.67
CA TYR E 297 -12.72 45.73 -20.82
C TYR E 297 -12.80 46.10 -19.32
N THR E 298 -12.18 45.26 -18.48
CA THR E 298 -12.27 45.33 -17.02
C THR E 298 -10.90 45.44 -16.32
N GLY E 299 -9.88 44.78 -16.87
CA GLY E 299 -8.57 44.76 -16.22
C GLY E 299 -7.43 44.99 -17.19
N ILE E 300 -6.49 44.06 -17.23
CA ILE E 300 -5.38 44.16 -18.18
C ILE E 300 -5.85 43.91 -19.61
N VAL E 301 -5.56 44.88 -20.48
CA VAL E 301 -5.81 44.77 -21.91
C VAL E 301 -4.49 44.54 -22.62
N PHE E 302 -4.53 44.15 -23.88
CA PHE E 302 -3.29 44.00 -24.65
C PHE E 302 -3.50 44.06 -26.16
N GLU E 303 -2.37 44.18 -26.85
CA GLU E 303 -2.35 44.47 -28.28
C GLU E 303 -1.02 43.99 -28.89
N GLY E 304 -1.12 43.15 -29.91
CA GLY E 304 0.07 42.78 -30.70
C GLY E 304 0.43 43.91 -31.65
N PHE E 305 1.69 43.98 -32.05
CA PHE E 305 2.12 45.01 -32.99
C PHE E 305 3.50 44.73 -33.56
N ASP E 306 3.71 45.21 -34.77
CA ASP E 306 5.04 45.18 -35.41
C ASP E 306 5.91 46.32 -34.88
N ARG E 307 7.15 46.00 -34.56
CA ARG E 307 8.01 46.95 -33.87
C ARG E 307 8.45 48.10 -34.77
N ASP E 308 8.46 47.86 -36.08
CA ASP E 308 8.80 48.90 -37.03
C ASP E 308 7.64 49.90 -37.25
N GLY E 309 6.49 49.65 -36.63
CA GLY E 309 5.39 50.61 -36.69
C GLY E 309 4.88 50.86 -38.10
N ASN E 310 4.69 49.78 -38.85
CA ASN E 310 4.17 49.86 -40.22
C ASN E 310 2.72 49.42 -40.38
N PHE E 311 2.27 48.44 -39.57
CA PHE E 311 0.91 47.87 -39.70
C PHE E 311 0.00 48.19 -38.51
N ARG E 312 -1.30 47.90 -38.67
CA ARG E 312 -2.27 47.98 -37.56
C ARG E 312 -1.95 46.89 -36.54
N ALA E 313 -2.76 46.77 -35.49
CA ALA E 313 -2.51 45.80 -34.43
C ALA E 313 -2.67 44.36 -34.95
N LEU E 314 -1.73 43.52 -34.56
CA LEU E 314 -1.74 42.11 -34.95
C LEU E 314 -2.91 41.39 -34.30
N CYS E 315 -3.07 41.62 -32.99
CA CYS E 315 -4.11 40.99 -32.19
C CYS E 315 -4.41 41.90 -31.03
N GLY E 316 -5.47 41.59 -30.31
CA GLY E 316 -5.95 42.44 -29.24
C GLY E 316 -6.89 41.70 -28.33
N GLY E 317 -6.70 41.86 -27.04
CA GLY E 317 -7.55 41.21 -26.07
C GLY E 317 -7.32 41.82 -24.70
N GLY E 318 -7.86 41.15 -23.69
CA GLY E 318 -7.72 41.58 -22.33
C GLY E 318 -8.64 40.77 -21.44
N ARG E 319 -9.07 41.39 -20.33
CA ARG E 319 -9.95 40.76 -19.37
C ARG E 319 -11.24 41.57 -19.32
N TYR E 320 -12.37 40.87 -19.46
CA TYR E 320 -13.71 41.48 -19.36
C TYR E 320 -14.58 40.66 -18.41
N ASP E 321 -14.37 40.86 -17.11
CA ASP E 321 -15.14 40.16 -16.08
C ASP E 321 -16.65 40.43 -16.21
N ASN E 322 -16.99 41.57 -16.80
CA ASN E 322 -18.40 41.91 -17.07
C ASN E 322 -18.94 41.34 -18.39
N LEU E 323 -18.23 40.40 -19.00
CA LEU E 323 -18.72 39.86 -20.26
C LEU E 323 -20.09 39.24 -20.09
N LEU E 324 -20.22 38.31 -19.17
CA LEU E 324 -21.49 37.58 -19.01
C LEU E 324 -22.64 38.42 -18.41
N THR E 325 -22.35 39.31 -17.48
CA THR E 325 -23.41 40.12 -16.88
C THR E 325 -24.03 41.10 -17.87
N THR E 326 -23.28 41.44 -18.92
CA THR E 326 -23.81 42.20 -20.05
C THR E 326 -24.92 41.45 -20.80
N TYR E 327 -24.76 40.15 -21.00
CA TYR E 327 -25.79 39.38 -21.72
C TYR E 327 -26.90 38.88 -20.80
N GLY E 328 -26.89 39.32 -19.54
CA GLY E 328 -27.96 39.02 -18.59
C GLY E 328 -27.64 37.96 -17.57
N SER E 329 -26.35 37.79 -17.24
CA SER E 329 -25.95 36.83 -16.22
C SER E 329 -26.28 37.33 -14.83
N PRO E 330 -26.77 36.43 -13.97
CA PRO E 330 -27.00 36.80 -12.58
C PRO E 330 -25.72 36.75 -11.73
N THR E 331 -24.75 35.94 -12.14
CA THR E 331 -23.48 35.82 -11.41
C THR E 331 -22.30 36.06 -12.36
N ALA E 332 -21.58 37.16 -12.13
CA ALA E 332 -20.51 37.59 -13.04
C ALA E 332 -19.32 36.64 -12.99
N VAL E 333 -18.84 36.22 -14.16
CA VAL E 333 -17.79 35.22 -14.24
C VAL E 333 -16.56 35.78 -14.94
N PRO E 334 -15.38 35.59 -14.33
CA PRO E 334 -14.15 36.12 -14.87
C PRO E 334 -13.85 35.64 -16.28
N CYS E 335 -13.25 36.51 -17.09
CA CYS E 335 -13.02 36.22 -18.48
C CYS E 335 -11.86 37.01 -18.99
N VAL E 336 -10.95 36.30 -19.64
CA VAL E 336 -9.89 36.90 -20.42
C VAL E 336 -9.88 36.20 -21.77
N GLY E 337 -9.72 36.96 -22.86
CA GLY E 337 -9.52 36.37 -24.18
C GLY E 337 -8.95 37.37 -25.16
N PHE E 338 -8.48 36.89 -26.30
CA PHE E 338 -8.06 37.80 -27.38
C PHE E 338 -8.54 37.28 -28.71
N GLY E 339 -8.56 38.19 -29.68
CA GLY E 339 -8.81 37.88 -31.08
C GLY E 339 -7.55 38.18 -31.89
N PHE E 340 -7.27 37.31 -32.86
CA PHE E 340 -6.04 37.37 -33.65
C PHE E 340 -6.47 37.26 -35.09
N GLY E 341 -6.55 38.39 -35.78
CA GLY E 341 -7.04 38.42 -37.15
C GLY E 341 -6.19 37.59 -38.07
N ASP E 342 -6.72 37.29 -39.26
CA ASP E 342 -5.95 36.59 -40.29
C ASP E 342 -5.33 37.51 -41.35
N CYS E 343 -5.52 38.83 -41.22
CA CYS E 343 -5.14 39.74 -42.28
CA CYS E 343 -5.15 39.78 -42.26
C CYS E 343 -3.81 40.46 -42.01
N VAL E 344 -3.69 41.19 -40.91
CA VAL E 344 -2.44 41.95 -40.64
C VAL E 344 -1.21 41.05 -40.45
N ILE E 345 -1.43 39.85 -39.94
CA ILE E 345 -0.37 38.88 -39.66
C ILE E 345 0.34 38.50 -40.95
N VAL E 346 -0.47 38.28 -41.99
CA VAL E 346 0.02 37.85 -43.27
C VAL E 346 0.80 38.98 -43.94
N GLU E 347 0.32 40.21 -43.78
CA GLU E 347 0.96 41.37 -44.38
C GLU E 347 2.36 41.47 -43.82
N LEU E 348 2.47 41.28 -42.51
CA LEU E 348 3.75 41.32 -41.81
C LEU E 348 4.66 40.18 -42.28
N LEU E 349 4.16 38.95 -42.15
CA LEU E 349 4.95 37.78 -42.56
C LEU E 349 5.48 38.00 -43.95
N ASN E 350 4.69 38.64 -44.80
CA ASN E 350 5.20 39.02 -46.10
C ASN E 350 6.37 39.98 -45.99
N GLU E 351 6.15 41.13 -45.37
CA GLU E 351 7.21 42.14 -45.23
C GLU E 351 8.50 41.51 -44.69
N LYS E 352 8.39 40.65 -43.68
CA LYS E 352 9.57 40.02 -43.08
C LYS E 352 9.93 38.70 -43.80
N LYS E 353 9.47 38.56 -45.04
CA LYS E 353 9.80 37.42 -45.91
C LYS E 353 9.67 36.05 -45.22
N LEU E 354 8.60 35.85 -44.45
CA LEU E 354 8.38 34.61 -43.69
C LEU E 354 7.20 33.76 -44.20
N LEU E 355 6.60 34.13 -45.31
CA LEU E 355 5.51 33.32 -45.87
C LEU E 355 6.10 32.08 -46.53
N PRO E 356 5.65 30.89 -46.14
CA PRO E 356 6.24 29.70 -46.74
C PRO E 356 5.87 29.53 -48.21
N GLU E 357 6.66 28.72 -48.94
CA GLU E 357 6.34 28.34 -50.32
C GLU E 357 5.72 26.96 -50.29
N LEU E 358 4.39 26.89 -50.38
CA LEU E 358 3.68 25.62 -50.21
C LEU E 358 3.06 25.06 -51.50
N HIS E 359 3.08 23.73 -51.62
CA HIS E 359 2.80 23.06 -52.89
C HIS E 359 1.93 21.83 -52.69
N HIS E 360 1.05 21.53 -53.64
CA HIS E 360 0.43 20.21 -53.66
C HIS E 360 1.52 19.15 -53.85
N VAL E 361 1.48 18.15 -52.97
CA VAL E 361 2.42 17.07 -52.96
C VAL E 361 1.63 15.77 -52.77
N VAL E 362 2.05 14.73 -53.46
CA VAL E 362 1.52 13.39 -53.25
C VAL E 362 2.73 12.44 -53.26
N ASP E 363 2.59 11.32 -52.55
CA ASP E 363 3.67 10.36 -52.40
C ASP E 363 3.86 9.54 -53.66
N ASP E 364 2.76 9.21 -54.35
CA ASP E 364 2.79 8.34 -55.54
C ASP E 364 1.83 8.76 -56.64
N LEU E 365 2.32 8.75 -57.87
CA LEU E 365 1.46 8.65 -59.05
C LEU E 365 1.57 7.21 -59.55
N VAL E 366 0.45 6.52 -59.68
CA VAL E 366 0.47 5.18 -60.27
C VAL E 366 0.18 5.27 -61.77
N ILE E 367 1.09 4.76 -62.58
CA ILE E 367 0.94 4.81 -64.04
C ILE E 367 0.67 3.41 -64.57
N PRO E 368 -0.50 3.20 -65.21
CA PRO E 368 -0.68 1.98 -65.98
C PRO E 368 0.14 2.05 -67.25
N PHE E 369 0.70 0.93 -67.67
CA PHE E 369 1.49 0.86 -68.89
C PHE E 369 0.56 1.15 -70.07
N ASP E 370 -0.63 0.56 -70.03
CA ASP E 370 -1.69 0.85 -70.98
C ASP E 370 -2.98 0.62 -70.23
N GLU E 371 -4.11 0.84 -70.92
CA GLU E 371 -5.41 0.74 -70.28
C GLU E 371 -5.72 -0.68 -69.79
N THR E 372 -5.16 -1.68 -70.48
CA THR E 372 -5.37 -3.09 -70.09
C THR E 372 -4.69 -3.40 -68.75
N MET E 373 -3.68 -2.62 -68.40
CA MET E 373 -3.04 -2.71 -67.09
C MET E 373 -3.74 -1.82 -66.03
N ARG E 374 -4.91 -1.26 -66.36
CA ARG E 374 -5.62 -0.44 -65.40
C ARG E 374 -6.04 -1.24 -64.16
N PRO E 375 -6.90 -2.27 -64.31
CA PRO E 375 -7.38 -2.96 -63.11
C PRO E 375 -6.29 -3.26 -62.07
N HIS E 376 -5.07 -3.48 -62.53
CA HIS E 376 -3.98 -3.83 -61.64
C HIS E 376 -3.40 -2.59 -60.99
N ALA E 377 -3.25 -1.53 -61.79
CA ALA E 377 -2.82 -0.25 -61.23
C ALA E 377 -3.79 0.15 -60.13
N LEU E 378 -5.08 -0.04 -60.37
CA LEU E 378 -6.08 0.25 -59.34
C LEU E 378 -5.86 -0.61 -58.07
N SER E 379 -5.56 -1.89 -58.20
CA SER E 379 -5.33 -2.68 -56.99
C SER E 379 -4.10 -2.15 -56.24
N ILE E 380 -3.09 -1.67 -56.96
CA ILE E 380 -1.89 -1.14 -56.31
C ILE E 380 -2.21 0.21 -55.67
N LEU E 381 -2.95 1.05 -56.38
CA LEU E 381 -3.47 2.30 -55.79
C LEU E 381 -4.12 2.05 -54.42
N ARG E 382 -4.93 1.00 -54.31
CA ARG E 382 -5.53 0.61 -53.03
C ARG E 382 -4.44 0.32 -51.97
N ARG E 383 -3.54 -0.63 -52.26
CA ARG E 383 -2.43 -0.95 -51.33
C ARG E 383 -1.64 0.26 -50.82
N LEU E 384 -1.22 1.13 -51.73
CA LEU E 384 -0.47 2.30 -51.35
C LEU E 384 -1.27 3.12 -50.37
N ARG E 385 -2.53 3.42 -50.71
CA ARG E 385 -3.38 4.25 -49.85
C ARG E 385 -3.64 3.56 -48.53
N ASP E 386 -3.79 2.24 -48.58
CA ASP E 386 -3.93 1.42 -47.37
C ASP E 386 -2.71 1.48 -46.47
N ALA E 387 -1.52 1.59 -47.05
CA ALA E 387 -0.26 1.71 -46.28
C ALA E 387 -0.01 3.13 -45.73
N GLY E 388 -1.01 4.01 -45.79
CA GLY E 388 -0.89 5.36 -45.25
C GLY E 388 -0.42 6.40 -46.26
N ARG E 389 0.05 5.93 -47.42
CA ARG E 389 0.63 6.81 -48.41
C ARG E 389 -0.46 7.56 -49.17
N SER E 390 -0.10 8.73 -49.69
CA SER E 390 -0.98 9.51 -50.54
C SER E 390 -0.65 9.16 -51.97
N ALA E 391 -1.62 8.67 -52.73
CA ALA E 391 -1.31 8.27 -54.09
C ALA E 391 -2.40 8.66 -55.07
N ASP E 392 -2.06 8.55 -56.35
CA ASP E 392 -2.88 9.08 -57.42
C ASP E 392 -2.67 8.25 -58.67
N ILE E 393 -3.49 8.47 -59.69
CA ILE E 393 -3.47 7.59 -60.83
C ILE E 393 -3.77 8.35 -62.11
N VAL E 394 -3.16 7.94 -63.22
CA VAL E 394 -3.41 8.53 -64.54
C VAL E 394 -4.85 8.20 -64.89
N PHE E 395 -5.68 9.21 -65.09
CA PHE E 395 -7.13 8.97 -65.29
C PHE E 395 -7.48 8.62 -66.72
N ASP E 396 -7.07 9.47 -67.66
CA ASP E 396 -7.24 9.18 -69.08
C ASP E 396 -5.99 8.50 -69.63
N LYS E 397 -6.09 8.02 -70.86
CA LYS E 397 -4.96 7.36 -71.55
C LYS E 397 -3.87 8.38 -71.74
N LYS E 398 -2.65 8.07 -71.31
CA LYS E 398 -1.47 8.93 -71.51
C LYS E 398 -0.34 8.03 -71.96
N LYS E 399 0.59 8.58 -72.74
CA LYS E 399 1.84 7.89 -73.06
C LYS E 399 2.76 7.95 -71.83
N VAL E 400 3.65 6.98 -71.66
CA VAL E 400 4.48 6.92 -70.44
C VAL E 400 5.22 8.22 -70.09
N VAL E 401 6.02 8.79 -70.99
CA VAL E 401 6.77 10.01 -70.63
C VAL E 401 5.80 11.15 -70.30
N GLN E 402 4.66 11.20 -70.96
CA GLN E 402 3.61 12.15 -70.59
C GLN E 402 3.28 11.92 -69.11
N ALA E 403 3.06 10.66 -68.76
CA ALA E 403 2.71 10.26 -67.38
C ALA E 403 3.80 10.58 -66.39
N PHE E 404 5.06 10.60 -66.85
CA PHE E 404 6.17 11.02 -65.99
C PHE E 404 6.28 12.55 -65.83
N ASN E 405 5.80 13.30 -66.82
CA ASN E 405 5.58 14.74 -66.65
C ASN E 405 4.50 15.03 -65.62
N TYR E 406 3.30 14.50 -65.88
CA TYR E 406 2.15 14.68 -64.98
C TYR E 406 2.55 14.40 -63.52
N ALA E 407 3.39 13.39 -63.30
CA ALA E 407 3.87 13.05 -61.95
C ALA E 407 4.72 14.15 -61.35
N ASP E 408 5.64 14.68 -62.14
CA ASP E 408 6.45 15.81 -61.70
C ASP E 408 5.54 17.01 -61.47
N ARG E 409 4.79 17.37 -62.50
CA ARG E 409 3.96 18.59 -62.49
C ARG E 409 2.85 18.64 -61.44
N ILE E 410 2.71 17.61 -60.61
CA ILE E 410 1.64 17.60 -59.60
C ILE E 410 2.08 17.33 -58.16
N GLY E 411 3.30 16.83 -57.95
CA GLY E 411 3.73 16.51 -56.58
C GLY E 411 4.79 15.43 -56.50
N ALA E 412 4.65 14.41 -57.33
CA ALA E 412 5.75 13.49 -57.62
C ALA E 412 6.12 12.57 -56.46
N LEU E 413 7.27 12.83 -55.84
CA LEU E 413 7.91 11.89 -54.93
C LEU E 413 8.25 10.54 -55.56
N ARG E 414 7.25 9.83 -56.05
CA ARG E 414 7.50 8.53 -56.64
C ARG E 414 6.51 8.28 -57.78
N ALA E 415 6.98 7.68 -58.87
CA ALA E 415 6.11 7.25 -59.96
C ALA E 415 6.11 5.72 -59.97
N VAL E 416 4.93 5.11 -59.96
CA VAL E 416 4.82 3.65 -59.90
C VAL E 416 4.35 3.09 -61.25
N LEU E 417 5.28 2.58 -62.05
CA LEU E 417 4.95 2.04 -63.39
C LEU E 417 4.45 0.60 -63.24
N VAL E 418 3.28 0.30 -63.83
CA VAL E 418 2.65 -1.01 -63.69
C VAL E 418 2.57 -1.73 -65.04
N ALA E 419 3.62 -2.48 -65.37
CA ALA E 419 3.76 -3.05 -66.71
C ALA E 419 3.67 -4.59 -66.73
N PRO E 420 3.14 -5.15 -67.85
CA PRO E 420 2.74 -6.57 -67.83
C PRO E 420 3.92 -7.49 -67.57
N ASP E 421 5.03 -7.27 -68.29
CA ASP E 421 6.28 -8.01 -68.09
C ASP E 421 6.58 -8.17 -66.61
N GLU E 422 6.59 -7.05 -65.90
CA GLU E 422 6.98 -7.04 -64.50
C GLU E 422 5.88 -7.61 -63.64
N TRP E 423 4.63 -7.23 -63.94
CA TRP E 423 3.49 -7.72 -63.17
C TRP E 423 3.37 -9.24 -63.26
N ALA E 424 3.66 -9.79 -64.44
CA ALA E 424 3.66 -11.24 -64.63
C ALA E 424 4.59 -11.91 -63.63
N ARG E 425 5.78 -11.34 -63.42
CA ARG E 425 6.74 -11.87 -62.44
C ARG E 425 6.48 -11.40 -61.00
N GLY E 426 5.29 -10.85 -60.75
CA GLY E 426 4.94 -10.31 -59.45
C GLY E 426 5.80 -9.11 -59.10
N GLU E 427 5.75 -8.07 -59.93
CA GLU E 427 6.63 -6.91 -59.75
C GLU E 427 6.11 -5.63 -60.38
N VAL E 428 6.58 -4.50 -59.87
CA VAL E 428 6.24 -3.17 -60.39
C VAL E 428 7.51 -2.32 -60.49
N ARG E 429 7.51 -1.37 -61.43
CA ARG E 429 8.66 -0.48 -61.61
C ARG E 429 8.40 0.85 -60.85
N VAL E 430 9.34 1.21 -59.97
CA VAL E 430 9.26 2.41 -59.13
C VAL E 430 10.42 3.35 -59.44
N LYS E 431 10.11 4.55 -59.95
CA LYS E 431 11.16 5.56 -60.24
C LYS E 431 11.00 6.79 -59.35
N MET E 432 12.00 7.03 -58.51
CA MET E 432 12.00 8.19 -57.62
C MET E 432 12.32 9.46 -58.41
N LEU E 433 11.63 10.56 -58.11
CA LEU E 433 11.87 11.85 -58.75
C LEU E 433 12.72 12.73 -57.82
N ARG E 434 13.89 12.20 -57.43
CA ARG E 434 14.77 12.84 -56.45
C ARG E 434 15.55 13.98 -57.09
N GLY E 447 14.50 2.70 -63.98
CA GLY E 447 13.52 1.85 -63.32
C GLY E 447 14.11 1.02 -62.18
N ILE E 448 13.22 0.38 -61.41
CA ILE E 448 13.65 -0.49 -60.31
C ILE E 448 12.54 -1.46 -59.96
N VAL E 449 12.81 -2.75 -60.11
CA VAL E 449 11.79 -3.79 -59.90
C VAL E 449 11.58 -4.02 -58.40
N LEU E 450 10.31 -4.21 -58.00
CA LEU E 450 9.92 -4.41 -56.60
C LEU E 450 8.60 -5.20 -56.47
N PRO E 451 8.52 -6.12 -55.50
CA PRO E 451 7.27 -6.85 -55.18
C PRO E 451 5.95 -6.04 -54.90
N VAL E 452 5.90 -5.09 -53.96
CA VAL E 452 7.02 -4.58 -53.16
C VAL E 452 6.93 -4.91 -51.67
N ASP E 453 5.90 -5.65 -51.27
CA ASP E 453 5.79 -6.17 -49.91
C ASP E 453 4.45 -6.87 -49.70
N MET F 26 -32.02 38.01 -19.40
CA MET F 26 -31.02 37.19 -20.14
C MET F 26 -31.45 37.00 -21.60
N VAL F 27 -30.47 36.91 -22.50
CA VAL F 27 -30.74 36.73 -23.94
C VAL F 27 -31.08 35.28 -24.29
N GLU F 28 -31.71 35.10 -25.45
CA GLU F 28 -31.98 33.75 -25.97
C GLU F 28 -30.66 33.01 -26.01
N THR F 29 -30.49 32.11 -25.04
CA THR F 29 -29.29 31.31 -24.91
C THR F 29 -29.20 30.26 -26.00
N GLU F 30 -30.33 29.88 -26.59
CA GLU F 30 -30.33 28.97 -27.74
C GLU F 30 -29.95 29.71 -29.04
N PRO F 31 -29.48 28.95 -30.06
CA PRO F 31 -29.12 29.52 -31.36
C PRO F 31 -30.32 29.73 -32.29
N VAL F 32 -30.14 30.59 -33.29
CA VAL F 32 -31.15 30.80 -34.34
C VAL F 32 -31.76 29.46 -34.77
N GLN F 33 -33.09 29.39 -34.76
CA GLN F 33 -33.79 28.14 -35.06
C GLN F 33 -33.08 27.33 -36.16
N GLY F 34 -32.90 26.04 -35.90
CA GLY F 34 -32.36 25.10 -36.89
C GLY F 34 -30.85 25.15 -37.10
N CYS F 35 -30.15 25.90 -36.26
CA CYS F 35 -28.69 25.98 -36.35
C CYS F 35 -28.02 25.43 -35.09
N ARG F 36 -26.93 24.71 -35.26
CA ARG F 36 -26.29 24.01 -34.17
C ARG F 36 -25.14 24.80 -33.55
N ASP F 37 -25.10 24.85 -32.22
CA ASP F 37 -23.91 25.28 -31.50
C ASP F 37 -22.95 24.10 -31.51
N PHE F 38 -21.65 24.38 -31.46
CA PHE F 38 -20.66 23.32 -31.34
C PHE F 38 -19.79 23.57 -30.11
N PRO F 39 -20.34 23.30 -28.92
CA PRO F 39 -19.46 23.35 -27.76
C PRO F 39 -18.40 22.24 -27.85
N PRO F 40 -17.30 22.35 -27.09
CA PRO F 40 -16.21 21.37 -27.19
C PRO F 40 -16.67 19.92 -27.32
N GLU F 41 -17.58 19.49 -26.44
CA GLU F 41 -18.16 18.15 -26.53
C GLU F 41 -18.59 17.82 -27.97
N THR F 42 -19.37 18.72 -28.58
CA THR F 42 -19.91 18.51 -29.91
C THR F 42 -18.84 18.71 -30.97
N MET F 43 -18.10 19.82 -30.88
CA MET F 43 -17.04 20.13 -31.86
C MET F 43 -16.11 18.95 -32.05
N ARG F 44 -15.88 18.22 -30.97
CA ARG F 44 -15.00 17.05 -30.99
C ARG F 44 -15.48 15.99 -32.00
N LEU F 45 -16.78 15.71 -31.98
CA LEU F 45 -17.40 14.79 -32.94
C LEU F 45 -17.30 15.29 -34.37
N ARG F 46 -17.59 16.58 -34.58
CA ARG F 46 -17.55 17.16 -35.93
C ARG F 46 -16.12 17.12 -36.49
N LYS F 47 -15.15 17.47 -35.65
CA LYS F 47 -13.75 17.39 -36.04
C LYS F 47 -13.38 15.96 -36.42
N TYR F 48 -13.94 14.97 -35.73
CA TYR F 48 -13.64 13.56 -36.01
C TYR F 48 -14.19 13.19 -37.39
N LEU F 49 -15.44 13.57 -37.66
CA LEU F 49 -16.03 13.28 -38.94
C LEU F 49 -15.23 14.00 -39.98
N PHE F 50 -14.99 15.29 -39.79
CA PHE F 50 -14.29 16.06 -40.80
C PHE F 50 -12.88 15.60 -41.04
N ASP F 51 -12.25 15.00 -40.03
CA ASP F 51 -10.93 14.46 -40.20
C ASP F 51 -10.88 13.30 -41.19
N VAL F 52 -11.83 12.37 -41.11
CA VAL F 52 -11.86 11.32 -42.10
C VAL F 52 -12.04 11.94 -43.50
N PHE F 53 -12.81 13.03 -43.61
CA PHE F 53 -12.95 13.66 -44.92
C PHE F 53 -11.60 14.16 -45.41
N HIS F 54 -10.93 14.97 -44.60
CA HIS F 54 -9.59 15.46 -44.91
C HIS F 54 -8.62 14.31 -45.19
N SER F 55 -8.65 13.28 -44.34
CA SER F 55 -7.65 12.23 -44.48
C SER F 55 -7.90 11.42 -45.72
N THR F 56 -9.17 11.23 -46.06
CA THR F 56 -9.51 10.53 -47.28
C THR F 56 -9.04 11.36 -48.49
N ALA F 57 -9.37 12.66 -48.49
CA ALA F 57 -9.05 13.53 -49.61
C ALA F 57 -7.54 13.70 -49.84
N ARG F 58 -6.76 13.47 -48.79
CA ARG F 58 -5.31 13.64 -48.85
C ARG F 58 -4.69 12.39 -49.44
N LYS F 59 -5.12 11.24 -48.90
CA LYS F 59 -4.77 9.93 -49.43
C LYS F 59 -5.10 9.82 -50.93
N PHE F 60 -6.25 10.37 -51.34
CA PHE F 60 -6.67 10.35 -52.75
C PHE F 60 -6.05 11.45 -53.64
N GLY F 61 -5.33 12.37 -53.04
CA GLY F 61 -4.67 13.41 -53.80
C GLY F 61 -5.61 14.50 -54.24
N PHE F 62 -6.55 14.84 -53.37
CA PHE F 62 -7.44 15.95 -53.64
C PHE F 62 -6.88 17.18 -52.92
N GLU F 63 -7.23 18.37 -53.41
CA GLU F 63 -6.74 19.64 -52.84
C GLU F 63 -7.90 20.39 -52.26
N GLU F 64 -7.75 20.93 -51.07
CA GLU F 64 -8.85 21.67 -50.50
C GLU F 64 -8.99 23.07 -51.15
N TYR F 65 -10.24 23.52 -51.34
CA TYR F 65 -10.55 24.92 -51.75
C TYR F 65 -11.67 25.49 -50.88
N ASP F 66 -11.85 26.80 -50.90
CA ASP F 66 -12.98 27.42 -50.22
C ASP F 66 -13.41 28.69 -50.94
N SER F 67 -14.70 28.99 -50.83
CA SER F 67 -15.28 30.24 -51.35
C SER F 67 -16.16 30.87 -50.27
N PRO F 68 -16.58 32.12 -50.47
CA PRO F 68 -17.42 32.71 -49.44
C PRO F 68 -18.72 31.96 -49.24
N VAL F 69 -19.28 32.07 -48.03
CA VAL F 69 -20.65 31.63 -47.81
C VAL F 69 -21.62 32.60 -48.47
N LEU F 70 -21.14 33.80 -48.79
CA LEU F 70 -21.94 34.84 -49.44
C LEU F 70 -21.64 34.92 -50.93
N GLU F 71 -22.59 34.46 -51.75
CA GLU F 71 -22.45 34.53 -53.21
C GLU F 71 -23.58 35.34 -53.82
N SER F 72 -23.42 35.72 -55.09
CA SER F 72 -24.45 36.44 -55.83
C SER F 72 -25.69 35.55 -56.02
N GLU F 73 -26.86 36.16 -55.85
CA GLU F 73 -28.11 35.48 -56.13
C GLU F 73 -28.04 34.92 -57.54
N GLU F 74 -27.58 35.75 -58.48
CA GLU F 74 -27.41 35.36 -59.88
C GLU F 74 -26.86 33.94 -60.04
N LEU F 75 -25.95 33.57 -59.15
CA LEU F 75 -25.24 32.31 -59.26
C LEU F 75 -26.16 31.09 -59.18
N TYR F 76 -27.13 31.14 -58.31
CA TYR F 76 -27.98 29.97 -58.03
C TYR F 76 -29.22 29.95 -58.88
N ILE F 77 -29.81 31.12 -59.08
CA ILE F 77 -30.96 31.28 -59.97
C ILE F 77 -30.67 30.76 -61.39
N ARG F 78 -29.44 30.96 -61.86
CA ARG F 78 -29.04 30.47 -63.19
C ARG F 78 -29.00 28.96 -63.26
N LYS F 79 -29.00 28.28 -62.11
CA LYS F 79 -29.05 26.81 -62.08
C LYS F 79 -30.50 26.34 -62.11
N ALA F 80 -31.27 26.72 -61.09
CA ALA F 80 -32.59 26.14 -60.86
C ALA F 80 -33.76 27.03 -61.30
N GLY F 81 -33.54 28.33 -61.47
CA GLY F 81 -34.62 29.26 -61.81
C GLY F 81 -35.06 30.10 -60.62
N GLU F 82 -35.97 31.04 -60.85
CA GLU F 82 -36.39 32.05 -59.87
C GLU F 82 -37.02 31.48 -58.60
N GLU F 83 -37.56 30.27 -58.70
CA GLU F 83 -38.15 29.56 -57.56
C GLU F 83 -37.26 29.48 -56.30
N ILE F 84 -35.97 29.22 -56.48
CA ILE F 84 -35.05 29.00 -55.35
C ILE F 84 -34.77 30.25 -54.50
N THR F 85 -35.04 31.43 -55.06
CA THR F 85 -34.91 32.67 -54.28
C THR F 85 -35.76 32.61 -53.01
N GLU F 86 -36.87 31.87 -53.06
CA GLU F 86 -37.73 31.74 -51.90
C GLU F 86 -37.19 30.75 -50.87
N GLN F 87 -36.38 29.78 -51.33
CA GLN F 87 -35.87 28.71 -50.46
C GLN F 87 -34.47 28.97 -49.91
N MET F 88 -33.98 30.21 -50.00
CA MET F 88 -32.67 30.56 -49.45
C MET F 88 -32.67 31.97 -48.83
N PHE F 89 -31.65 32.23 -48.03
CA PHE F 89 -31.54 33.49 -47.28
C PHE F 89 -31.01 34.57 -48.20
N ASN F 90 -31.88 35.50 -48.60
CA ASN F 90 -31.52 36.59 -49.51
C ASN F 90 -31.37 37.91 -48.79
N PHE F 91 -30.52 38.79 -49.31
CA PHE F 91 -30.55 40.19 -48.93
C PHE F 91 -29.81 41.06 -49.94
N ILE F 92 -29.81 42.37 -49.68
CA ILE F 92 -29.32 43.38 -50.61
C ILE F 92 -28.21 44.18 -49.98
N THR F 93 -27.42 44.85 -50.83
CA THR F 93 -26.33 45.71 -50.38
C THR F 93 -26.43 47.07 -51.08
N HIS F 97 -27.71 45.42 -55.15
CA HIS F 97 -26.79 44.31 -55.37
C HIS F 97 -27.16 43.11 -54.49
N ARG F 98 -27.76 42.08 -55.09
CA ARG F 98 -28.34 40.96 -54.33
C ARG F 98 -27.33 39.85 -54.05
N VAL F 99 -27.44 39.29 -52.85
CA VAL F 99 -26.58 38.17 -52.47
C VAL F 99 -27.37 37.18 -51.61
N ALA F 100 -26.84 35.95 -51.49
CA ALA F 100 -27.46 34.92 -50.66
C ALA F 100 -26.43 33.99 -50.01
N LEU F 101 -26.84 33.32 -48.93
CA LEU F 101 -26.00 32.28 -48.32
C LEU F 101 -26.22 31.01 -49.10
N ARG F 102 -25.14 30.43 -49.61
CA ARG F 102 -25.28 29.29 -50.49
C ARG F 102 -26.15 28.18 -49.90
N PRO F 103 -26.91 27.47 -50.77
CA PRO F 103 -27.55 26.20 -50.42
C PRO F 103 -26.78 24.97 -50.90
N GLU F 104 -25.87 25.15 -51.85
CA GLU F 104 -24.98 24.08 -52.31
C GLU F 104 -23.64 24.69 -52.71
N MET F 105 -22.61 23.86 -52.72
CA MET F 105 -21.25 24.32 -52.99
C MET F 105 -20.89 24.42 -54.46
N THR F 106 -21.46 23.51 -55.26
CA THR F 106 -21.08 23.36 -56.67
C THR F 106 -21.04 24.65 -57.49
N PRO F 107 -22.08 25.47 -57.39
CA PRO F 107 -22.06 26.68 -58.21
C PRO F 107 -20.84 27.60 -57.96
N SER F 108 -20.17 27.40 -56.82
CA SER F 108 -18.98 28.18 -56.48
C SER F 108 -17.73 27.52 -57.04
N LEU F 109 -17.69 26.20 -57.02
CA LEU F 109 -16.60 25.48 -57.64
C LEU F 109 -16.51 25.99 -59.04
N ALA F 110 -17.63 25.90 -59.77
CA ALA F 110 -17.73 26.32 -61.19
C ALA F 110 -17.19 27.73 -61.29
N ARG F 111 -17.76 28.62 -60.49
CA ARG F 111 -17.37 30.01 -60.53
C ARG F 111 -15.86 30.11 -60.41
N GLN F 112 -15.25 29.31 -59.54
CA GLN F 112 -13.81 29.42 -59.33
C GLN F 112 -13.01 28.83 -60.48
N LEU F 113 -13.39 27.62 -60.89
CA LEU F 113 -12.72 26.94 -61.99
C LEU F 113 -12.74 27.85 -63.21
N LEU F 114 -13.87 28.48 -63.48
CA LEU F 114 -13.99 29.34 -64.64
C LEU F 114 -13.03 30.48 -64.51
N ALA F 115 -12.98 31.07 -63.31
CA ALA F 115 -12.10 32.19 -63.00
C ALA F 115 -10.64 31.90 -63.35
N LYS F 116 -10.25 30.64 -63.25
CA LYS F 116 -8.91 30.23 -63.65
C LYS F 116 -8.80 30.05 -65.17
N GLY F 117 -9.86 29.53 -65.81
CA GLY F 117 -9.93 29.40 -67.28
C GLY F 117 -9.09 28.27 -67.88
N ARG F 118 -8.28 28.64 -68.88
CA ARG F 118 -7.31 27.72 -69.50
C ARG F 118 -6.01 27.59 -68.70
N SER F 119 -5.91 28.32 -67.57
CA SER F 119 -4.73 28.25 -66.68
C SER F 119 -4.95 27.29 -65.50
N LEU F 120 -6.13 26.68 -65.45
CA LEU F 120 -6.42 25.60 -64.52
C LEU F 120 -5.80 24.35 -65.13
N LEU F 121 -4.95 23.68 -64.36
CA LEU F 121 -4.10 22.55 -64.80
C LEU F 121 -4.84 21.21 -64.65
N LEU F 122 -5.38 20.71 -65.77
CA LEU F 122 -6.23 19.52 -65.78
C LEU F 122 -5.40 18.23 -65.85
N PRO F 123 -5.86 17.16 -65.17
CA PRO F 123 -7.03 17.05 -64.30
C PRO F 123 -6.87 17.73 -62.92
N ALA F 124 -7.95 18.31 -62.42
CA ALA F 124 -7.95 18.98 -61.12
C ALA F 124 -8.91 18.26 -60.15
N LYS F 125 -8.42 17.99 -58.94
CA LYS F 125 -9.16 17.21 -57.95
C LYS F 125 -9.34 18.03 -56.68
N TRP F 126 -10.50 18.67 -56.57
CA TRP F 126 -10.75 19.69 -55.55
C TRP F 126 -11.77 19.21 -54.53
N TYR F 127 -11.50 19.44 -53.24
CA TYR F 127 -12.46 19.18 -52.18
C TYR F 127 -12.70 20.33 -51.20
N SER F 128 -13.80 20.23 -50.48
CA SER F 128 -14.14 21.28 -49.53
C SER F 128 -15.19 20.75 -48.59
N ILE F 129 -15.22 21.28 -47.37
CA ILE F 129 -16.24 20.85 -46.40
C ILE F 129 -17.13 22.03 -45.99
N PRO F 130 -17.74 22.71 -46.97
CA PRO F 130 -18.40 23.96 -46.70
C PRO F 130 -19.65 23.77 -45.88
N GLN F 131 -20.04 24.83 -45.19
CA GLN F 131 -21.31 24.90 -44.52
C GLN F 131 -22.26 25.50 -45.54
N CYS F 132 -23.47 24.95 -45.61
CA CYS F 132 -24.46 25.41 -46.57
C CYS F 132 -25.79 25.67 -45.90
N TRP F 133 -26.53 26.62 -46.46
CA TRP F 133 -27.70 27.18 -45.83
C TRP F 133 -28.91 27.11 -46.74
N ARG F 134 -29.97 26.51 -46.23
CA ARG F 134 -31.20 26.40 -46.95
C ARG F 134 -32.33 26.80 -46.01
N TYR F 135 -33.06 27.85 -46.38
CA TYR F 135 -34.24 28.33 -45.63
C TYR F 135 -35.37 27.33 -45.82
N GLU F 136 -35.73 26.64 -44.74
CA GLU F 136 -36.81 25.62 -44.75
C GLU F 136 -37.53 25.57 -43.39
N ALA F 137 -38.46 24.62 -43.24
CA ALA F 137 -39.08 24.33 -41.94
C ALA F 137 -38.17 23.44 -41.10
N ILE F 138 -38.37 23.42 -39.78
CA ILE F 138 -37.49 22.69 -38.86
C ILE F 138 -38.07 21.34 -38.40
N THR F 139 -39.19 21.35 -37.69
CA THR F 139 -39.75 20.10 -37.18
C THR F 139 -40.38 19.22 -38.28
N ARG F 140 -40.14 19.58 -39.55
CA ARG F 140 -40.51 18.76 -40.71
C ARG F 140 -39.27 18.31 -41.50
N GLY F 141 -38.39 17.57 -40.84
CA GLY F 141 -37.22 16.97 -41.49
C GLY F 141 -35.92 17.76 -41.37
N ARG F 142 -35.60 18.54 -42.41
CA ARG F 142 -34.30 19.21 -42.52
C ARG F 142 -34.12 20.34 -41.48
N ARG F 143 -32.90 20.85 -41.39
CA ARG F 143 -32.51 21.73 -40.27
C ARG F 143 -31.73 22.99 -40.69
N ARG F 144 -32.11 23.60 -41.81
CA ARG F 144 -31.58 24.91 -42.22
C ARG F 144 -30.07 25.05 -42.43
N GLU F 145 -29.26 24.40 -41.59
CA GLU F 145 -27.80 24.45 -41.71
C GLU F 145 -27.22 23.03 -41.71
N HIS F 146 -26.25 22.80 -42.60
CA HIS F 146 -25.57 21.51 -42.64
C HIS F 146 -24.18 21.65 -43.25
N TYR F 147 -23.22 20.85 -42.79
CA TYR F 147 -21.92 20.74 -43.46
C TYR F 147 -21.95 19.59 -44.44
N GLN F 148 -21.05 19.63 -45.41
CA GLN F 148 -21.07 18.72 -46.52
C GLN F 148 -19.71 18.62 -47.15
N TRP F 149 -19.22 17.40 -47.34
CA TRP F 149 -17.94 17.14 -47.98
C TRP F 149 -18.14 17.01 -49.48
N ASN F 150 -17.80 18.07 -50.21
CA ASN F 150 -17.81 18.02 -51.67
C ASN F 150 -16.49 17.50 -52.15
N MET F 151 -16.52 16.93 -53.34
CA MET F 151 -15.38 16.21 -53.89
C MET F 151 -15.65 16.21 -55.39
N ASP F 152 -14.77 16.82 -56.16
CA ASP F 152 -15.01 17.03 -57.59
C ASP F 152 -13.74 16.86 -58.39
N ILE F 153 -13.78 15.92 -59.32
CA ILE F 153 -12.69 15.75 -60.25
C ILE F 153 -13.10 16.50 -61.50
N ILE F 154 -12.18 17.23 -62.08
CA ILE F 154 -12.48 17.98 -63.28
C ILE F 154 -11.39 17.80 -64.33
N GLY F 155 -11.82 17.50 -65.56
CA GLY F 155 -10.92 17.32 -66.69
C GLY F 155 -10.84 15.88 -67.19
N VAL F 156 -11.52 14.97 -66.51
CA VAL F 156 -11.41 13.55 -66.86
C VAL F 156 -12.59 13.07 -67.70
N LYS F 157 -12.31 12.68 -68.94
CA LYS F 157 -13.36 12.18 -69.85
C LYS F 157 -13.82 10.75 -69.50
N SER F 158 -12.88 9.89 -69.17
CA SER F 158 -13.17 8.47 -68.98
C SER F 158 -13.82 8.17 -67.64
N VAL F 159 -14.22 6.91 -67.45
CA VAL F 159 -15.07 6.57 -66.33
C VAL F 159 -14.30 6.32 -65.04
N SER F 160 -12.98 6.40 -65.12
CA SER F 160 -12.12 6.24 -63.96
C SER F 160 -12.38 7.32 -62.90
N SER F 161 -12.75 8.54 -63.31
CA SER F 161 -13.04 9.58 -62.32
C SER F 161 -14.26 9.22 -61.45
N GLU F 162 -15.34 8.73 -62.06
CA GLU F 162 -16.45 8.12 -61.28
C GLU F 162 -15.88 7.05 -60.33
N VAL F 163 -15.07 6.15 -60.89
CA VAL F 163 -14.52 5.02 -60.14
C VAL F 163 -13.85 5.44 -58.84
N GLU F 164 -13.17 6.58 -58.86
CA GLU F 164 -12.40 7.00 -57.70
C GLU F 164 -13.23 7.81 -56.73
N LEU F 165 -14.20 8.56 -57.24
CA LEU F 165 -15.07 9.31 -56.35
C LEU F 165 -15.89 8.33 -55.53
N VAL F 166 -16.39 7.28 -56.17
CA VAL F 166 -17.11 6.23 -55.48
C VAL F 166 -16.19 5.48 -54.50
N CYS F 167 -14.93 5.26 -54.87
CA CYS F 167 -13.95 4.69 -53.94
C CYS F 167 -13.64 5.62 -52.77
N ALA F 168 -13.42 6.90 -53.05
CA ALA F 168 -13.22 7.86 -51.99
C ALA F 168 -14.40 7.79 -51.02
N ALA F 169 -15.63 8.03 -51.52
CA ALA F 169 -16.84 7.93 -50.70
C ALA F 169 -16.87 6.63 -49.91
N CYS F 170 -16.66 5.50 -50.59
CA CYS F 170 -16.67 4.21 -49.90
C CYS F 170 -15.57 4.13 -48.84
N THR F 171 -14.42 4.71 -49.11
CA THR F 171 -13.30 4.70 -48.16
C THR F 171 -13.65 5.47 -46.86
N ALA F 172 -14.23 6.65 -47.00
CA ALA F 172 -14.64 7.43 -45.84
C ALA F 172 -15.51 6.57 -44.92
N MET F 173 -16.53 5.96 -45.50
CA MET F 173 -17.47 5.12 -44.76
C MET F 173 -16.80 3.92 -44.08
N GLN F 174 -15.76 3.40 -44.74
CA GLN F 174 -15.00 2.30 -44.18
C GLN F 174 -14.23 2.76 -42.96
N SER F 175 -13.64 3.96 -43.05
CA SER F 175 -12.80 4.50 -41.97
C SER F 175 -13.59 4.95 -40.73
N LEU F 176 -14.84 5.35 -40.91
CA LEU F 176 -15.77 5.63 -39.83
C LEU F 176 -16.28 4.35 -39.17
N GLY F 177 -16.13 3.23 -39.87
CA GLY F 177 -16.40 1.90 -39.32
C GLY F 177 -17.53 1.11 -39.95
N LEU F 178 -17.96 1.50 -41.14
CA LEU F 178 -19.10 0.87 -41.80
C LEU F 178 -18.61 -0.14 -42.83
N SER F 179 -19.17 -1.34 -42.81
CA SER F 179 -18.76 -2.39 -43.73
C SER F 179 -19.66 -2.38 -44.94
N SER F 180 -19.32 -3.25 -45.89
CA SER F 180 -20.15 -3.46 -47.06
C SER F 180 -21.46 -4.17 -46.69
N LYS F 181 -21.55 -4.72 -45.47
CA LYS F 181 -22.83 -5.24 -44.97
C LYS F 181 -23.74 -4.12 -44.48
N ASP F 182 -23.16 -2.99 -44.09
CA ASP F 182 -23.92 -1.88 -43.49
C ASP F 182 -24.48 -0.95 -44.54
N VAL F 183 -23.60 -0.42 -45.38
CA VAL F 183 -23.97 0.59 -46.33
C VAL F 183 -23.73 0.07 -47.71
N GLY F 184 -24.13 0.83 -48.70
CA GLY F 184 -23.81 0.53 -50.09
C GLY F 184 -23.91 1.77 -50.92
N VAL F 185 -23.61 1.65 -52.20
CA VAL F 185 -23.79 2.73 -53.15
C VAL F 185 -24.47 2.18 -54.40
N LYS F 186 -25.56 2.82 -54.81
CA LYS F 186 -26.23 2.46 -56.05
C LYS F 186 -25.58 3.20 -57.23
N ILE F 187 -25.57 2.56 -58.40
CA ILE F 187 -25.03 3.18 -59.61
C ILE F 187 -26.09 3.12 -60.68
N ASN F 188 -26.38 4.26 -61.28
CA ASN F 188 -27.30 4.36 -62.42
C ASN F 188 -26.65 5.30 -63.42
N SER F 189 -27.09 5.21 -64.67
CA SER F 189 -26.61 6.12 -65.71
C SER F 189 -27.83 6.75 -66.32
N ARG F 190 -27.82 8.07 -66.48
CA ARG F 190 -28.94 8.72 -67.17
C ARG F 190 -28.93 8.31 -68.64
N LYS F 191 -27.78 7.84 -69.16
CA LYS F 191 -27.71 7.39 -70.55
C LYS F 191 -28.57 6.16 -70.79
N ILE F 192 -28.79 5.36 -69.75
CA ILE F 192 -29.77 4.28 -69.81
C ILE F 192 -31.15 4.83 -70.08
N LEU F 193 -31.55 5.86 -69.33
CA LEU F 193 -32.89 6.39 -69.42
C LEU F 193 -33.11 7.19 -70.69
N GLN F 194 -32.21 8.12 -71.02
CA GLN F 194 -32.41 9.00 -72.19
C GLN F 194 -32.46 8.20 -73.52
N THR F 195 -31.69 7.12 -73.62
CA THR F 195 -31.60 6.36 -74.87
C THR F 195 -32.74 5.36 -75.00
N VAL F 196 -33.52 5.20 -73.93
CA VAL F 196 -34.84 4.54 -74.04
C VAL F 196 -35.81 5.39 -74.91
N VAL F 197 -35.71 6.72 -74.76
CA VAL F 197 -36.46 7.71 -75.55
C VAL F 197 -35.77 7.99 -76.89
N GLU F 198 -36.44 7.63 -77.98
CA GLU F 198 -35.89 7.84 -79.32
C GLU F 198 -36.98 7.95 -80.39
N ASP F 205 -38.06 16.82 -74.35
CA ASP F 205 -36.70 17.08 -73.90
C ASP F 205 -36.63 17.19 -72.38
N LYS F 206 -37.54 17.98 -71.81
CA LYS F 206 -37.59 18.19 -70.36
C LYS F 206 -38.46 17.12 -69.70
N PHE F 207 -37.93 15.91 -69.62
CA PHE F 207 -38.65 14.77 -69.06
C PHE F 207 -38.14 14.33 -67.69
N ALA F 208 -36.82 14.30 -67.55
CA ALA F 208 -36.13 13.81 -66.32
C ALA F 208 -36.58 14.48 -65.01
N PRO F 209 -37.05 15.74 -65.07
CA PRO F 209 -37.71 16.34 -63.90
C PRO F 209 -38.97 15.60 -63.39
N VAL F 210 -39.64 14.85 -64.26
CA VAL F 210 -40.86 14.12 -63.89
C VAL F 210 -40.58 12.90 -63.00
N CYS F 211 -39.51 12.16 -63.30
CA CYS F 211 -39.15 10.95 -62.56
C CYS F 211 -38.77 11.21 -61.11
N VAL F 212 -37.94 12.24 -60.90
CA VAL F 212 -37.36 12.56 -59.58
C VAL F 212 -38.40 12.63 -58.46
N ILE F 213 -39.62 13.07 -58.79
CA ILE F 213 -40.71 13.17 -57.81
C ILE F 213 -41.25 11.76 -57.48
N LEU F 248 -35.84 -2.22 -63.02
CA LEU F 248 -34.80 -3.15 -63.48
C LEU F 248 -33.56 -3.05 -62.58
N LYS F 249 -33.01 -4.19 -62.16
CA LYS F 249 -31.97 -4.21 -61.12
C LYS F 249 -30.64 -4.92 -61.48
N THR F 250 -30.41 -5.21 -62.76
CA THR F 250 -29.13 -5.80 -63.19
C THR F 250 -28.63 -5.22 -64.52
N ILE F 251 -27.31 -5.16 -64.69
CA ILE F 251 -26.70 -4.61 -65.91
C ILE F 251 -27.04 -5.45 -67.14
N ASP F 252 -27.20 -6.75 -66.93
CA ASP F 252 -27.61 -7.66 -67.99
C ASP F 252 -29.00 -7.29 -68.52
N GLU F 253 -29.90 -6.93 -67.60
CA GLU F 253 -31.26 -6.53 -67.94
C GLU F 253 -31.31 -5.23 -68.74
N ILE F 254 -30.29 -4.38 -68.57
CA ILE F 254 -30.17 -3.14 -69.35
C ILE F 254 -29.49 -3.39 -70.69
N ALA F 255 -28.53 -4.31 -70.71
CA ALA F 255 -27.82 -4.65 -71.94
C ALA F 255 -28.70 -5.48 -72.87
N GLN F 256 -29.63 -6.23 -72.27
CA GLN F 256 -30.63 -7.01 -73.00
C GLN F 256 -31.85 -6.13 -73.29
N ARG F 257 -31.60 -4.92 -73.78
CA ARG F 257 -32.60 -3.87 -73.86
C ARG F 257 -32.09 -2.72 -74.71
N GLU F 261 -23.23 -3.25 -75.84
CA GLU F 261 -22.47 -2.56 -76.88
C GLU F 261 -22.82 -1.09 -77.01
N HIS F 262 -23.68 -0.60 -76.12
CA HIS F 262 -24.10 0.81 -76.10
C HIS F 262 -23.36 1.61 -75.02
N GLU F 263 -22.82 2.77 -75.38
CA GLU F 263 -22.00 3.60 -74.47
C GLU F 263 -22.28 3.39 -72.97
N ALA F 264 -23.54 3.55 -72.58
CA ALA F 264 -23.96 3.52 -71.17
C ALA F 264 -23.59 2.22 -70.45
N VAL F 265 -23.78 1.09 -71.11
CA VAL F 265 -23.42 -0.19 -70.52
C VAL F 265 -21.91 -0.41 -70.65
N ARG F 266 -21.34 0.09 -71.74
CA ARG F 266 -19.89 0.04 -71.97
C ARG F 266 -19.18 0.66 -70.80
N GLU F 267 -19.64 1.86 -70.44
CA GLU F 267 -19.15 2.59 -69.28
C GLU F 267 -19.33 1.83 -68.01
N LEU F 268 -20.55 1.33 -67.78
CA LEU F 268 -20.90 0.69 -66.50
C LEU F 268 -20.09 -0.59 -66.26
N ARG F 269 -20.00 -1.43 -67.28
CA ARG F 269 -19.16 -2.64 -67.17
C ARG F 269 -17.71 -2.28 -66.81
N ASP F 270 -17.21 -1.25 -67.49
CA ASP F 270 -15.91 -0.65 -67.20
C ASP F 270 -15.81 -0.22 -65.75
N PHE F 271 -16.81 0.54 -65.28
CA PHE F 271 -16.88 1.03 -63.89
C PHE F 271 -16.77 -0.12 -62.90
N ILE F 272 -17.77 -1.02 -62.88
CA ILE F 272 -17.78 -2.25 -62.02
C ILE F 272 -16.48 -3.01 -62.10
N THR F 273 -15.99 -3.26 -63.31
CA THR F 273 -14.69 -3.89 -63.48
C THR F 273 -13.59 -3.11 -62.73
N GLN F 274 -13.59 -1.77 -62.83
CA GLN F 274 -12.56 -0.96 -62.17
C GLN F 274 -12.72 -0.90 -60.65
N ILE F 275 -13.95 -0.66 -60.18
CA ILE F 275 -14.27 -0.66 -58.76
C ILE F 275 -13.93 -2.00 -58.10
N GLU F 276 -14.17 -3.11 -58.81
CA GLU F 276 -13.77 -4.44 -58.31
C GLU F 276 -12.28 -4.61 -58.27
N ALA F 277 -11.59 -4.05 -59.25
CA ALA F 277 -10.12 -4.05 -59.24
C ALA F 277 -9.55 -3.29 -58.03
N TYR F 278 -10.17 -2.15 -57.69
CA TYR F 278 -9.73 -1.35 -56.56
C TYR F 278 -10.04 -2.06 -55.23
N GLY F 279 -11.16 -2.80 -55.19
CA GLY F 279 -11.52 -3.57 -53.98
C GLY F 279 -12.83 -3.18 -53.29
N PHE F 280 -13.71 -2.45 -53.98
CA PHE F 280 -14.99 -2.08 -53.41
C PHE F 280 -16.11 -2.69 -54.21
N GLY F 281 -15.87 -3.88 -54.76
CA GLY F 281 -16.88 -4.61 -55.52
C GLY F 281 -18.10 -5.01 -54.71
N ASP F 282 -17.88 -5.42 -53.47
CA ASP F 282 -18.98 -5.79 -52.59
C ASP F 282 -19.76 -4.59 -52.06
N TRP F 283 -19.35 -3.38 -52.47
CA TRP F 283 -19.95 -2.14 -51.97
C TRP F 283 -20.98 -1.52 -52.92
N VAL F 284 -20.75 -1.60 -54.22
CA VAL F 284 -21.64 -0.96 -55.20
C VAL F 284 -22.75 -1.90 -55.59
N ILE F 285 -23.88 -1.32 -56.02
CA ILE F 285 -25.01 -2.08 -56.58
C ILE F 285 -25.63 -1.26 -57.74
N PHE F 286 -26.27 -1.92 -58.70
CA PHE F 286 -26.94 -1.22 -59.80
C PHE F 286 -28.43 -1.01 -59.50
N ASP F 287 -28.95 0.12 -59.95
CA ASP F 287 -30.37 0.43 -59.77
C ASP F 287 -30.83 1.51 -60.74
N ALA F 288 -31.70 1.14 -61.67
CA ALA F 288 -32.18 2.07 -62.69
C ALA F 288 -33.08 3.19 -62.14
N SER F 289 -33.60 3.01 -60.92
CA SER F 289 -34.52 3.97 -60.32
C SER F 289 -33.86 5.16 -59.59
N VAL F 290 -32.54 5.16 -59.48
CA VAL F 290 -31.85 6.32 -58.93
C VAL F 290 -32.00 7.46 -59.92
N VAL F 291 -32.88 8.42 -59.61
CA VAL F 291 -33.07 9.60 -60.43
C VAL F 291 -33.12 10.85 -59.54
N ARG F 292 -32.16 10.97 -58.63
CA ARG F 292 -32.05 12.19 -57.84
C ARG F 292 -31.40 13.30 -58.70
N GLY F 293 -32.20 14.29 -59.10
CA GLY F 293 -31.71 15.44 -59.89
C GLY F 293 -31.08 15.02 -61.20
N LEU F 294 -31.64 13.98 -61.81
CA LEU F 294 -31.00 13.32 -62.94
C LEU F 294 -31.02 14.18 -64.21
N ALA F 295 -31.89 15.19 -64.24
CA ALA F 295 -31.83 16.21 -65.29
C ALA F 295 -30.47 16.90 -65.26
N TYR F 296 -29.97 17.17 -64.05
CA TYR F 296 -28.77 17.97 -63.82
C TYR F 296 -27.47 17.16 -64.01
N TYR F 297 -27.57 15.84 -64.12
CA TYR F 297 -26.42 14.99 -64.43
C TYR F 297 -26.39 14.61 -65.89
N THR F 298 -25.27 14.02 -66.31
CA THR F 298 -24.98 13.70 -67.70
C THR F 298 -24.68 12.23 -67.92
N GLY F 299 -24.01 11.57 -66.98
CA GLY F 299 -23.61 10.20 -67.19
C GLY F 299 -23.98 9.33 -66.00
N ILE F 300 -22.97 8.66 -65.45
CA ILE F 300 -23.17 7.84 -64.27
C ILE F 300 -23.52 8.69 -63.07
N VAL F 301 -24.60 8.34 -62.40
CA VAL F 301 -24.94 8.96 -61.13
C VAL F 301 -24.82 7.91 -60.06
N PHE F 302 -24.69 8.34 -58.80
CA PHE F 302 -24.60 7.39 -57.70
C PHE F 302 -25.12 7.97 -56.42
N GLU F 303 -25.28 7.10 -55.43
CA GLU F 303 -25.94 7.47 -54.18
C GLU F 303 -25.63 6.49 -53.05
N GLY F 304 -25.07 7.02 -51.97
CA GLY F 304 -24.86 6.25 -50.76
C GLY F 304 -26.19 5.86 -50.14
N PHE F 305 -26.26 4.66 -49.55
CA PHE F 305 -27.45 4.23 -48.85
C PHE F 305 -27.11 3.20 -47.80
N ASP F 306 -27.95 3.17 -46.76
CA ASP F 306 -27.86 2.17 -45.70
C ASP F 306 -28.63 0.99 -46.21
N ARG F 307 -28.08 -0.21 -46.03
CA ARG F 307 -28.67 -1.41 -46.62
C ARG F 307 -29.96 -1.86 -45.89
N ASP F 308 -30.07 -1.56 -44.59
CA ASP F 308 -31.27 -1.92 -43.82
C ASP F 308 -32.48 -1.01 -44.13
N GLY F 309 -32.26 0.08 -44.86
CA GLY F 309 -33.34 0.84 -45.50
C GLY F 309 -33.97 1.92 -44.62
N ASN F 310 -33.25 2.29 -43.56
CA ASN F 310 -33.82 3.12 -42.51
C ASN F 310 -33.62 4.60 -42.75
N PHE F 311 -32.51 4.98 -43.39
CA PHE F 311 -32.15 6.38 -43.58
C PHE F 311 -32.18 6.82 -45.02
N ARG F 312 -32.21 8.15 -45.19
CA ARG F 312 -32.13 8.80 -46.50
C ARG F 312 -30.69 8.72 -47.01
N ALA F 313 -30.45 9.29 -48.19
CA ALA F 313 -29.17 9.08 -48.86
C ALA F 313 -28.03 9.64 -48.04
N LEU F 314 -26.97 8.86 -47.97
CA LEU F 314 -25.78 9.23 -47.22
C LEU F 314 -25.08 10.34 -47.99
N CYS F 315 -24.67 10.02 -49.20
CA CYS F 315 -23.96 10.93 -50.08
C CYS F 315 -24.55 10.74 -51.45
N GLY F 316 -24.21 11.60 -52.38
CA GLY F 316 -24.73 11.50 -53.75
C GLY F 316 -23.91 12.32 -54.71
N GLY F 317 -23.98 11.95 -55.98
CA GLY F 317 -23.25 12.69 -57.00
C GLY F 317 -23.45 12.14 -58.39
N GLY F 318 -22.49 12.47 -59.25
CA GLY F 318 -22.42 11.92 -60.59
C GLY F 318 -21.51 12.75 -61.48
N ARG F 319 -21.60 12.46 -62.77
CA ARG F 319 -20.95 13.26 -63.78
C ARG F 319 -21.90 14.36 -64.24
N TYR F 320 -21.39 15.59 -64.34
CA TYR F 320 -22.15 16.69 -64.96
C TYR F 320 -21.27 17.48 -65.92
N ASP F 321 -21.17 16.97 -67.15
CA ASP F 321 -20.30 17.58 -68.13
C ASP F 321 -20.84 18.92 -68.54
N ASN F 322 -22.16 19.08 -68.43
CA ASN F 322 -22.79 20.35 -68.76
C ASN F 322 -22.62 21.42 -67.68
N LEU F 323 -21.90 21.11 -66.58
CA LEU F 323 -21.81 22.04 -65.44
C LEU F 323 -21.28 23.43 -65.80
N LEU F 324 -20.03 23.51 -66.23
CA LEU F 324 -19.44 24.81 -66.51
C LEU F 324 -20.18 25.54 -67.64
N THR F 325 -20.46 24.84 -68.74
CA THR F 325 -21.25 25.45 -69.83
C THR F 325 -22.49 26.16 -69.28
N THR F 326 -23.11 25.60 -68.25
CA THR F 326 -24.23 26.25 -67.56
C THR F 326 -23.88 27.66 -67.15
N TYR F 327 -22.77 27.83 -66.45
CA TYR F 327 -22.35 29.16 -66.03
C TYR F 327 -21.57 29.85 -67.15
N GLY F 328 -21.97 29.52 -68.38
CA GLY F 328 -21.60 30.28 -69.55
C GLY F 328 -20.22 29.99 -70.06
N SER F 329 -19.75 28.75 -69.85
CA SER F 329 -18.46 28.33 -70.38
C SER F 329 -18.56 28.17 -71.90
N PRO F 330 -17.53 28.61 -72.64
CA PRO F 330 -17.54 28.43 -74.10
C PRO F 330 -17.06 27.04 -74.49
N THR F 331 -16.08 26.53 -73.76
CA THR F 331 -15.64 25.16 -73.92
C THR F 331 -16.24 24.37 -72.76
N ALA F 332 -17.07 23.38 -73.08
CA ALA F 332 -17.60 22.48 -72.06
C ALA F 332 -16.46 21.69 -71.42
N VAL F 333 -16.57 21.42 -70.12
CA VAL F 333 -15.51 20.72 -69.42
C VAL F 333 -16.09 19.57 -68.62
N PRO F 334 -15.50 18.38 -68.78
CA PRO F 334 -15.97 17.24 -67.99
C PRO F 334 -15.89 17.49 -66.48
N CYS F 335 -16.75 16.80 -65.75
CA CYS F 335 -16.85 16.99 -64.32
C CYS F 335 -17.53 15.81 -63.72
N VAL F 336 -16.96 15.30 -62.64
CA VAL F 336 -17.69 14.43 -61.75
C VAL F 336 -17.48 14.96 -60.34
N GLY F 337 -18.54 14.91 -59.54
CA GLY F 337 -18.45 15.23 -58.12
C GLY F 337 -19.50 14.57 -57.27
N PHE F 338 -19.27 14.60 -55.96
CA PHE F 338 -20.29 14.17 -55.00
C PHE F 338 -20.29 14.99 -53.71
N GLY F 339 -21.45 15.06 -53.07
CA GLY F 339 -21.58 15.67 -51.77
C GLY F 339 -21.74 14.58 -50.73
N PHE F 340 -21.21 14.82 -49.54
CA PHE F 340 -21.28 13.88 -48.42
C PHE F 340 -21.74 14.68 -47.22
N GLY F 341 -23.00 14.49 -46.84
CA GLY F 341 -23.60 15.30 -45.79
C GLY F 341 -22.98 15.01 -44.44
N ASP F 342 -23.26 15.87 -43.48
CA ASP F 342 -22.77 15.68 -42.13
C ASP F 342 -23.86 15.22 -41.17
N CYS F 343 -25.10 15.08 -41.64
CA CYS F 343 -26.18 14.78 -40.71
CA CYS F 343 -26.22 14.78 -40.75
C CYS F 343 -26.62 13.31 -40.79
N VAL F 344 -26.95 12.81 -41.97
CA VAL F 344 -27.42 11.42 -42.08
C VAL F 344 -26.35 10.41 -41.61
N ILE F 345 -25.10 10.60 -42.05
CA ILE F 345 -24.00 9.65 -41.73
C ILE F 345 -23.84 9.45 -40.23
N VAL F 346 -24.12 10.49 -39.46
CA VAL F 346 -24.03 10.43 -38.01
C VAL F 346 -25.14 9.53 -37.43
N GLU F 347 -26.37 9.71 -37.91
CA GLU F 347 -27.51 8.95 -37.42
C GLU F 347 -27.24 7.45 -37.66
N LEU F 348 -26.87 7.12 -38.88
CA LEU F 348 -26.39 5.79 -39.23
C LEU F 348 -25.25 5.31 -38.32
N LEU F 349 -24.24 6.16 -38.11
CA LEU F 349 -23.15 5.79 -37.22
C LEU F 349 -23.68 5.54 -35.82
N ASN F 350 -24.68 6.33 -35.40
CA ASN F 350 -25.33 6.11 -34.11
C ASN F 350 -26.06 4.76 -34.08
N GLU F 351 -26.89 4.48 -35.08
CA GLU F 351 -27.70 3.23 -35.08
C GLU F 351 -26.83 1.97 -35.09
N LYS F 352 -25.69 2.03 -35.79
CA LYS F 352 -24.75 0.92 -35.88
C LYS F 352 -23.71 0.96 -34.75
N LYS F 353 -23.90 1.87 -33.80
CA LYS F 353 -23.05 1.99 -32.63
C LYS F 353 -21.58 2.16 -33.02
N LEU F 354 -21.31 3.08 -33.95
CA LEU F 354 -19.95 3.36 -34.44
C LEU F 354 -19.46 4.78 -34.11
N LEU F 355 -20.19 5.52 -33.27
CA LEU F 355 -19.77 6.86 -32.85
C LEU F 355 -18.71 6.77 -31.76
N PRO F 356 -17.54 7.39 -31.96
CA PRO F 356 -16.47 7.24 -30.99
C PRO F 356 -16.71 8.10 -29.74
N GLU F 357 -16.21 7.64 -28.61
CA GLU F 357 -16.24 8.43 -27.36
C GLU F 357 -14.97 9.28 -27.34
N LEU F 358 -15.08 10.55 -27.67
CA LEU F 358 -13.91 11.44 -27.72
C LEU F 358 -13.77 12.26 -26.44
N HIS F 359 -12.54 12.60 -26.09
CA HIS F 359 -12.28 13.44 -24.91
C HIS F 359 -11.18 14.46 -25.17
N HIS F 360 -11.28 15.58 -24.45
CA HIS F 360 -10.19 16.54 -24.32
C HIS F 360 -9.15 15.87 -23.46
N VAL F 361 -7.97 15.68 -24.03
CA VAL F 361 -6.84 15.10 -23.34
C VAL F 361 -5.75 16.14 -23.41
N VAL F 362 -5.02 16.30 -22.31
CA VAL F 362 -3.81 17.10 -22.24
C VAL F 362 -2.74 16.19 -21.67
N ASP F 363 -1.47 16.41 -22.05
CA ASP F 363 -0.38 15.59 -21.54
C ASP F 363 -0.02 15.91 -20.09
N ASP F 364 0.11 17.21 -19.75
CA ASP F 364 0.68 17.65 -18.46
C ASP F 364 -0.11 18.76 -17.75
N LEU F 365 -0.42 18.57 -16.48
CA LEU F 365 -0.91 19.68 -15.65
C LEU F 365 0.22 20.10 -14.71
N VAL F 366 0.78 21.28 -14.91
CA VAL F 366 1.79 21.79 -13.97
C VAL F 366 1.11 22.31 -12.70
N ILE F 367 1.61 21.85 -11.56
CA ILE F 367 1.10 22.26 -10.26
C ILE F 367 2.21 22.98 -9.51
N PRO F 368 2.04 24.31 -9.29
CA PRO F 368 2.91 25.00 -8.34
C PRO F 368 2.53 24.61 -6.91
N PHE F 369 3.53 24.33 -6.08
CA PHE F 369 3.26 23.96 -4.70
C PHE F 369 2.51 25.08 -3.98
N ASP F 370 3.00 26.31 -4.15
CA ASP F 370 2.27 27.51 -3.74
C ASP F 370 2.59 28.64 -4.73
N GLU F 371 1.96 29.80 -4.56
CA GLU F 371 2.09 30.88 -5.53
C GLU F 371 3.51 31.43 -5.67
N THR F 372 4.37 31.16 -4.68
CA THR F 372 5.77 31.54 -4.77
C THR F 372 6.53 30.73 -5.84
N MET F 373 6.00 29.55 -6.16
CA MET F 373 6.63 28.68 -7.17
C MET F 373 6.15 28.98 -8.60
N ARG F 374 5.19 29.89 -8.75
CA ARG F 374 4.54 30.13 -10.05
C ARG F 374 5.51 30.53 -11.17
N PRO F 375 6.41 31.49 -10.90
CA PRO F 375 7.43 31.83 -11.92
C PRO F 375 8.24 30.62 -12.39
N HIS F 376 8.46 29.66 -11.49
CA HIS F 376 9.19 28.45 -11.82
C HIS F 376 8.28 27.48 -12.57
N ALA F 377 7.05 27.32 -12.06
CA ALA F 377 6.04 26.51 -12.72
C ALA F 377 5.93 26.93 -14.19
N LEU F 378 5.80 28.23 -14.41
CA LEU F 378 5.73 28.79 -15.76
C LEU F 378 6.86 28.30 -16.63
N SER F 379 8.08 28.39 -16.12
CA SER F 379 9.23 27.97 -16.92
C SER F 379 9.06 26.54 -17.41
N ILE F 380 8.71 25.63 -16.51
CA ILE F 380 8.55 24.22 -16.84
C ILE F 380 7.49 24.01 -17.94
N LEU F 381 6.33 24.65 -17.75
CA LEU F 381 5.26 24.74 -18.77
C LEU F 381 5.87 24.99 -20.14
N ARG F 382 6.58 26.10 -20.30
CA ARG F 382 7.24 26.48 -21.57
C ARG F 382 8.12 25.35 -22.12
N ARG F 383 8.93 24.73 -21.27
CA ARG F 383 9.71 23.57 -21.70
C ARG F 383 8.83 22.48 -22.30
N LEU F 384 7.76 22.10 -21.58
CA LEU F 384 6.89 20.99 -22.00
C LEU F 384 6.27 21.28 -23.35
N ARG F 385 5.77 22.50 -23.50
CA ARG F 385 5.16 22.93 -24.74
C ARG F 385 6.18 23.02 -25.87
N ASP F 386 7.31 23.65 -25.60
CA ASP F 386 8.43 23.69 -26.56
C ASP F 386 8.83 22.28 -27.01
N ALA F 387 8.80 21.35 -26.06
CA ALA F 387 9.12 19.94 -26.32
C ALA F 387 8.12 19.23 -27.26
N GLY F 388 6.95 19.84 -27.49
CA GLY F 388 5.92 19.27 -28.35
C GLY F 388 4.68 18.85 -27.57
N ARG F 389 4.82 18.64 -26.27
CA ARG F 389 3.72 18.12 -25.43
C ARG F 389 2.67 19.19 -25.21
N SER F 390 1.46 18.77 -24.84
CA SER F 390 0.39 19.71 -24.50
C SER F 390 0.26 19.75 -23.00
N ALA F 391 0.43 20.94 -22.43
CA ALA F 391 0.48 21.10 -20.99
C ALA F 391 -0.39 22.26 -20.54
N ASP F 392 -1.01 22.13 -19.36
CA ASP F 392 -1.87 23.17 -18.80
C ASP F 392 -1.31 23.49 -17.44
N ILE F 393 -1.95 24.40 -16.69
CA ILE F 393 -1.42 24.87 -15.42
C ILE F 393 -2.53 25.32 -14.46
N VAL F 394 -2.26 25.21 -13.16
CA VAL F 394 -3.22 25.62 -12.16
C VAL F 394 -3.15 27.13 -12.04
N PHE F 395 -4.25 27.79 -12.41
CA PHE F 395 -4.26 29.25 -12.58
C PHE F 395 -4.43 29.94 -11.28
N ASP F 396 -5.55 29.68 -10.61
CA ASP F 396 -5.85 30.26 -9.32
C ASP F 396 -5.14 29.47 -8.21
N LYS F 397 -5.22 29.97 -6.98
CA LYS F 397 -4.73 29.22 -5.83
C LYS F 397 -5.61 28.00 -5.59
N LYS F 398 -4.99 26.81 -5.60
CA LYS F 398 -5.70 25.56 -5.35
C LYS F 398 -4.99 24.72 -4.30
N LYS F 399 -5.74 23.84 -3.65
CA LYS F 399 -5.16 22.81 -2.79
C LYS F 399 -4.61 21.71 -3.69
N VAL F 400 -3.63 20.96 -3.18
CA VAL F 400 -2.95 19.94 -3.98
C VAL F 400 -3.93 18.87 -4.48
N VAL F 401 -4.76 18.35 -3.59
CA VAL F 401 -5.76 17.34 -3.99
C VAL F 401 -6.78 17.95 -4.95
N GLN F 402 -7.02 19.24 -4.81
CA GLN F 402 -7.96 19.97 -5.64
C GLN F 402 -7.40 20.16 -7.05
N ALA F 403 -6.08 20.28 -7.14
CA ALA F 403 -5.37 20.34 -8.43
C ALA F 403 -5.35 18.98 -9.11
N PHE F 404 -5.15 17.91 -8.32
CA PHE F 404 -5.14 16.55 -8.88
C PHE F 404 -6.51 16.20 -9.50
N ASN F 405 -7.57 16.72 -8.89
CA ASN F 405 -8.91 16.65 -9.49
C ASN F 405 -8.92 17.26 -10.88
N TYR F 406 -8.61 18.55 -10.91
CA TYR F 406 -8.62 19.33 -12.13
C TYR F 406 -7.79 18.68 -13.23
N ALA F 407 -6.65 18.11 -12.87
CA ALA F 407 -5.89 17.28 -13.80
C ALA F 407 -6.80 16.16 -14.35
N ASP F 408 -7.19 15.23 -13.49
CA ASP F 408 -8.03 14.10 -13.92
C ASP F 408 -9.27 14.62 -14.66
N ARG F 409 -9.83 15.71 -14.15
CA ARG F 409 -11.02 16.34 -14.72
C ARG F 409 -10.79 17.02 -16.08
N ILE F 410 -9.56 16.96 -16.60
CA ILE F 410 -9.27 17.53 -17.90
C ILE F 410 -8.30 16.70 -18.74
N GLY F 411 -8.25 15.39 -18.53
CA GLY F 411 -7.52 14.53 -19.46
C GLY F 411 -6.21 14.01 -18.93
N ALA F 412 -5.58 14.80 -18.08
CA ALA F 412 -4.55 14.29 -17.18
C ALA F 412 -3.32 13.79 -17.90
N LEU F 413 -3.19 12.48 -18.05
CA LEU F 413 -1.92 11.80 -18.40
C LEU F 413 -0.83 11.92 -17.33
N ARG F 414 -0.43 13.13 -16.98
CA ARG F 414 0.69 13.32 -16.07
C ARG F 414 0.57 14.61 -15.28
N ALA F 415 0.75 14.49 -13.96
CA ALA F 415 0.77 15.65 -13.06
C ALA F 415 2.21 15.99 -12.76
N VAL F 416 2.58 17.26 -12.94
CA VAL F 416 3.92 17.72 -12.67
C VAL F 416 3.86 18.67 -11.48
N LEU F 417 4.25 18.15 -10.31
CA LEU F 417 4.30 18.95 -9.09
C LEU F 417 5.63 19.70 -9.08
N VAL F 418 5.56 20.99 -8.75
CA VAL F 418 6.74 21.84 -8.66
C VAL F 418 6.79 22.37 -7.23
N ALA F 419 7.74 21.84 -6.45
CA ALA F 419 7.87 22.22 -5.05
C ALA F 419 9.29 22.70 -4.73
N PRO F 420 9.43 23.52 -3.68
CA PRO F 420 10.69 24.23 -3.43
C PRO F 420 11.84 23.31 -3.01
N ASP F 421 11.53 22.35 -2.15
CA ASP F 421 12.49 21.32 -1.74
C ASP F 421 13.16 20.74 -2.98
N GLU F 422 12.35 20.22 -3.89
CA GLU F 422 12.86 19.51 -5.05
C GLU F 422 13.53 20.46 -6.05
N TRP F 423 12.90 21.62 -6.26
CA TRP F 423 13.44 22.63 -7.19
C TRP F 423 14.85 23.06 -6.80
N ALA F 424 15.06 23.27 -5.50
CA ALA F 424 16.37 23.66 -4.98
C ALA F 424 17.46 22.67 -5.37
N ARG F 425 17.12 21.39 -5.42
CA ARG F 425 18.06 20.34 -5.86
C ARG F 425 18.06 20.18 -7.39
N GLY F 426 17.41 21.12 -8.08
CA GLY F 426 17.28 21.09 -9.54
C GLY F 426 16.30 20.04 -10.00
N GLU F 427 15.22 19.85 -9.24
CA GLU F 427 14.33 18.72 -9.43
C GLU F 427 12.85 19.09 -9.45
N VAL F 428 12.02 18.11 -9.80
CA VAL F 428 10.57 18.26 -9.83
C VAL F 428 9.96 16.91 -9.51
N ARG F 429 8.67 16.90 -9.16
CA ARG F 429 7.93 15.65 -8.88
C ARG F 429 6.93 15.35 -10.03
N VAL F 430 6.95 14.12 -10.53
CA VAL F 430 6.11 13.70 -11.65
C VAL F 430 5.25 12.47 -11.27
N LYS F 431 3.93 12.65 -11.24
CA LYS F 431 2.99 11.57 -10.93
C LYS F 431 2.10 11.26 -12.13
N MET F 432 2.22 10.05 -12.67
CA MET F 432 1.46 9.59 -13.84
C MET F 432 0.10 9.03 -13.43
N LEU F 433 -0.97 9.55 -14.02
CA LEU F 433 -2.32 9.09 -13.69
C LEU F 433 -2.65 7.92 -14.63
N ARG F 434 -1.88 6.85 -14.48
CA ARG F 434 -2.02 5.66 -15.32
C ARG F 434 -3.22 4.85 -14.84
N GLY F 447 4.77 9.87 -5.80
CA GLY F 447 5.66 10.83 -6.45
C GLY F 447 6.90 10.21 -7.05
N ILE F 448 7.61 11.00 -7.85
CA ILE F 448 8.91 10.59 -8.39
C ILE F 448 9.68 11.84 -8.77
N VAL F 449 10.95 11.89 -8.41
CA VAL F 449 11.82 13.06 -8.64
C VAL F 449 12.58 12.93 -9.99
N LEU F 450 12.66 14.03 -10.74
CA LEU F 450 13.30 14.06 -12.06
C LEU F 450 13.95 15.43 -12.32
N PRO F 451 15.01 15.48 -13.15
CA PRO F 451 15.64 16.75 -13.59
C PRO F 451 14.80 17.76 -14.42
N VAL F 452 14.19 17.38 -15.55
CA VAL F 452 14.13 16.03 -16.10
C VAL F 452 15.12 15.83 -17.26
N ASP F 453 15.40 16.90 -17.99
CA ASP F 453 16.34 16.85 -19.11
C ASP F 453 16.67 18.25 -19.59
#